data_9NTH
#
_entry.id   9NTH
#
_cell.length_a   75.992
_cell.length_b   81.936
_cell.length_c   212.195
_cell.angle_alpha   90.000
_cell.angle_beta   92.134
_cell.angle_gamma   90.000
#
_symmetry.space_group_name_H-M   'P 1 21 1'
#
loop_
_entity.id
_entity.type
_entity.pdbx_description
1 polymer 'AMP Deaminase'
2 branched 2-acetamido-2-deoxy-beta-D-glucopyranose-(1-4)-2-acetamido-2-deoxy-beta-D-glucopyranose
3 non-polymer 1,2-ETHANEDIOL
4 non-polymer 2-acetamido-2-deoxy-beta-D-glucopyranose
5 non-polymer 2-[BIS-(2-HYDROXY-ETHYL)-AMINO]-2-HYDROXYMETHYL-PROPANE-1,3-DIOL
6 non-polymer GLYCEROL
7 non-polymer 'ZINC ION'
8 non-polymer "pentostatin 5'-phosphate"
9 non-polymer DI(HYDROXYETHYL)ETHER
10 water water
#
_entity_poly.entity_id   1
_entity_poly.type   'polypeptide(L)'
_entity_poly.pdbx_seq_one_letter_code
;MSQVGAVTMVSIICVVVLGAVGGPVAGLAVRFPTMDEYTNAREELIGSEQYLRVGGSINLNNKEKKLNQFILREKRAIIE
NSRLNKTQYIPAVSFFLSKSQMESTPIFKIIKDMPKGAALHLHDTASARIDWIVSNATYRDHVYMCMDQDNFVRLTVSGT
GPPANSGCEWKLVETERANSGDIAAFDHWLKSNISLLTTDPLVTYPSLDKVWGRFDKHFSQLRGIIYHTPIRRDYYRQIL
EEFRSDNVQYVEVRSSLSGYYDLDGTVHDPEYGLQLYKAVTEEFVRTYPDFSGAKIIKSTARVKPNTDIFNDVKLSMDLY
KRYPGFFLGFDLVAQEDPNTSLLGYIDSLLYPSRQNPPVSLPYYFHAGETNWQGTEVDYNLVDALLLNATRIGHGFALIK
HPRVIELVKSRGVAVEVNPVSNQLLGLVKDLRNHAAAPLLAQNVPVVISSDDPGVWEALPMSHDMYVAFMDLVGEDAGLD
VLKQLVWNSIQYSSMNATEKKTALKLLQAKWNNFINDSLIKWKLTNKKVIGHHHHHHHHHH
;
_entity_poly.pdbx_strand_id   A,B,C,D
#
loop_
_chem_comp.id
_chem_comp.type
_chem_comp.name
_chem_comp.formula
A1CDW non-polymer 'pentostatin 5'-phosphate' 'C11 H17 N4 O7 P'
BTB non-polymer 2-[BIS-(2-HYDROXY-ETHYL)-AMINO]-2-HYDROXYMETHYL-PROPANE-1,3-DIOL 'C8 H19 N O5'
EDO non-polymer 1,2-ETHANEDIOL 'C2 H6 O2'
GOL non-polymer GLYCEROL 'C3 H8 O3'
NAG D-saccharide, beta linking 2-acetamido-2-deoxy-beta-D-glucopyranose 'C8 H15 N O6'
PEG non-polymer DI(HYDROXYETHYL)ETHER 'C4 H10 O3'
ZN non-polymer 'ZINC ION' 'Zn 2'
#
# COMPACT_ATOMS: atom_id res chain seq x y z
N ARG A 31 -4.01 -52.53 -42.41
CA ARG A 31 -2.87 -51.72 -41.96
C ARG A 31 -2.61 -51.90 -40.45
N PHE A 32 -3.63 -52.17 -39.65
CA PHE A 32 -3.49 -52.27 -38.20
C PHE A 32 -4.10 -53.56 -37.68
N PRO A 33 -3.53 -54.72 -38.02
CA PRO A 33 -4.10 -55.97 -37.52
C PRO A 33 -4.05 -56.10 -36.00
N THR A 34 -3.13 -55.41 -35.34
CA THR A 34 -3.06 -55.43 -33.88
C THR A 34 -2.91 -54.01 -33.35
N MET A 35 -2.98 -53.91 -32.03
CA MET A 35 -2.93 -52.60 -31.40
C MET A 35 -1.52 -52.02 -31.43
N ASP A 36 -0.49 -52.88 -31.53
CA ASP A 36 0.88 -52.39 -31.61
C ASP A 36 1.13 -51.60 -32.90
N GLU A 37 0.63 -52.08 -34.04
CA GLU A 37 0.79 -51.33 -35.28
C GLU A 37 0.06 -49.99 -35.22
N TYR A 38 -1.15 -50.00 -34.68
CA TYR A 38 -1.90 -48.74 -34.55
C TYR A 38 -1.17 -47.75 -33.67
N THR A 39 -0.73 -48.23 -32.50
CA THR A 39 0.03 -47.40 -31.57
C THR A 39 1.28 -46.83 -32.24
N ASN A 40 2.01 -47.66 -32.99
CA ASN A 40 3.22 -47.17 -33.66
C ASN A 40 2.91 -46.04 -34.64
N ALA A 41 1.84 -46.18 -35.44
CA ALA A 41 1.51 -45.12 -36.41
C ALA A 41 1.06 -43.83 -35.71
N ARG A 42 0.22 -43.97 -34.69
CA ARG A 42 -0.24 -42.85 -33.89
C ARG A 42 0.93 -42.07 -33.29
N GLU A 43 1.85 -42.81 -32.68
CA GLU A 43 2.98 -42.23 -31.98
C GLU A 43 4.00 -41.64 -32.95
N GLU A 44 4.13 -42.20 -34.16
CA GLU A 44 4.96 -41.56 -35.17
C GLU A 44 4.39 -40.19 -35.57
N LEU A 45 3.08 -40.10 -35.79
CA LEU A 45 2.51 -38.81 -36.22
C LEU A 45 2.64 -37.76 -35.11
N ILE A 46 2.25 -38.14 -33.89
CA ILE A 46 2.35 -37.25 -32.73
C ILE A 46 3.80 -36.87 -32.45
N GLY A 47 4.71 -37.84 -32.54
CA GLY A 47 6.13 -37.55 -32.36
C GLY A 47 6.66 -36.58 -33.41
N SER A 48 6.17 -36.70 -34.64
CA SER A 48 6.61 -35.78 -35.68
C SER A 48 6.20 -34.34 -35.32
N GLU A 49 4.99 -34.18 -34.81
CA GLU A 49 4.57 -32.82 -34.42
C GLU A 49 5.36 -32.33 -33.20
N GLN A 50 5.65 -33.23 -32.24
CA GLN A 50 6.41 -32.78 -31.07
C GLN A 50 7.81 -32.36 -31.47
N TYR A 51 8.37 -33.04 -32.48
CA TYR A 51 9.72 -32.69 -32.94
C TYR A 51 9.72 -31.37 -33.71
N LEU A 52 8.62 -31.09 -34.43
CA LEU A 52 8.52 -29.89 -35.28
C LEU A 52 8.37 -28.60 -34.46
N ARG A 53 7.61 -28.65 -33.39
CA ARG A 53 7.27 -27.43 -32.67
C ARG A 53 8.50 -26.85 -31.95
N VAL A 54 8.32 -25.62 -31.49
CA VAL A 54 9.33 -24.90 -30.73
C VAL A 54 9.97 -25.80 -29.69
N GLY A 55 11.29 -25.88 -29.71
CA GLY A 55 12.00 -26.64 -28.71
C GLY A 55 12.03 -28.14 -28.97
N GLY A 56 11.43 -28.62 -30.05
CA GLY A 56 11.28 -30.07 -30.21
C GLY A 56 12.58 -30.81 -30.47
N SER A 57 13.65 -30.11 -30.79
CA SER A 57 14.90 -30.81 -31.07
C SER A 57 15.85 -30.76 -29.89
N ILE A 58 15.44 -30.10 -28.80
CA ILE A 58 16.25 -30.07 -27.60
C ILE A 58 16.35 -31.46 -26.99
N ASN A 59 17.55 -31.84 -26.54
CA ASN A 59 17.74 -33.06 -25.75
C ASN A 59 18.03 -32.66 -24.29
N LEU A 60 17.10 -32.95 -23.39
CA LEU A 60 17.30 -32.61 -21.98
C LEU A 60 18.24 -33.58 -21.32
N ASN A 61 19.05 -33.07 -20.38
CA ASN A 61 19.90 -33.94 -19.59
C ASN A 61 19.08 -34.56 -18.46
N ASN A 62 19.72 -35.44 -17.67
CA ASN A 62 18.96 -36.29 -16.73
C ASN A 62 18.28 -35.44 -15.63
N LYS A 63 18.97 -34.40 -15.12
CA LYS A 63 18.35 -33.53 -14.12
C LYS A 63 17.20 -32.74 -14.72
N GLU A 64 17.41 -32.22 -15.94
CA GLU A 64 16.34 -31.49 -16.62
C GLU A 64 15.12 -32.38 -16.80
N LYS A 65 15.35 -33.65 -17.14
CA LYS A 65 14.26 -34.60 -17.31
C LYS A 65 13.49 -34.80 -16.01
N LYS A 66 14.18 -34.89 -14.88
CA LYS A 66 13.44 -34.99 -13.61
C LYS A 66 12.53 -33.79 -13.39
N LEU A 67 13.07 -32.59 -13.61
CA LEU A 67 12.25 -31.37 -13.47
C LEU A 67 11.09 -31.39 -14.49
N ASN A 68 11.38 -31.80 -15.73
CA ASN A 68 10.36 -31.87 -16.77
C ASN A 68 9.24 -32.82 -16.38
N GLN A 69 9.57 -34.01 -15.87
CA GLN A 69 8.54 -34.97 -15.45
C GLN A 69 7.61 -34.35 -14.42
N PHE A 70 8.15 -33.63 -13.44
CA PHE A 70 7.30 -32.96 -12.46
C PHE A 70 6.40 -31.88 -13.12
N ILE A 71 6.98 -31.06 -13.97
CA ILE A 71 6.21 -30.02 -14.66
C ILE A 71 5.06 -30.64 -15.45
N LEU A 72 5.36 -31.72 -16.20
CA LEU A 72 4.34 -32.38 -16.99
C LEU A 72 3.27 -33.03 -16.12
N ARG A 73 3.64 -33.55 -14.94
CA ARG A 73 2.61 -34.11 -14.04
C ARG A 73 1.68 -33.01 -13.54
N GLU A 74 2.27 -31.87 -13.17
CA GLU A 74 1.49 -30.72 -12.71
C GLU A 74 0.57 -30.20 -13.81
N LYS A 75 1.11 -30.07 -15.04
CA LYS A 75 0.32 -29.53 -16.14
C LYS A 75 -0.85 -30.45 -16.45
N ARG A 76 -0.61 -31.76 -16.48
CA ARG A 76 -1.68 -32.71 -16.72
C ARG A 76 -2.73 -32.61 -15.62
N ALA A 77 -2.32 -32.46 -14.36
CA ALA A 77 -3.33 -32.47 -13.30
C ALA A 77 -4.26 -31.25 -13.41
N ILE A 78 -3.72 -30.08 -13.71
CA ILE A 78 -4.62 -28.92 -13.81
C ILE A 78 -5.52 -29.03 -15.06
N ILE A 79 -4.96 -29.50 -16.18
CA ILE A 79 -5.75 -29.61 -17.40
C ILE A 79 -6.84 -30.65 -17.23
N GLU A 80 -6.50 -31.82 -16.67
CA GLU A 80 -7.50 -32.85 -16.51
C GLU A 80 -8.56 -32.44 -15.51
N ASN A 81 -8.19 -31.68 -14.46
CA ASN A 81 -9.25 -31.21 -13.58
C ASN A 81 -10.23 -30.31 -14.33
N SER A 82 -9.72 -29.36 -15.10
CA SER A 82 -10.60 -28.47 -15.85
C SER A 82 -11.48 -29.25 -16.82
N ARG A 83 -10.86 -30.17 -17.57
CA ARG A 83 -11.58 -30.93 -18.60
C ARG A 83 -12.64 -31.84 -17.99
N LEU A 84 -12.25 -32.68 -17.02
CA LEU A 84 -13.13 -33.74 -16.55
C LEU A 84 -14.07 -33.29 -15.44
N ASN A 85 -13.71 -32.29 -14.64
CA ASN A 85 -14.62 -31.68 -13.69
C ASN A 85 -15.35 -30.46 -14.25
N LYS A 86 -15.17 -30.15 -15.54
CA LYS A 86 -16.03 -29.21 -16.25
C LYS A 86 -16.01 -27.83 -15.61
N THR A 87 -14.82 -27.27 -15.51
CA THR A 87 -14.70 -25.95 -14.92
C THR A 87 -13.66 -25.19 -15.73
N GLN A 88 -13.75 -23.86 -15.71
CA GLN A 88 -12.88 -23.09 -16.58
C GLN A 88 -11.40 -23.32 -16.24
N TYR A 89 -10.60 -23.26 -17.30
CA TYR A 89 -9.15 -23.38 -17.25
C TYR A 89 -8.56 -22.03 -16.86
N ILE A 90 -8.20 -21.88 -15.56
CA ILE A 90 -7.78 -20.56 -15.05
C ILE A 90 -6.61 -19.94 -15.79
N PRO A 91 -5.58 -20.68 -16.22
CA PRO A 91 -4.48 -20.00 -16.94
C PRO A 91 -4.93 -19.22 -18.19
N ALA A 92 -6.11 -19.50 -18.75
CA ALA A 92 -6.55 -18.90 -19.99
C ALA A 92 -7.60 -17.81 -19.77
N VAL A 93 -8.08 -17.60 -18.53
CA VAL A 93 -9.09 -16.57 -18.31
C VAL A 93 -8.41 -15.21 -18.18
N SER A 94 -9.22 -14.16 -18.02
CA SER A 94 -8.68 -12.80 -17.85
C SER A 94 -7.56 -12.80 -16.80
N PHE A 95 -6.47 -12.11 -17.14
CA PHE A 95 -5.38 -11.93 -16.16
C PHE A 95 -5.88 -11.35 -14.84
N PHE A 96 -6.95 -10.53 -14.87
CA PHE A 96 -7.49 -9.98 -13.64
C PHE A 96 -7.91 -11.08 -12.69
N LEU A 97 -8.48 -12.15 -13.24
CA LEU A 97 -8.91 -13.29 -12.43
C LEU A 97 -7.81 -14.30 -12.19
N SER A 98 -6.90 -14.49 -13.14
CA SER A 98 -5.94 -15.58 -13.01
C SER A 98 -4.68 -15.22 -12.21
N LYS A 99 -4.30 -13.93 -12.17
CA LYS A 99 -3.04 -13.54 -11.53
C LYS A 99 -2.89 -14.16 -10.12
N SER A 100 -3.85 -13.86 -9.26
CA SER A 100 -3.69 -14.30 -7.88
C SER A 100 -3.81 -15.82 -7.75
N GLN A 101 -4.44 -16.48 -8.72
CA GLN A 101 -4.59 -17.93 -8.73
C GLN A 101 -3.30 -18.63 -9.18
N MET A 102 -2.66 -18.12 -10.22
CA MET A 102 -1.49 -18.82 -10.76
C MET A 102 -0.33 -18.72 -9.81
N GLU A 103 -0.22 -17.60 -9.05
CA GLU A 103 0.97 -17.36 -8.24
C GLU A 103 1.21 -18.41 -7.14
N SER A 104 0.20 -19.16 -6.72
CA SER A 104 0.40 -20.16 -5.66
C SER A 104 0.81 -21.54 -6.21
N THR A 105 0.84 -21.72 -7.54
CA THR A 105 1.06 -23.05 -8.12
C THR A 105 2.55 -23.35 -8.38
N PRO A 106 2.91 -24.64 -8.34
CA PRO A 106 4.31 -25.00 -8.61
C PRO A 106 4.81 -24.58 -9.98
N ILE A 107 4.03 -24.74 -11.04
CA ILE A 107 4.55 -24.39 -12.35
C ILE A 107 4.88 -22.89 -12.38
N PHE A 108 4.00 -22.06 -11.79
CA PHE A 108 4.31 -20.63 -11.74
C PHE A 108 5.56 -20.37 -10.94
N LYS A 109 5.70 -21.02 -9.77
CA LYS A 109 6.89 -20.77 -8.94
C LYS A 109 8.17 -21.21 -9.64
N ILE A 110 8.10 -22.30 -10.42
CA ILE A 110 9.26 -22.74 -11.22
C ILE A 110 9.60 -21.69 -12.27
N ILE A 111 8.60 -21.20 -12.98
CA ILE A 111 8.85 -20.18 -14.01
C ILE A 111 9.38 -18.91 -13.36
N LYS A 112 8.89 -18.58 -12.16
CA LYS A 112 9.38 -17.38 -11.47
C LYS A 112 10.87 -17.49 -11.21
N ASP A 113 11.31 -18.67 -10.72
CA ASP A 113 12.73 -18.89 -10.44
C ASP A 113 13.58 -18.98 -11.70
N MET A 114 12.97 -19.43 -12.79
CA MET A 114 13.70 -19.70 -14.03
C MET A 114 14.35 -18.42 -14.57
N PRO A 115 15.61 -18.49 -15.01
CA PRO A 115 16.19 -17.35 -15.73
C PRO A 115 15.48 -17.19 -17.07
N LYS A 116 15.09 -15.95 -17.41
CA LYS A 116 14.28 -15.71 -18.60
C LYS A 116 15.10 -15.37 -19.83
N GLY A 117 16.38 -15.05 -19.66
CA GLY A 117 17.18 -14.53 -20.74
C GLY A 117 16.87 -13.06 -20.89
N ALA A 118 16.03 -12.68 -21.88
CA ALA A 118 15.81 -11.28 -22.21
C ALA A 118 14.33 -10.99 -22.39
N ALA A 119 13.96 -9.73 -22.11
CA ALA A 119 12.65 -9.19 -22.44
C ALA A 119 12.89 -8.23 -23.60
N LEU A 120 12.41 -8.61 -24.79
CA LEU A 120 12.78 -7.88 -25.98
C LEU A 120 11.71 -6.92 -26.48
N HIS A 121 10.51 -6.89 -25.85
CA HIS A 121 9.43 -6.00 -26.26
C HIS A 121 8.86 -5.34 -25.02
N LEU A 122 9.30 -4.09 -24.77
CA LEU A 122 8.98 -3.33 -23.58
C LEU A 122 8.89 -1.85 -23.97
N HIS A 123 8.05 -1.11 -23.26
CA HIS A 123 7.96 0.34 -23.45
C HIS A 123 8.42 1.05 -22.18
N ASP A 124 9.26 2.10 -22.34
CA ASP A 124 9.99 2.63 -21.18
C ASP A 124 9.12 3.44 -20.21
N THR A 125 7.90 3.79 -20.54
CA THR A 125 7.03 4.46 -19.56
C THR A 125 5.99 3.51 -18.99
N ALA A 126 6.17 2.20 -19.20
CA ALA A 126 5.14 1.24 -18.85
C ALA A 126 5.74 -0.03 -18.23
N SER A 127 7.00 0.00 -17.81
CA SER A 127 7.71 -1.21 -17.50
C SER A 127 8.23 -1.27 -16.07
N ALA A 128 7.84 -0.33 -15.20
CA ALA A 128 8.09 -0.40 -13.76
C ALA A 128 6.77 -0.22 -13.02
N ARG A 129 6.80 -0.45 -11.72
CA ARG A 129 5.57 -0.58 -10.94
C ARG A 129 4.91 0.77 -10.76
N ILE A 130 3.59 0.80 -10.92
CA ILE A 130 2.81 1.97 -10.53
C ILE A 130 3.03 2.27 -9.04
N ASP A 131 3.22 1.24 -8.21
CA ASP A 131 3.51 1.44 -6.79
C ASP A 131 4.74 2.31 -6.60
N TRP A 132 5.73 2.18 -7.48
CA TRP A 132 6.91 3.04 -7.36
C TRP A 132 6.57 4.48 -7.75
N ILE A 133 5.77 4.65 -8.81
CA ILE A 133 5.31 5.99 -9.14
C ILE A 133 4.64 6.60 -7.91
N VAL A 134 3.83 5.81 -7.21
CA VAL A 134 3.07 6.38 -6.10
C VAL A 134 3.98 6.61 -4.90
N SER A 135 4.68 5.56 -4.44
CA SER A 135 5.41 5.63 -3.18
C SER A 135 6.70 6.44 -3.28
N ASN A 136 7.28 6.52 -4.49
CA ASN A 136 8.49 7.31 -4.71
C ASN A 136 8.20 8.60 -5.47
N ALA A 137 7.70 8.52 -6.72
CA ALA A 137 7.62 9.75 -7.53
C ALA A 137 6.65 10.77 -6.92
N THR A 138 5.49 10.33 -6.45
CA THR A 138 4.54 11.32 -5.96
C THR A 138 4.86 11.82 -4.56
N TYR A 139 5.95 11.34 -3.94
CA TYR A 139 6.46 11.93 -2.70
C TYR A 139 7.56 12.96 -2.92
N ARG A 140 7.89 13.27 -4.19
CA ARG A 140 8.92 14.26 -4.47
C ARG A 140 8.32 15.66 -4.45
N ASP A 141 9.18 16.64 -4.23
CA ASP A 141 8.76 18.04 -4.20
C ASP A 141 8.24 18.46 -5.57
N HIS A 142 7.22 19.35 -5.54
CA HIS A 142 6.70 20.02 -6.74
C HIS A 142 5.85 19.12 -7.63
N VAL A 143 5.31 18.01 -7.09
CA VAL A 143 4.38 17.14 -7.83
C VAL A 143 2.95 17.65 -7.61
N TYR A 144 2.22 17.82 -8.71
CA TYR A 144 0.83 18.28 -8.68
C TYR A 144 -0.08 17.18 -9.21
N MET A 145 -1.37 17.24 -8.83
CA MET A 145 -2.36 16.26 -9.31
C MET A 145 -3.62 17.03 -9.67
N CYS A 146 -4.39 16.50 -10.62
CA CYS A 146 -5.71 17.06 -10.85
C CYS A 146 -6.66 15.96 -11.31
N MET A 147 -7.97 16.21 -11.22
CA MET A 147 -8.95 15.29 -11.78
C MET A 147 -9.39 15.86 -13.12
N ASP A 148 -9.26 15.04 -14.20
CA ASP A 148 -9.57 15.53 -15.54
C ASP A 148 -11.05 15.38 -15.81
N GLN A 149 -11.46 15.79 -17.01
CA GLN A 149 -12.89 15.85 -17.30
C GLN A 149 -13.51 14.47 -17.47
N ASP A 150 -12.70 13.44 -17.55
CA ASP A 150 -13.17 12.07 -17.57
C ASP A 150 -13.09 11.42 -16.20
N ASN A 151 -12.76 12.21 -15.18
CA ASN A 151 -12.73 11.76 -13.80
C ASN A 151 -11.59 10.75 -13.58
N PHE A 152 -10.42 11.02 -14.19
CA PHE A 152 -9.16 10.33 -13.89
C PHE A 152 -8.13 11.28 -13.32
N VAL A 153 -7.31 10.79 -12.37
CA VAL A 153 -6.24 11.61 -11.84
C VAL A 153 -5.10 11.71 -12.86
N ARG A 154 -4.56 12.93 -13.03
CA ARG A 154 -3.35 13.21 -13.77
C ARG A 154 -2.29 13.70 -12.79
N LEU A 155 -1.03 13.43 -13.11
CA LEU A 155 0.13 13.84 -12.33
C LEU A 155 1.13 14.59 -13.19
N THR A 156 1.78 15.59 -12.58
CA THR A 156 2.80 16.34 -13.32
C THR A 156 3.71 17.00 -12.31
N VAL A 157 4.78 17.60 -12.82
CA VAL A 157 5.76 18.33 -12.02
C VAL A 157 5.82 19.77 -12.51
N SER A 158 5.90 20.71 -11.56
CA SER A 158 6.11 22.11 -11.94
C SER A 158 6.92 22.78 -10.84
N GLY A 159 8.15 23.16 -11.16
CA GLY A 159 9.02 23.85 -10.23
C GLY A 159 8.92 25.33 -10.32
N THR A 160 8.03 25.82 -11.18
CA THR A 160 7.90 27.24 -11.50
C THR A 160 6.45 27.69 -11.28
N GLY A 161 5.88 27.29 -10.15
CA GLY A 161 4.51 27.62 -9.80
C GLY A 161 3.57 26.45 -10.06
N PRO A 162 2.33 26.52 -9.60
CA PRO A 162 1.37 25.47 -10.00
C PRO A 162 1.07 25.58 -11.48
N PRO A 163 0.66 24.50 -12.14
CA PRO A 163 0.35 24.59 -13.58
C PRO A 163 -0.94 25.34 -13.83
N ALA A 164 -1.10 25.83 -15.05
CA ALA A 164 -2.33 26.55 -15.37
C ALA A 164 -3.52 25.61 -15.36
N ASN A 165 -4.67 26.14 -14.94
CA ASN A 165 -5.91 25.38 -14.79
C ASN A 165 -6.56 25.13 -16.16
N SER A 166 -5.84 24.44 -17.03
CA SER A 166 -6.34 24.22 -18.39
C SER A 166 -7.04 22.87 -18.42
N GLY A 167 -8.37 22.90 -18.21
CA GLY A 167 -9.16 21.69 -18.21
C GLY A 167 -9.16 20.94 -16.89
N CYS A 168 -8.34 21.35 -15.94
CA CYS A 168 -8.40 20.74 -14.63
C CYS A 168 -7.73 21.66 -13.61
N GLU A 169 -8.01 21.38 -12.36
CA GLU A 169 -7.53 22.20 -11.26
C GLU A 169 -6.39 21.48 -10.57
N TRP A 170 -5.16 21.99 -10.74
CA TRP A 170 -3.99 21.32 -10.21
C TRP A 170 -3.85 21.62 -8.73
N LYS A 171 -3.52 20.60 -7.97
CA LYS A 171 -3.31 20.72 -6.53
C LYS A 171 -1.99 20.05 -6.17
N LEU A 172 -1.26 20.63 -5.21
CA LEU A 172 0.00 20.02 -4.79
C LEU A 172 -0.26 18.68 -4.09
N VAL A 173 0.38 17.61 -4.56
CA VAL A 173 0.12 16.29 -3.97
C VAL A 173 0.48 16.29 -2.48
N GLU A 174 1.57 16.96 -2.11
CA GLU A 174 1.99 16.94 -0.71
C GLU A 174 0.90 17.46 0.19
N THR A 175 0.22 18.54 -0.24
CA THR A 175 -0.89 19.09 0.52
C THR A 175 -2.09 18.15 0.55
N GLU A 176 -2.49 17.60 -0.62
CA GLU A 176 -3.66 16.73 -0.66
C GLU A 176 -3.45 15.49 0.21
N ARG A 177 -2.25 14.92 0.16
CA ARG A 177 -1.93 13.72 0.95
C ARG A 177 -1.98 14.06 2.45
N ALA A 178 -1.34 15.17 2.85
CA ALA A 178 -1.30 15.53 4.26
C ALA A 178 -2.68 15.88 4.81
N ASN A 179 -3.63 16.29 3.96
CA ASN A 179 -4.97 16.65 4.42
C ASN A 179 -5.97 15.51 4.25
N SER A 180 -5.51 14.33 3.81
CA SER A 180 -6.45 13.27 3.46
C SER A 180 -7.08 12.65 4.69
N GLY A 181 -6.40 12.64 5.83
CA GLY A 181 -6.88 11.87 6.97
C GLY A 181 -6.62 10.39 6.90
N ASP A 182 -6.18 9.87 5.75
CA ASP A 182 -5.83 8.45 5.70
C ASP A 182 -4.82 8.32 4.55
N ILE A 183 -3.54 8.41 4.88
CA ILE A 183 -2.54 8.44 3.81
C ILE A 183 -2.50 7.11 3.07
N ALA A 184 -2.66 6.00 3.79
CA ALA A 184 -2.64 4.71 3.11
C ALA A 184 -3.77 4.63 2.08
N ALA A 185 -4.97 5.06 2.46
CA ALA A 185 -6.08 5.05 1.49
C ALA A 185 -5.82 5.99 0.32
N PHE A 186 -5.19 7.15 0.58
CA PHE A 186 -4.89 8.14 -0.46
C PHE A 186 -3.92 7.56 -1.50
N ASP A 187 -2.83 6.95 -1.02
CA ASP A 187 -1.86 6.29 -1.90
C ASP A 187 -2.50 5.12 -2.65
N HIS A 188 -3.33 4.33 -1.97
CA HIS A 188 -4.00 3.23 -2.65
C HIS A 188 -5.00 3.74 -3.71
N TRP A 189 -5.71 4.83 -3.40
CA TRP A 189 -6.58 5.45 -4.40
C TRP A 189 -5.79 5.89 -5.64
N LEU A 190 -4.61 6.50 -5.46
CA LEU A 190 -3.79 6.86 -6.63
C LEU A 190 -3.51 5.63 -7.48
N LYS A 191 -3.00 4.57 -6.85
CA LYS A 191 -2.70 3.34 -7.56
C LYS A 191 -3.95 2.81 -8.27
N SER A 192 -5.09 2.77 -7.57
CA SER A 192 -6.32 2.21 -8.14
CA SER A 192 -6.28 2.19 -8.17
C SER A 192 -6.82 3.03 -9.32
N ASN A 193 -6.61 4.36 -9.28
CA ASN A 193 -7.05 5.24 -10.36
C ASN A 193 -6.16 5.17 -11.57
N ILE A 194 -4.96 4.60 -11.44
CA ILE A 194 -3.99 4.57 -12.51
C ILE A 194 -3.86 3.17 -13.14
N SER A 195 -4.00 2.09 -12.36
CA SER A 195 -3.78 0.74 -12.88
C SER A 195 -4.93 0.26 -13.75
N LEU A 196 -4.61 -0.47 -14.83
CA LEU A 196 -5.68 -1.12 -15.59
C LEU A 196 -6.14 -2.44 -14.97
N LEU A 197 -5.53 -2.93 -13.92
CA LEU A 197 -6.02 -4.15 -13.26
C LEU A 197 -6.86 -3.88 -12.00
N THR A 198 -7.27 -2.63 -11.75
CA THR A 198 -8.10 -2.37 -10.58
C THR A 198 -9.43 -3.06 -10.69
N THR A 199 -9.99 -3.12 -11.90
CA THR A 199 -11.14 -3.96 -12.23
C THR A 199 -10.76 -4.80 -13.43
N ASP A 200 -11.60 -5.76 -13.78
CA ASP A 200 -11.29 -6.60 -14.95
C ASP A 200 -11.50 -5.79 -16.23
N PRO A 201 -10.46 -5.47 -17.00
CA PRO A 201 -10.69 -4.66 -18.21
C PRO A 201 -11.64 -5.33 -19.21
N LEU A 202 -11.68 -6.68 -19.23
CA LEU A 202 -12.61 -7.37 -20.12
C LEU A 202 -14.07 -7.11 -19.75
N VAL A 203 -14.34 -6.79 -18.50
CA VAL A 203 -15.70 -6.45 -18.07
C VAL A 203 -15.95 -4.95 -18.16
N THR A 204 -15.02 -4.15 -17.60
CA THR A 204 -15.21 -2.69 -17.47
C THR A 204 -15.08 -1.97 -18.80
N TYR A 205 -14.21 -2.45 -19.69
CA TYR A 205 -13.91 -1.80 -20.98
C TYR A 205 -14.11 -2.86 -22.05
N PRO A 206 -15.41 -3.31 -22.29
CA PRO A 206 -15.67 -4.54 -23.03
C PRO A 206 -15.66 -4.40 -24.55
N SER A 207 -14.67 -3.68 -25.08
CA SER A 207 -14.42 -3.70 -26.52
C SER A 207 -13.02 -3.19 -26.79
N LEU A 208 -12.55 -3.45 -28.00
CA LEU A 208 -11.25 -2.94 -28.42
C LEU A 208 -11.13 -1.45 -28.18
N ASP A 209 -12.10 -0.68 -28.65
CA ASP A 209 -11.85 0.75 -28.61
C ASP A 209 -12.12 1.31 -27.20
N LYS A 210 -12.95 0.64 -26.38
CA LYS A 210 -13.09 1.09 -25.00
C LYS A 210 -11.81 0.84 -24.19
N VAL A 211 -11.21 -0.34 -24.37
CA VAL A 211 -10.04 -0.61 -23.55
C VAL A 211 -8.85 0.19 -24.06
N TRP A 212 -8.75 0.40 -25.39
CA TRP A 212 -7.72 1.33 -25.87
C TRP A 212 -7.98 2.76 -25.36
N GLY A 213 -9.23 3.15 -25.16
CA GLY A 213 -9.49 4.45 -24.54
C GLY A 213 -8.89 4.50 -23.15
N ARG A 214 -9.08 3.41 -22.39
CA ARG A 214 -8.52 3.35 -21.02
C ARG A 214 -6.99 3.30 -21.02
N PHE A 215 -6.41 2.53 -21.95
CA PHE A 215 -4.95 2.41 -22.08
C PHE A 215 -4.33 3.78 -22.44
N ASP A 216 -4.86 4.42 -23.49
CA ASP A 216 -4.36 5.76 -23.83
C ASP A 216 -4.48 6.67 -22.60
N LYS A 217 -5.63 6.62 -21.93
CA LYS A 217 -5.81 7.46 -20.74
C LYS A 217 -4.72 7.21 -19.69
N HIS A 218 -4.37 5.95 -19.44
CA HIS A 218 -3.29 5.65 -18.49
C HIS A 218 -2.04 6.45 -18.83
N PHE A 219 -1.64 6.41 -20.11
CA PHE A 219 -0.44 7.17 -20.47
C PHE A 219 -0.63 8.67 -20.20
N SER A 220 -1.81 9.22 -20.50
CA SER A 220 -1.98 10.65 -20.24
CA SER A 220 -2.05 10.65 -20.23
C SER A 220 -1.94 10.96 -18.74
N GLN A 221 -2.40 10.03 -17.89
CA GLN A 221 -2.37 10.27 -16.46
C GLN A 221 -0.95 10.45 -15.98
N LEU A 222 -0.03 9.63 -16.48
CA LEU A 222 1.34 9.68 -16.02
C LEU A 222 2.27 10.57 -16.84
N ARG A 223 1.86 11.08 -18.00
CA ARG A 223 2.84 11.70 -18.91
C ARG A 223 3.61 12.83 -18.24
N GLY A 224 2.93 13.72 -17.53
CA GLY A 224 3.64 14.86 -16.94
C GLY A 224 4.72 14.39 -15.98
N ILE A 225 4.36 13.50 -15.07
CA ILE A 225 5.31 13.18 -14.00
C ILE A 225 6.45 12.35 -14.55
N ILE A 226 6.16 11.46 -15.51
CA ILE A 226 7.17 10.50 -15.94
C ILE A 226 8.13 11.11 -16.94
N TYR A 227 7.81 12.30 -17.50
CA TYR A 227 8.79 12.98 -18.34
C TYR A 227 9.66 13.99 -17.56
N HIS A 228 9.46 14.14 -16.25
CA HIS A 228 10.38 14.98 -15.47
C HIS A 228 11.72 14.27 -15.33
N THR A 229 12.80 14.93 -15.71
CA THR A 229 14.05 14.21 -15.96
C THR A 229 14.53 13.32 -14.81
N PRO A 230 14.66 13.78 -13.56
CA PRO A 230 15.17 12.86 -12.51
C PRO A 230 14.22 11.73 -12.20
N ILE A 231 12.91 11.97 -12.37
CA ILE A 231 11.96 10.86 -12.20
C ILE A 231 12.11 9.87 -13.34
N ARG A 232 12.31 10.38 -14.55
CA ARG A 232 12.45 9.51 -15.73
C ARG A 232 13.69 8.64 -15.60
N ARG A 233 14.80 9.26 -15.20
CA ARG A 233 16.04 8.55 -14.95
C ARG A 233 15.84 7.42 -13.92
N ASP A 234 15.23 7.76 -12.78
CA ASP A 234 15.05 6.77 -11.72
C ASP A 234 14.04 5.70 -12.08
N TYR A 235 13.02 6.06 -12.86
CA TYR A 235 12.07 5.08 -13.35
C TYR A 235 12.75 4.06 -14.25
N TYR A 236 13.61 4.54 -15.14
CA TYR A 236 14.33 3.62 -16.02
C TYR A 236 15.24 2.70 -15.21
N ARG A 237 15.90 3.26 -14.19
CA ARG A 237 16.70 2.41 -13.31
C ARG A 237 15.80 1.38 -12.62
N GLN A 238 14.57 1.77 -12.22
CA GLN A 238 13.64 0.79 -11.64
C GLN A 238 13.27 -0.31 -12.61
N ILE A 239 13.09 0.02 -13.91
CA ILE A 239 12.87 -1.06 -14.89
C ILE A 239 13.99 -2.09 -14.77
N LEU A 240 15.24 -1.59 -14.76
CA LEU A 240 16.35 -2.57 -14.71
C LEU A 240 16.32 -3.37 -13.41
N GLU A 241 16.03 -2.70 -12.28
CA GLU A 241 16.03 -3.42 -11.00
CA GLU A 241 16.01 -3.41 -11.00
C GLU A 241 14.94 -4.49 -10.98
N GLU A 242 13.72 -4.13 -11.39
CA GLU A 242 12.63 -5.08 -11.36
C GLU A 242 12.86 -6.24 -12.31
N PHE A 243 13.35 -5.95 -13.53
CA PHE A 243 13.61 -7.04 -14.46
C PHE A 243 14.70 -7.97 -13.95
N ARG A 244 15.78 -7.42 -13.39
CA ARG A 244 16.79 -8.31 -12.81
C ARG A 244 16.18 -9.16 -11.69
N SER A 245 15.28 -8.56 -10.90
CA SER A 245 14.69 -9.26 -9.78
CA SER A 245 14.69 -9.27 -9.77
C SER A 245 13.79 -10.42 -10.23
N ASP A 246 13.24 -10.33 -11.43
CA ASP A 246 12.47 -11.45 -12.00
C ASP A 246 13.35 -12.41 -12.81
N ASN A 247 14.66 -12.41 -12.57
CA ASN A 247 15.64 -13.27 -13.24
C ASN A 247 15.66 -13.06 -14.76
N VAL A 248 15.52 -11.79 -15.18
CA VAL A 248 15.75 -11.37 -16.56
C VAL A 248 17.11 -10.71 -16.59
N GLN A 249 17.98 -11.10 -17.53
CA GLN A 249 19.33 -10.53 -17.51
C GLN A 249 19.58 -9.46 -18.56
N TYR A 250 18.64 -9.16 -19.45
CA TYR A 250 18.90 -8.28 -20.58
C TYR A 250 17.56 -7.74 -21.04
N VAL A 251 17.53 -6.48 -21.47
CA VAL A 251 16.29 -5.87 -21.98
C VAL A 251 16.59 -5.04 -23.22
N GLU A 252 15.67 -5.07 -24.20
CA GLU A 252 15.64 -4.07 -25.25
C GLU A 252 14.33 -3.33 -25.06
N VAL A 253 14.41 -2.00 -25.04
CA VAL A 253 13.30 -1.16 -24.62
C VAL A 253 12.99 -0.12 -25.68
N ARG A 254 11.71 0.03 -26.03
CA ARG A 254 11.28 1.17 -26.85
C ARG A 254 11.20 2.42 -25.98
N SER A 255 11.70 3.53 -26.52
CA SER A 255 11.64 4.81 -25.83
C SER A 255 11.45 5.93 -26.85
N SER A 256 10.67 6.94 -26.49
CA SER A 256 10.57 8.13 -27.35
C SER A 256 11.81 9.03 -27.28
N LEU A 257 12.58 8.92 -26.18
CA LEU A 257 13.86 9.58 -25.89
C LEU A 257 13.77 11.09 -25.63
N SER A 258 12.70 11.75 -26.02
CA SER A 258 12.81 13.19 -26.14
C SER A 258 11.86 13.90 -25.17
N GLY A 259 12.19 15.14 -24.85
CA GLY A 259 11.28 15.93 -24.06
C GLY A 259 11.40 15.79 -22.56
N TYR A 260 12.47 15.18 -22.06
CA TYR A 260 12.60 15.11 -20.60
C TYR A 260 12.84 16.51 -20.06
N TYR A 261 12.16 16.89 -19.00
CA TYR A 261 12.23 18.29 -18.59
C TYR A 261 12.65 18.42 -17.11
N ASP A 262 13.42 19.48 -16.83
CA ASP A 262 13.95 19.80 -15.52
C ASP A 262 13.00 20.70 -14.71
N LEU A 263 13.30 20.85 -13.40
CA LEU A 263 12.48 21.73 -12.58
C LEU A 263 12.46 23.16 -13.09
N ASP A 264 13.56 23.65 -13.67
CA ASP A 264 13.62 25.03 -14.17
C ASP A 264 13.01 25.19 -15.56
N GLY A 265 12.42 24.13 -16.08
CA GLY A 265 11.75 24.13 -17.37
C GLY A 265 12.62 23.76 -18.54
N THR A 266 13.93 23.55 -18.35
CA THR A 266 14.77 23.05 -19.45
C THR A 266 14.20 21.76 -20.04
N VAL A 267 14.07 21.71 -21.36
CA VAL A 267 13.58 20.54 -22.06
C VAL A 267 14.75 19.96 -22.85
N HIS A 268 15.02 18.68 -22.64
CA HIS A 268 16.17 18.01 -23.24
C HIS A 268 15.81 17.35 -24.55
N ASP A 269 16.83 17.14 -25.38
CA ASP A 269 16.65 16.55 -26.71
C ASP A 269 16.79 15.03 -26.65
N PRO A 270 16.55 14.34 -27.77
CA PRO A 270 16.57 12.86 -27.74
C PRO A 270 17.94 12.30 -27.50
N GLU A 271 19.01 12.97 -27.95
CA GLU A 271 20.33 12.42 -27.69
C GLU A 271 20.65 12.49 -26.19
N TYR A 272 20.19 13.55 -25.51
CA TYR A 272 20.32 13.60 -24.05
C TYR A 272 19.58 12.44 -23.40
N GLY A 273 18.34 12.18 -23.84
CA GLY A 273 17.58 11.09 -23.25
C GLY A 273 18.28 9.76 -23.44
N LEU A 274 18.87 9.56 -24.63
CA LEU A 274 19.63 8.33 -24.89
C LEU A 274 20.87 8.23 -24.00
N GLN A 275 21.60 9.33 -23.85
CA GLN A 275 22.79 9.38 -22.98
C GLN A 275 22.43 9.13 -21.54
N LEU A 276 21.31 9.70 -21.09
CA LEU A 276 20.83 9.46 -19.72
C LEU A 276 20.66 7.97 -19.49
N TYR A 277 19.94 7.31 -20.41
CA TYR A 277 19.73 5.87 -20.28
C TYR A 277 21.05 5.10 -20.36
N LYS A 278 21.96 5.51 -21.25
CA LYS A 278 23.24 4.82 -21.35
C LYS A 278 24.00 4.87 -20.02
N ALA A 279 24.04 6.05 -19.40
CA ALA A 279 24.77 6.17 -18.14
C ALA A 279 24.13 5.32 -17.04
N VAL A 280 22.79 5.29 -16.95
CA VAL A 280 22.11 4.45 -15.96
C VAL A 280 22.42 2.96 -16.21
N THR A 281 22.40 2.53 -17.47
CA THR A 281 22.67 1.13 -17.80
C THR A 281 24.10 0.73 -17.44
N GLU A 282 25.05 1.60 -17.78
CA GLU A 282 26.45 1.31 -17.47
C GLU A 282 26.65 1.19 -15.96
N GLU A 283 26.00 2.09 -15.20
CA GLU A 283 26.15 2.02 -13.74
C GLU A 283 25.48 0.76 -13.17
N PHE A 284 24.34 0.38 -13.74
CA PHE A 284 23.65 -0.83 -13.31
C PHE A 284 24.51 -2.06 -13.57
N VAL A 285 25.12 -2.16 -14.77
CA VAL A 285 25.93 -3.34 -15.09
C VAL A 285 27.20 -3.35 -14.25
N ARG A 286 27.79 -2.17 -13.96
CA ARG A 286 28.90 -2.15 -13.02
C ARG A 286 28.48 -2.71 -11.67
N THR A 287 27.28 -2.36 -11.22
CA THR A 287 26.82 -2.78 -9.88
C THR A 287 26.47 -4.26 -9.86
N TYR A 288 25.94 -4.77 -10.98
CA TYR A 288 25.42 -6.14 -11.10
C TYR A 288 26.01 -6.84 -12.31
N PRO A 289 27.25 -7.35 -12.19
CA PRO A 289 27.87 -8.06 -13.31
C PRO A 289 27.11 -9.31 -13.71
N ASP A 290 26.12 -9.77 -12.93
CA ASP A 290 25.29 -10.89 -13.35
C ASP A 290 24.17 -10.45 -14.31
N PHE A 291 24.17 -9.18 -14.71
CA PHE A 291 23.19 -8.60 -15.63
C PHE A 291 23.90 -8.21 -16.93
N SER A 292 23.35 -8.65 -18.09
CA SER A 292 23.97 -8.38 -19.40
C SER A 292 23.77 -6.93 -19.85
N GLY A 293 22.69 -6.27 -19.46
CA GLY A 293 22.54 -4.87 -19.81
C GLY A 293 21.29 -4.58 -20.65
N ALA A 294 21.40 -3.55 -21.48
CA ALA A 294 20.21 -3.03 -22.15
C ALA A 294 20.61 -2.34 -23.45
N LYS A 295 19.65 -2.29 -24.39
CA LYS A 295 19.78 -1.50 -25.61
C LYS A 295 18.41 -0.89 -25.89
N ILE A 296 18.39 0.17 -26.72
CA ILE A 296 17.23 1.06 -26.84
C ILE A 296 16.78 1.15 -28.31
N ILE A 297 15.46 1.13 -28.52
CA ILE A 297 14.83 1.34 -29.83
C ILE A 297 14.03 2.62 -29.74
N LYS A 298 14.25 3.56 -30.69
CA LYS A 298 13.45 4.79 -30.71
C LYS A 298 12.04 4.45 -31.19
N SER A 299 11.03 4.87 -30.44
CA SER A 299 9.65 4.72 -30.86
C SER A 299 9.00 6.08 -31.08
N THR A 300 8.13 6.13 -32.08
CA THR A 300 7.28 7.28 -32.36
C THR A 300 5.86 6.82 -32.59
N ALA A 301 4.88 7.62 -32.15
CA ALA A 301 3.49 7.21 -32.33
C ALA A 301 3.06 7.43 -33.78
N ARG A 302 2.26 6.48 -34.28
CA ARG A 302 1.88 6.41 -35.69
C ARG A 302 0.65 7.29 -35.95
N VAL A 303 0.55 8.37 -35.20
CA VAL A 303 -0.49 9.37 -35.41
C VAL A 303 0.05 10.63 -36.06
N LYS A 304 1.36 10.73 -36.26
CA LYS A 304 1.95 11.97 -36.72
C LYS A 304 1.98 12.03 -38.23
N PRO A 305 2.05 13.26 -38.78
CA PRO A 305 2.16 13.39 -40.22
C PRO A 305 3.43 12.73 -40.72
N ASN A 306 3.39 12.30 -41.97
CA ASN A 306 4.58 11.70 -42.55
C ASN A 306 5.78 12.63 -42.52
N THR A 307 5.55 13.96 -42.64
N THR A 307 5.55 13.94 -42.66
CA THR A 307 6.63 14.95 -42.55
CA THR A 307 6.62 14.92 -42.58
C THR A 307 7.44 14.74 -41.29
C THR A 307 7.43 14.78 -41.30
N ASP A 308 6.76 14.52 -40.17
CA ASP A 308 7.46 14.39 -38.90
C ASP A 308 8.13 13.03 -38.77
N ILE A 309 7.48 11.97 -39.26
CA ILE A 309 8.11 10.65 -39.19
C ILE A 309 9.42 10.65 -39.96
N PHE A 310 9.47 11.38 -41.07
CA PHE A 310 10.71 11.50 -41.80
C PHE A 310 11.84 12.03 -40.92
N ASN A 311 11.57 13.10 -40.15
CA ASN A 311 12.60 13.62 -39.26
C ASN A 311 13.00 12.62 -38.19
N ASP A 312 12.04 11.83 -37.67
CA ASP A 312 12.42 10.81 -36.69
C ASP A 312 13.24 9.67 -37.30
N VAL A 313 13.02 9.37 -38.58
CA VAL A 313 13.91 8.43 -39.27
C VAL A 313 15.32 9.00 -39.38
N LYS A 314 15.45 10.26 -39.81
CA LYS A 314 16.76 10.90 -39.91
C LYS A 314 17.46 10.92 -38.55
N LEU A 315 16.71 11.27 -37.48
CA LEU A 315 17.25 11.26 -36.12
C LEU A 315 17.76 9.88 -35.78
N SER A 316 16.98 8.86 -36.12
CA SER A 316 17.38 7.51 -35.77
C SER A 316 18.61 7.10 -36.58
N MET A 317 18.73 7.51 -37.85
CA MET A 317 19.95 7.23 -38.61
C MET A 317 21.18 7.82 -37.91
N ASP A 318 21.04 9.07 -37.40
CA ASP A 318 22.19 9.71 -36.74
C ASP A 318 22.55 8.99 -35.43
N LEU A 319 21.54 8.65 -34.63
CA LEU A 319 21.85 8.00 -33.35
C LEU A 319 22.37 6.58 -33.58
N TYR A 320 21.90 5.94 -34.64
CA TYR A 320 22.39 4.59 -34.92
C TYR A 320 23.85 4.66 -35.32
N LYS A 321 24.22 5.70 -36.07
CA LYS A 321 25.62 5.81 -36.48
C LYS A 321 26.52 6.15 -35.30
N ARG A 322 26.04 7.00 -34.38
CA ARG A 322 26.95 7.51 -33.35
C ARG A 322 26.87 6.73 -32.03
N TYR A 323 25.84 5.93 -31.80
CA TYR A 323 25.71 5.10 -30.60
C TYR A 323 25.58 3.64 -31.03
N PRO A 324 26.52 3.14 -31.82
CA PRO A 324 26.39 1.75 -32.31
C PRO A 324 26.46 0.79 -31.13
N GLY A 325 25.62 -0.22 -31.14
CA GLY A 325 25.65 -1.12 -29.99
C GLY A 325 24.92 -0.62 -28.74
N PHE A 326 24.41 0.63 -28.71
CA PHE A 326 23.41 0.97 -27.69
C PHE A 326 22.07 1.37 -28.32
N PHE A 327 22.11 2.15 -29.41
CA PHE A 327 20.90 2.53 -30.13
C PHE A 327 20.69 1.52 -31.25
N LEU A 328 19.51 0.90 -31.27
CA LEU A 328 19.23 -0.23 -32.16
C LEU A 328 18.54 0.16 -33.46
N GLY A 329 17.66 1.15 -33.45
CA GLY A 329 16.84 1.34 -34.63
C GLY A 329 15.53 2.00 -34.22
N PHE A 330 14.51 1.75 -35.06
CA PHE A 330 13.29 2.55 -35.00
C PHE A 330 12.04 1.67 -35.00
N ASP A 331 10.97 2.18 -34.39
CA ASP A 331 9.68 1.49 -34.38
C ASP A 331 8.55 2.52 -34.37
N LEU A 332 7.39 2.16 -34.89
CA LEU A 332 6.18 2.96 -34.86
C LEU A 332 5.17 2.31 -33.93
N VAL A 333 4.61 3.08 -32.99
CA VAL A 333 3.80 2.50 -31.92
C VAL A 333 2.47 3.23 -31.90
N ALA A 334 1.63 2.94 -30.88
CA ALA A 334 0.26 3.45 -30.67
C ALA A 334 -0.75 2.58 -31.41
N GLN A 335 -2.04 2.79 -31.19
CA GLN A 335 -3.01 1.81 -31.67
C GLN A 335 -2.91 1.58 -33.20
N GLU A 336 -2.81 0.31 -33.60
CA GLU A 336 -2.54 0.01 -35.00
C GLU A 336 -3.78 0.18 -35.90
N ASP A 337 -4.97 -0.26 -35.45
CA ASP A 337 -6.11 -0.28 -36.37
C ASP A 337 -6.53 1.09 -36.92
N PRO A 338 -6.71 2.14 -36.12
CA PRO A 338 -7.29 3.38 -36.63
C PRO A 338 -6.29 4.41 -37.13
N ASN A 339 -4.99 4.15 -37.00
CA ASN A 339 -3.94 5.12 -37.26
C ASN A 339 -3.17 4.78 -38.56
N THR A 340 -1.99 5.36 -38.72
CA THR A 340 -1.36 5.30 -40.04
C THR A 340 -0.63 3.98 -40.26
N SER A 341 -0.79 3.43 -41.45
CA SER A 341 -0.11 2.18 -41.78
C SER A 341 1.38 2.43 -42.07
N LEU A 342 2.14 1.33 -42.13
CA LEU A 342 3.52 1.45 -42.62
C LEU A 342 3.54 1.99 -44.06
N LEU A 343 2.59 1.55 -44.90
CA LEU A 343 2.61 2.03 -46.28
C LEU A 343 2.39 3.54 -46.32
N GLY A 344 1.61 4.08 -45.38
CA GLY A 344 1.38 5.52 -45.22
C GLY A 344 2.63 6.30 -44.88
N TYR A 345 3.70 5.62 -44.47
CA TYR A 345 4.98 6.26 -44.18
C TYR A 345 6.09 5.70 -45.07
N ILE A 346 5.75 5.09 -46.23
CA ILE A 346 6.74 4.23 -46.90
C ILE A 346 7.93 5.04 -47.40
N ASP A 347 7.73 6.27 -47.90
CA ASP A 347 8.92 6.98 -48.36
C ASP A 347 9.84 7.36 -47.21
N SER A 348 9.29 7.65 -46.03
CA SER A 348 10.15 7.88 -44.88
C SER A 348 10.92 6.63 -44.52
N LEU A 349 10.23 5.47 -44.54
CA LEU A 349 10.88 4.23 -44.05
C LEU A 349 11.89 3.70 -45.08
N LEU A 350 11.66 4.00 -46.37
CA LEU A 350 12.64 3.60 -47.37
C LEU A 350 13.79 4.56 -47.47
N TYR A 351 13.70 5.75 -46.82
CA TYR A 351 14.74 6.74 -47.07
C TYR A 351 16.15 6.22 -46.77
N PRO A 352 16.44 5.55 -45.63
CA PRO A 352 17.83 5.13 -45.42
C PRO A 352 18.36 4.23 -46.52
N SER A 353 17.58 3.24 -46.94
CA SER A 353 18.04 2.31 -47.96
C SER A 353 18.29 3.00 -49.30
N ARG A 354 17.73 4.20 -49.52
CA ARG A 354 17.85 4.90 -50.79
C ARG A 354 19.03 5.86 -50.82
N GLN A 355 19.73 6.01 -49.70
CA GLN A 355 20.83 6.98 -49.69
C GLN A 355 22.00 6.40 -50.49
N ASN A 356 22.97 7.25 -50.81
CA ASN A 356 24.16 6.88 -51.57
C ASN A 356 25.40 7.29 -50.78
N PRO A 357 26.04 6.37 -50.05
CA PRO A 357 25.77 4.94 -49.94
C PRO A 357 24.56 4.64 -49.05
N PRO A 358 23.94 3.49 -49.28
CA PRO A 358 22.74 3.13 -48.51
C PRO A 358 23.06 3.00 -47.03
N VAL A 359 22.03 3.28 -46.22
CA VAL A 359 22.10 3.14 -44.77
C VAL A 359 21.06 2.10 -44.36
N SER A 360 21.47 1.08 -43.60
CA SER A 360 20.55 0.05 -43.14
C SER A 360 20.12 0.40 -41.71
N LEU A 361 19.04 1.18 -41.59
CA LEU A 361 18.46 1.53 -40.28
C LEU A 361 17.56 0.40 -39.83
N PRO A 362 17.85 -0.28 -38.70
CA PRO A 362 17.05 -1.46 -38.36
C PRO A 362 15.69 -1.04 -37.86
N TYR A 363 14.70 -1.83 -38.18
CA TYR A 363 13.33 -1.58 -37.79
C TYR A 363 12.81 -2.71 -36.93
N TYR A 364 11.95 -2.36 -35.96
CA TYR A 364 11.37 -3.33 -35.03
C TYR A 364 9.85 -3.22 -35.01
N PHE A 365 9.22 -3.19 -36.18
CA PHE A 365 7.83 -2.71 -36.24
C PHE A 365 6.88 -3.58 -35.43
N HIS A 366 6.14 -2.91 -34.51
CA HIS A 366 4.81 -3.40 -34.14
C HIS A 366 4.02 -3.65 -35.42
N ALA A 367 3.49 -4.86 -35.62
CA ALA A 367 2.80 -5.07 -36.90
C ALA A 367 1.80 -6.23 -36.77
N GLY A 368 0.62 -6.04 -37.35
CA GLY A 368 -0.38 -7.09 -37.32
C GLY A 368 -0.97 -7.34 -35.94
N GLU A 369 -1.01 -6.32 -35.08
CA GLU A 369 -1.67 -6.38 -33.77
C GLU A 369 -3.18 -6.13 -33.96
N THR A 370 -3.85 -7.12 -34.61
CA THR A 370 -5.19 -6.82 -35.10
C THR A 370 -5.96 -8.14 -35.29
N ASN A 371 -7.29 -8.05 -35.18
CA ASN A 371 -8.15 -9.15 -35.61
C ASN A 371 -8.60 -9.05 -37.08
N TRP A 372 -8.29 -7.93 -37.75
CA TRP A 372 -8.67 -7.74 -39.15
C TRP A 372 -7.87 -8.64 -40.09
N GLN A 373 -8.48 -8.95 -41.24
CA GLN A 373 -7.81 -9.76 -42.26
C GLN A 373 -8.03 -9.13 -43.62
N GLY A 374 -6.97 -9.08 -44.43
CA GLY A 374 -7.09 -8.54 -45.78
C GLY A 374 -7.30 -7.03 -45.79
N THR A 375 -6.82 -6.34 -44.75
CA THR A 375 -6.99 -4.90 -44.61
C THR A 375 -5.64 -4.22 -44.61
N GLU A 376 -5.69 -2.88 -44.63
CA GLU A 376 -4.48 -2.10 -44.48
C GLU A 376 -3.74 -2.43 -43.19
N VAL A 377 -4.44 -2.90 -42.14
CA VAL A 377 -3.75 -3.13 -40.87
C VAL A 377 -2.93 -4.41 -40.90
N ASP A 378 -3.54 -5.56 -41.22
CA ASP A 378 -2.70 -6.76 -41.19
C ASP A 378 -1.74 -6.81 -42.38
N TYR A 379 -2.00 -6.04 -43.45
CA TYR A 379 -0.99 -6.00 -44.51
C TYR A 379 0.27 -5.23 -44.09
N ASN A 380 0.24 -4.57 -42.90
CA ASN A 380 1.48 -4.01 -42.34
C ASN A 380 2.53 -5.10 -42.22
N LEU A 381 2.09 -6.37 -42.05
CA LEU A 381 3.08 -7.46 -41.94
C LEU A 381 3.88 -7.63 -43.23
N VAL A 382 3.21 -7.45 -44.38
CA VAL A 382 3.91 -7.47 -45.66
C VAL A 382 4.95 -6.37 -45.73
N ASP A 383 4.55 -5.14 -45.36
CA ASP A 383 5.52 -4.06 -45.44
C ASP A 383 6.63 -4.26 -44.46
N ALA A 384 6.32 -4.85 -43.29
CA ALA A 384 7.38 -5.05 -42.31
C ALA A 384 8.46 -5.95 -42.91
N LEU A 385 8.04 -6.95 -43.68
CA LEU A 385 9.02 -7.86 -44.24
C LEU A 385 9.76 -7.19 -45.39
N LEU A 386 9.03 -6.44 -46.23
CA LEU A 386 9.70 -5.78 -47.36
C LEU A 386 10.75 -4.79 -46.88
N LEU A 387 10.52 -4.20 -45.72
CA LEU A 387 11.44 -3.25 -45.10
C LEU A 387 12.51 -3.93 -44.26
N ASN A 388 12.61 -5.25 -44.28
CA ASN A 388 13.69 -5.97 -43.60
C ASN A 388 13.64 -5.80 -42.07
N ALA A 389 12.44 -5.85 -41.49
CA ALA A 389 12.31 -5.76 -40.04
C ALA A 389 13.15 -6.83 -39.34
N THR A 390 13.87 -6.41 -38.30
CA THR A 390 14.70 -7.34 -37.53
C THR A 390 13.84 -8.25 -36.66
N ARG A 391 12.83 -7.68 -36.02
CA ARG A 391 11.81 -8.46 -35.31
C ARG A 391 10.48 -7.81 -35.61
N ILE A 392 9.39 -8.56 -35.34
CA ILE A 392 8.01 -8.10 -35.51
CA ILE A 392 8.02 -8.09 -35.50
C ILE A 392 7.37 -8.07 -34.14
N GLY A 393 6.78 -6.92 -33.79
CA GLY A 393 6.03 -6.78 -32.54
C GLY A 393 4.61 -7.32 -32.70
N HIS A 394 4.24 -8.32 -31.89
CA HIS A 394 2.91 -8.93 -31.83
C HIS A 394 2.68 -9.93 -32.95
N GLY A 395 2.56 -9.45 -34.19
CA GLY A 395 2.23 -10.37 -35.28
C GLY A 395 1.01 -11.24 -35.05
N PHE A 396 0.00 -10.71 -34.38
CA PHE A 396 -1.19 -11.51 -34.08
C PHE A 396 -1.83 -12.06 -35.36
N ALA A 397 -1.91 -11.24 -36.41
CA ALA A 397 -2.54 -11.63 -37.66
C ALA A 397 -1.66 -12.53 -38.52
N LEU A 398 -0.45 -12.84 -38.09
CA LEU A 398 0.50 -13.54 -38.95
C LEU A 398 -0.01 -14.92 -39.39
N ILE A 399 -0.71 -15.64 -38.51
CA ILE A 399 -1.18 -16.99 -38.92
C ILE A 399 -2.19 -16.95 -40.06
N LYS A 400 -2.76 -15.78 -40.35
CA LYS A 400 -3.65 -15.64 -41.51
C LYS A 400 -2.88 -15.40 -42.81
N HIS A 401 -1.56 -15.36 -42.77
CA HIS A 401 -0.73 -14.97 -43.91
C HIS A 401 0.35 -16.00 -44.21
N PRO A 402 0.00 -17.07 -44.94
CA PRO A 402 0.95 -18.21 -45.09
C PRO A 402 2.28 -17.85 -45.77
N ARG A 403 2.27 -16.95 -46.77
CA ARG A 403 3.54 -16.57 -47.40
C ARG A 403 4.40 -15.69 -46.49
N VAL A 404 3.77 -14.77 -45.76
CA VAL A 404 4.53 -13.99 -44.76
C VAL A 404 5.12 -14.92 -43.70
N ILE A 405 4.37 -15.92 -43.25
CA ILE A 405 4.94 -16.91 -42.31
C ILE A 405 6.21 -17.52 -42.89
N GLU A 406 6.14 -17.96 -44.16
CA GLU A 406 7.34 -18.64 -44.69
C GLU A 406 8.53 -17.68 -44.76
N LEU A 407 8.29 -16.40 -45.11
CA LEU A 407 9.40 -15.44 -45.13
C LEU A 407 9.95 -15.20 -43.73
N VAL A 408 9.06 -15.12 -42.75
CA VAL A 408 9.50 -14.95 -41.36
C VAL A 408 10.39 -16.13 -40.95
N LYS A 409 9.97 -17.36 -41.28
CA LYS A 409 10.76 -18.53 -40.91
CA LYS A 409 10.76 -18.52 -40.91
C LYS A 409 12.10 -18.53 -41.64
N SER A 410 12.10 -18.26 -42.95
CA SER A 410 13.35 -18.45 -43.69
C SER A 410 14.38 -17.38 -43.38
N ARG A 411 13.93 -16.17 -43.03
CA ARG A 411 14.84 -15.08 -42.67
C ARG A 411 15.21 -15.05 -41.19
N GLY A 412 14.52 -15.83 -40.36
CA GLY A 412 14.71 -15.75 -38.92
C GLY A 412 14.30 -14.44 -38.27
N VAL A 413 13.13 -13.92 -38.63
CA VAL A 413 12.63 -12.68 -38.05
C VAL A 413 11.80 -13.07 -36.84
N ALA A 414 12.31 -12.87 -35.61
CA ALA A 414 11.54 -13.30 -34.45
C ALA A 414 10.28 -12.47 -34.25
N VAL A 415 9.20 -13.15 -33.86
CA VAL A 415 7.95 -12.50 -33.52
C VAL A 415 7.92 -12.32 -32.01
N GLU A 416 7.74 -11.06 -31.54
CA GLU A 416 7.70 -10.74 -30.11
C GLU A 416 6.26 -10.93 -29.68
N VAL A 417 6.00 -11.97 -28.88
CA VAL A 417 4.65 -12.37 -28.53
C VAL A 417 4.39 -11.91 -27.09
N ASN A 418 3.33 -11.10 -26.91
CA ASN A 418 3.02 -10.42 -25.66
C ASN A 418 1.62 -10.87 -25.25
N PRO A 419 1.49 -12.04 -24.58
CA PRO A 419 0.15 -12.65 -24.45
C PRO A 419 -0.80 -11.89 -23.53
N VAL A 420 -0.36 -11.41 -22.36
CA VAL A 420 -1.28 -10.70 -21.47
C VAL A 420 -1.75 -9.41 -22.12
N SER A 421 -0.85 -8.71 -22.77
CA SER A 421 -1.17 -7.51 -23.56
C SER A 421 -2.25 -7.79 -24.60
N ASN A 422 -2.09 -8.90 -25.36
CA ASN A 422 -3.03 -9.14 -26.45
C ASN A 422 -4.40 -9.48 -25.89
N GLN A 423 -4.46 -10.15 -24.74
CA GLN A 423 -5.76 -10.40 -24.11
C GLN A 423 -6.36 -9.11 -23.55
N LEU A 424 -5.61 -8.41 -22.69
CA LEU A 424 -6.27 -7.28 -22.04
C LEU A 424 -6.58 -6.16 -23.03
N LEU A 425 -5.78 -5.97 -24.09
CA LEU A 425 -6.01 -4.91 -25.06
C LEU A 425 -6.86 -5.38 -26.25
N GLY A 426 -7.59 -6.47 -26.06
CA GLY A 426 -8.79 -6.69 -26.85
C GLY A 426 -8.63 -7.50 -28.11
N LEU A 427 -7.57 -8.29 -28.23
CA LEU A 427 -7.49 -9.16 -29.41
C LEU A 427 -8.03 -10.57 -29.18
N VAL A 428 -8.18 -11.02 -27.93
CA VAL A 428 -8.57 -12.41 -27.68
C VAL A 428 -9.04 -12.52 -26.25
N LYS A 429 -9.95 -13.47 -25.98
CA LYS A 429 -10.47 -13.61 -24.62
C LYS A 429 -9.91 -14.85 -23.93
N ASP A 430 -10.17 -16.02 -24.48
CA ASP A 430 -9.59 -17.25 -23.97
C ASP A 430 -8.19 -17.37 -24.56
N LEU A 431 -7.16 -17.39 -23.71
CA LEU A 431 -5.82 -17.32 -24.30
C LEU A 431 -5.43 -18.57 -25.07
N ARG A 432 -6.20 -19.66 -24.96
CA ARG A 432 -5.86 -20.78 -25.84
C ARG A 432 -6.18 -20.50 -27.30
N ASN A 433 -6.93 -19.44 -27.59
CA ASN A 433 -7.15 -18.96 -28.97
C ASN A 433 -6.13 -17.94 -29.40
N HIS A 434 -5.09 -17.75 -28.61
CA HIS A 434 -4.06 -16.80 -29.03
C HIS A 434 -3.42 -17.31 -30.33
N ALA A 435 -3.30 -16.40 -31.31
CA ALA A 435 -2.91 -16.73 -32.67
C ALA A 435 -1.44 -17.09 -32.79
N ALA A 436 -0.66 -16.97 -31.72
CA ALA A 436 0.73 -17.44 -31.72
C ALA A 436 0.83 -18.95 -31.45
N ALA A 437 -0.22 -19.57 -30.89
CA ALA A 437 -0.11 -21.02 -30.67
C ALA A 437 0.18 -21.76 -31.98
N PRO A 438 -0.50 -21.47 -33.09
CA PRO A 438 -0.16 -22.18 -34.34
C PRO A 438 1.20 -21.78 -34.90
N LEU A 439 1.68 -20.58 -34.58
CA LEU A 439 3.04 -20.20 -34.96
C LEU A 439 4.07 -21.06 -34.24
N LEU A 440 3.89 -21.26 -32.93
CA LEU A 440 4.84 -22.07 -32.18
C LEU A 440 4.78 -23.53 -32.65
N ALA A 441 3.59 -24.00 -33.04
CA ALA A 441 3.46 -25.38 -33.50
C ALA A 441 4.22 -25.63 -34.80
N GLN A 442 4.44 -24.59 -35.62
CA GLN A 442 5.28 -24.69 -36.83
C GLN A 442 6.72 -24.25 -36.61
N ASN A 443 7.10 -23.92 -35.38
CA ASN A 443 8.46 -23.42 -35.08
C ASN A 443 8.77 -22.10 -35.81
N VAL A 444 7.78 -21.24 -36.00
CA VAL A 444 8.08 -19.82 -36.26
C VAL A 444 8.93 -19.27 -35.10
N PRO A 445 10.00 -18.52 -35.35
CA PRO A 445 10.82 -18.01 -34.24
C PRO A 445 10.05 -17.00 -33.40
N VAL A 446 9.99 -17.24 -32.08
CA VAL A 446 9.14 -16.46 -31.18
C VAL A 446 9.96 -16.12 -29.95
N VAL A 447 9.80 -14.90 -29.45
CA VAL A 447 10.28 -14.53 -28.12
C VAL A 447 9.07 -14.08 -27.32
N ILE A 448 9.04 -14.41 -26.04
CA ILE A 448 7.93 -13.96 -25.19
C ILE A 448 8.35 -12.66 -24.51
N SER A 449 7.41 -11.73 -24.35
CA SER A 449 7.72 -10.51 -23.61
C SER A 449 6.47 -9.98 -22.92
N SER A 450 6.60 -8.88 -22.16
CA SER A 450 5.45 -8.45 -21.36
C SER A 450 4.81 -7.13 -21.82
N ASP A 451 5.47 -6.38 -22.70
CA ASP A 451 4.97 -5.16 -23.34
C ASP A 451 4.88 -3.96 -22.41
N ASP A 452 3.86 -3.97 -21.55
CA ASP A 452 3.56 -2.86 -20.63
C ASP A 452 3.22 -3.38 -19.24
N PRO A 453 4.08 -4.18 -18.64
CA PRO A 453 3.70 -4.91 -17.40
C PRO A 453 3.29 -4.00 -16.26
N GLY A 454 3.92 -2.82 -16.15
CA GLY A 454 3.53 -1.91 -15.07
C GLY A 454 2.11 -1.38 -15.20
N VAL A 455 1.58 -1.29 -16.42
CA VAL A 455 0.23 -0.74 -16.62
C VAL A 455 -0.83 -1.62 -15.99
N TRP A 456 -0.60 -2.96 -15.95
CA TRP A 456 -1.64 -3.85 -15.45
C TRP A 456 -1.07 -4.83 -14.41
N GLU A 457 -0.02 -4.40 -13.69
CA GLU A 457 0.45 -5.06 -12.48
C GLU A 457 1.01 -6.45 -12.76
N ALA A 458 1.55 -6.67 -13.96
CA ALA A 458 2.27 -7.90 -14.20
C ALA A 458 3.74 -7.77 -13.77
N LEU A 459 4.37 -8.94 -13.55
CA LEU A 459 5.80 -9.05 -13.36
C LEU A 459 6.51 -8.79 -14.69
N PRO A 460 7.82 -8.58 -14.64
CA PRO A 460 8.57 -8.33 -15.89
C PRO A 460 8.41 -9.40 -16.96
N MET A 461 8.43 -10.65 -16.56
CA MET A 461 8.33 -11.77 -17.52
C MET A 461 7.56 -12.95 -16.99
N SER A 462 7.49 -13.18 -15.66
CA SER A 462 7.03 -14.51 -15.20
C SER A 462 5.54 -14.75 -15.50
N HIS A 463 4.70 -13.71 -15.47
CA HIS A 463 3.28 -13.92 -15.79
C HIS A 463 3.12 -14.24 -17.26
N ASP A 464 3.83 -13.51 -18.13
CA ASP A 464 3.63 -13.77 -19.56
C ASP A 464 4.21 -15.12 -19.96
N MET A 465 5.36 -15.49 -19.38
CA MET A 465 5.91 -16.81 -19.66
C MET A 465 4.99 -17.91 -19.16
N TYR A 466 4.37 -17.72 -17.98
CA TYR A 466 3.41 -18.71 -17.50
C TYR A 466 2.26 -18.88 -18.48
N VAL A 467 1.62 -17.77 -18.89
CA VAL A 467 0.45 -17.98 -19.74
C VAL A 467 0.89 -18.50 -21.10
N ALA A 468 2.07 -18.10 -21.63
CA ALA A 468 2.50 -18.70 -22.89
C ALA A 468 2.66 -20.19 -22.73
N PHE A 469 3.26 -20.62 -21.62
CA PHE A 469 3.52 -22.03 -21.38
C PHE A 469 2.23 -22.84 -21.16
N MET A 470 1.23 -22.24 -20.51
CA MET A 470 0.01 -22.98 -20.18
C MET A 470 -1.07 -22.91 -21.26
N ASP A 471 -1.02 -21.90 -22.11
CA ASP A 471 -2.08 -21.62 -23.09
C ASP A 471 -1.66 -21.72 -24.54
N LEU A 472 -0.40 -21.43 -24.88
CA LEU A 472 0.01 -21.31 -26.27
C LEU A 472 0.77 -22.55 -26.76
N VAL A 473 0.96 -23.54 -25.89
CA VAL A 473 1.53 -24.85 -26.25
C VAL A 473 0.72 -25.86 -25.44
N GLY A 474 0.91 -27.14 -25.78
CA GLY A 474 0.03 -28.20 -25.32
C GLY A 474 0.37 -28.84 -23.96
N GLU A 475 -0.53 -29.75 -23.55
CA GLU A 475 -0.38 -30.42 -22.26
C GLU A 475 0.90 -31.22 -22.21
N ASP A 476 1.34 -31.76 -23.35
CA ASP A 476 2.54 -32.58 -23.40
C ASP A 476 3.79 -31.78 -23.74
N ALA A 477 3.72 -30.44 -23.75
CA ALA A 477 4.89 -29.58 -23.96
C ALA A 477 5.43 -29.15 -22.59
N GLY A 478 6.70 -29.49 -22.31
CA GLY A 478 7.31 -29.19 -21.02
C GLY A 478 8.51 -28.26 -21.03
N LEU A 479 9.50 -28.64 -20.23
CA LEU A 479 10.66 -27.79 -19.98
C LEU A 479 11.44 -27.45 -21.25
N ASP A 480 11.38 -28.31 -22.27
CA ASP A 480 12.06 -28.03 -23.55
C ASP A 480 11.52 -26.78 -24.26
N VAL A 481 10.20 -26.57 -24.20
CA VAL A 481 9.62 -25.34 -24.72
C VAL A 481 10.10 -24.14 -23.92
N LEU A 482 10.00 -24.20 -22.58
CA LEU A 482 10.51 -23.08 -21.79
C LEU A 482 11.96 -22.78 -22.15
N LYS A 483 12.79 -23.82 -22.24
CA LYS A 483 14.21 -23.61 -22.43
C LYS A 483 14.48 -22.97 -23.79
N GLN A 484 13.78 -23.44 -24.84
CA GLN A 484 13.94 -22.84 -26.17
C GLN A 484 13.49 -21.38 -26.18
N LEU A 485 12.35 -21.06 -25.56
CA LEU A 485 11.89 -19.66 -25.57
C LEU A 485 12.89 -18.74 -24.84
N VAL A 486 13.45 -19.24 -23.74
CA VAL A 486 14.47 -18.48 -23.04
C VAL A 486 15.72 -18.28 -23.91
N TRP A 487 16.21 -19.37 -24.54
CA TRP A 487 17.37 -19.21 -25.42
C TRP A 487 17.06 -18.30 -26.60
N ASN A 488 15.84 -18.39 -27.14
CA ASN A 488 15.45 -17.55 -28.26
C ASN A 488 15.60 -16.08 -27.89
N SER A 489 15.29 -15.72 -26.63
CA SER A 489 15.30 -14.28 -26.30
C SER A 489 16.71 -13.69 -26.34
N ILE A 490 17.74 -14.53 -26.23
CA ILE A 490 19.10 -14.08 -26.45
C ILE A 490 19.49 -14.23 -27.91
N GLN A 491 19.12 -15.35 -28.50
CA GLN A 491 19.62 -15.67 -29.82
C GLN A 491 18.99 -14.75 -30.88
N TYR A 492 17.77 -14.25 -30.65
CA TYR A 492 17.15 -13.28 -31.55
C TYR A 492 17.17 -11.86 -31.01
N SER A 493 17.93 -11.61 -29.93
CA SER A 493 18.20 -10.25 -29.50
C SER A 493 19.07 -9.54 -30.54
N SER A 494 19.32 -8.24 -30.33
CA SER A 494 20.19 -7.48 -31.22
C SER A 494 21.61 -7.36 -30.69
N MET A 495 22.00 -8.19 -29.72
CA MET A 495 23.41 -8.30 -29.37
C MET A 495 24.24 -8.70 -30.59
N ASN A 496 25.48 -8.20 -30.65
CA ASN A 496 26.36 -8.72 -31.69
C ASN A 496 26.78 -10.15 -31.29
N ALA A 497 27.51 -10.84 -32.19
CA ALA A 497 27.77 -12.27 -31.96
C ALA A 497 28.60 -12.51 -30.71
N THR A 498 29.59 -11.64 -30.46
CA THR A 498 30.43 -11.75 -29.28
C THR A 498 29.63 -11.55 -27.99
N GLU A 499 28.75 -10.53 -27.99
CA GLU A 499 27.90 -10.28 -26.83
C GLU A 499 26.98 -11.45 -26.60
N LYS A 500 26.44 -12.02 -27.70
CA LYS A 500 25.57 -13.19 -27.54
C LYS A 500 26.31 -14.34 -26.89
N LYS A 501 27.55 -14.61 -27.33
CA LYS A 501 28.28 -15.73 -26.72
C LYS A 501 28.48 -15.52 -25.23
N THR A 502 28.85 -14.28 -24.84
CA THR A 502 29.03 -13.94 -23.41
C THR A 502 27.73 -14.12 -22.62
N ALA A 503 26.64 -13.60 -23.18
CA ALA A 503 25.33 -13.68 -22.53
C ALA A 503 24.87 -15.12 -22.38
N LEU A 504 25.09 -15.95 -23.41
CA LEU A 504 24.72 -17.36 -23.30
C LEU A 504 25.55 -18.09 -22.25
N LYS A 505 26.83 -17.75 -22.10
CA LYS A 505 27.59 -18.39 -21.02
C LYS A 505 27.00 -18.04 -19.65
N LEU A 506 26.65 -16.77 -19.47
CA LEU A 506 26.02 -16.36 -18.23
C LEU A 506 24.66 -17.04 -18.04
N LEU A 507 23.86 -17.09 -19.11
CA LEU A 507 22.55 -17.73 -19.06
C LEU A 507 22.68 -19.22 -18.72
N GLN A 508 23.66 -19.89 -19.32
CA GLN A 508 23.85 -21.32 -19.04
C GLN A 508 24.18 -21.52 -17.56
N ALA A 509 25.01 -20.64 -16.98
CA ALA A 509 25.32 -20.81 -15.55
C ALA A 509 24.07 -20.63 -14.71
N LYS A 510 23.25 -19.61 -15.03
CA LYS A 510 21.99 -19.38 -14.32
C LYS A 510 21.06 -20.58 -14.48
N TRP A 511 20.96 -21.10 -15.69
CA TRP A 511 20.08 -22.22 -15.98
C TRP A 511 20.49 -23.43 -15.15
N ASN A 512 21.80 -23.74 -15.12
CA ASN A 512 22.28 -24.89 -14.35
C ASN A 512 21.94 -24.74 -12.87
N ASN A 513 22.15 -23.54 -12.33
CA ASN A 513 21.82 -23.28 -10.93
C ASN A 513 20.32 -23.45 -10.68
N PHE A 514 19.49 -22.92 -11.60
CA PHE A 514 18.04 -23.06 -11.51
C PHE A 514 17.60 -24.53 -11.51
N ILE A 515 18.20 -25.36 -12.37
CA ILE A 515 17.84 -26.79 -12.36
C ILE A 515 18.18 -27.42 -11.02
N ASN A 516 19.43 -27.24 -10.56
CA ASN A 516 19.80 -27.89 -9.30
C ASN A 516 18.91 -27.42 -8.15
N ASP A 517 18.68 -26.10 -8.07
CA ASP A 517 17.86 -25.53 -7.01
C ASP A 517 16.45 -26.10 -7.07
N SER A 518 15.90 -26.24 -8.29
CA SER A 518 14.54 -26.72 -8.44
C SER A 518 14.41 -28.17 -8.00
N LEU A 519 15.42 -28.99 -8.31
CA LEU A 519 15.36 -30.38 -7.87
C LEU A 519 15.34 -30.45 -6.36
N ILE A 520 16.16 -29.62 -5.70
CA ILE A 520 16.12 -29.60 -4.25
C ILE A 520 14.78 -29.07 -3.76
N LYS A 521 14.30 -27.98 -4.35
CA LYS A 521 13.13 -27.29 -3.82
C LYS A 521 11.87 -28.12 -3.93
N TRP A 522 11.67 -28.83 -5.04
CA TRP A 522 10.48 -29.62 -5.28
C TRP A 522 10.68 -31.10 -4.90
N LYS A 523 11.77 -31.40 -4.23
CA LYS A 523 12.04 -32.73 -3.66
C LYS A 523 12.03 -33.81 -4.74
N LEU A 524 12.75 -33.53 -5.81
CA LEU A 524 12.79 -34.35 -7.02
C LEU A 524 14.08 -35.15 -7.17
N THR A 525 15.06 -34.98 -6.29
CA THR A 525 16.42 -35.39 -6.62
C THR A 525 16.57 -36.91 -6.77
N ASN A 526 15.69 -37.70 -6.16
CA ASN A 526 15.85 -39.15 -6.12
C ASN A 526 15.01 -39.90 -7.16
N LYS A 527 14.43 -39.21 -8.15
CA LYS A 527 13.62 -39.87 -9.17
C LYS A 527 14.17 -39.73 -10.58
N ARG B 31 22.71 50.12 38.88
CA ARG B 31 23.67 49.28 38.18
C ARG B 31 23.58 49.46 36.64
N PHE B 32 22.43 49.89 36.13
CA PHE B 32 22.20 50.03 34.68
C PHE B 32 21.66 51.42 34.33
N PRO B 33 22.51 52.46 34.40
CA PRO B 33 22.00 53.83 34.15
C PRO B 33 21.47 54.04 32.73
N THR B 34 21.95 53.27 31.76
CA THR B 34 21.47 53.35 30.39
C THR B 34 21.13 51.96 29.89
N MET B 35 20.39 51.92 28.78
CA MET B 35 20.03 50.64 28.21
C MET B 35 21.25 49.91 27.68
N ASP B 36 22.32 50.61 27.31
CA ASP B 36 23.49 49.91 26.84
C ASP B 36 24.11 49.04 27.94
N GLU B 37 24.20 49.56 29.17
CA GLU B 37 24.72 48.71 30.25
C GLU B 37 23.82 47.51 30.53
N TYR B 38 22.51 47.73 30.60
CA TYR B 38 21.59 46.62 30.78
C TYR B 38 21.72 45.60 29.64
N THR B 39 21.74 46.09 28.39
CA THR B 39 21.81 45.18 27.25
C THR B 39 23.10 44.39 27.25
N ASN B 40 24.20 45.02 27.62
CA ASN B 40 25.45 44.29 27.63
C ASN B 40 25.42 43.19 28.68
N ALA B 41 24.89 43.47 29.87
CA ALA B 41 24.81 42.42 30.90
C ALA B 41 23.92 41.27 30.45
N ARG B 42 22.78 41.59 29.86
CA ARG B 42 21.85 40.59 29.36
C ARG B 42 22.49 39.72 28.27
N GLU B 43 23.20 40.37 27.35
CA GLU B 43 23.86 39.66 26.26
C GLU B 43 25.01 38.78 26.76
N GLU B 44 25.75 39.26 27.77
CA GLU B 44 26.79 38.43 28.36
C GLU B 44 26.21 37.17 28.97
N LEU B 45 25.08 37.28 29.69
CA LEU B 45 24.52 36.09 30.34
C LEU B 45 23.95 35.10 29.32
N ILE B 46 23.16 35.61 28.35
CA ILE B 46 22.61 34.74 27.32
C ILE B 46 23.73 34.12 26.48
N GLY B 47 24.74 34.91 26.11
CA GLY B 47 25.83 34.36 25.32
C GLY B 47 26.60 33.30 26.06
N SER B 48 26.75 33.46 27.36
CA SER B 48 27.41 32.43 28.17
C SER B 48 26.62 31.12 28.13
N GLU B 49 25.28 31.18 28.25
CA GLU B 49 24.50 29.94 28.10
C GLU B 49 24.61 29.36 26.69
N GLN B 50 24.65 30.22 25.67
CA GLN B 50 24.75 29.72 24.30
C GLN B 50 26.08 29.02 24.08
N TYR B 51 27.15 29.53 24.70
CA TYR B 51 28.46 28.91 24.54
C TYR B 51 28.57 27.59 25.32
N LEU B 52 27.90 27.51 26.46
CA LEU B 52 27.91 26.31 27.32
C LEU B 52 27.21 25.11 26.70
N ARG B 53 26.11 25.33 25.99
CA ARG B 53 25.28 24.21 25.52
C ARG B 53 25.96 23.45 24.39
N VAL B 54 25.37 22.28 24.08
CA VAL B 54 25.84 21.43 22.97
C VAL B 54 26.09 22.27 21.72
N GLY B 55 27.29 22.13 21.15
CA GLY B 55 27.67 22.81 19.95
C GLY B 55 27.98 24.28 20.11
N GLY B 56 28.02 24.80 21.35
CA GLY B 56 28.20 26.23 21.50
C GLY B 56 29.57 26.76 21.14
N SER B 57 30.58 25.93 21.04
CA SER B 57 31.91 26.38 20.63
C SER B 57 32.17 26.18 19.13
N ILE B 58 31.20 25.70 18.37
CA ILE B 58 31.36 25.57 16.91
C ILE B 58 31.41 26.94 16.25
N ASN B 59 32.37 27.11 15.35
CA ASN B 59 32.46 28.31 14.52
C ASN B 59 32.02 27.92 13.12
N LEU B 60 30.85 28.39 12.69
CA LEU B 60 30.38 28.03 11.35
C LEU B 60 31.12 28.85 10.28
N ASN B 61 31.31 28.24 9.10
CA ASN B 61 31.91 29.03 8.02
C ASN B 61 30.80 29.84 7.30
N ASN B 62 31.17 30.69 6.34
CA ASN B 62 30.21 31.64 5.76
C ASN B 62 29.05 30.92 5.04
N LYS B 63 29.34 29.81 4.36
CA LYS B 63 28.26 29.06 3.71
C LYS B 63 27.33 28.42 4.74
N GLU B 64 27.91 27.84 5.79
CA GLU B 64 27.12 27.28 6.87
C GLU B 64 26.26 28.34 7.52
N LYS B 65 26.81 29.54 7.69
CA LYS B 65 26.03 30.62 8.30
C LYS B 65 24.82 30.97 7.44
N LYS B 66 24.96 30.97 6.12
CA LYS B 66 23.78 31.25 5.30
C LYS B 66 22.68 30.23 5.53
N LEU B 67 23.07 28.95 5.59
CA LEU B 67 22.05 27.93 5.85
C LEU B 67 21.49 28.05 7.26
N ASN B 68 22.35 28.32 8.24
CA ASN B 68 21.90 28.53 9.62
C ASN B 68 20.84 29.63 9.71
N GLN B 69 21.13 30.78 9.07
CA GLN B 69 20.18 31.89 9.05
C GLN B 69 18.82 31.44 8.56
N PHE B 70 18.79 30.68 7.45
CA PHE B 70 17.49 30.19 6.95
C PHE B 70 16.79 29.28 7.97
N ILE B 71 17.55 28.34 8.54
CA ILE B 71 16.97 27.44 9.53
C ILE B 71 16.37 28.23 10.69
N LEU B 72 17.08 29.27 11.13
CA LEU B 72 16.63 30.03 12.30
C LEU B 72 15.43 30.89 11.95
N ARG B 73 15.34 31.42 10.71
CA ARG B 73 14.11 32.12 10.29
C ARG B 73 12.92 31.15 10.31
N GLU B 74 13.13 29.95 9.78
CA GLU B 74 12.04 28.97 9.78
C GLU B 74 11.65 28.58 11.19
N LYS B 75 12.64 28.36 12.06
CA LYS B 75 12.37 27.95 13.44
C LYS B 75 11.59 29.05 14.18
N ARG B 76 12.02 30.30 14.03
CA ARG B 76 11.29 31.38 14.69
C ARG B 76 9.87 31.50 14.14
N ALA B 77 9.67 31.29 12.83
CA ALA B 77 8.33 31.47 12.26
C ALA B 77 7.34 30.48 12.87
N ILE B 78 7.75 29.21 12.98
CA ILE B 78 6.80 28.22 13.50
C ILE B 78 6.57 28.42 15.00
N ILE B 79 7.63 28.74 15.75
CA ILE B 79 7.45 28.97 17.19
C ILE B 79 6.61 30.22 17.46
N GLU B 80 6.92 31.33 16.79
CA GLU B 80 6.16 32.55 17.03
C GLU B 80 4.70 32.37 16.64
N ASN B 81 4.43 31.59 15.59
CA ASN B 81 3.03 31.38 15.24
C ASN B 81 2.29 30.61 16.35
N SER B 82 2.89 29.51 16.83
CA SER B 82 2.27 28.76 17.93
C SER B 82 2.06 29.66 19.17
N ARG B 83 3.09 30.43 19.54
CA ARG B 83 3.06 31.22 20.78
C ARG B 83 2.06 32.39 20.68
N LEU B 84 2.17 33.16 19.62
CA LEU B 84 1.40 34.40 19.51
C LEU B 84 0.00 34.17 18.97
N ASN B 85 -0.16 33.17 18.11
CA ASN B 85 -1.49 32.80 17.65
C ASN B 85 -2.13 31.71 18.50
N LYS B 86 -1.48 31.30 19.60
CA LYS B 86 -2.13 30.50 20.65
C LYS B 86 -2.64 29.17 20.08
N THR B 87 -1.73 28.42 19.46
CA THR B 87 -2.10 27.13 18.85
C THR B 87 -0.99 26.12 19.19
N GLN B 88 -1.32 24.82 19.18
CA GLN B 88 -0.34 23.87 19.68
C GLN B 88 0.91 23.84 18.78
N TYR B 89 2.06 23.58 19.42
CA TYR B 89 3.36 23.42 18.74
C TYR B 89 3.49 22.00 18.22
N ILE B 90 3.26 21.86 16.93
CA ILE B 90 3.14 20.54 16.34
C ILE B 90 4.40 19.68 16.50
N PRO B 91 5.62 20.22 16.46
CA PRO B 91 6.78 19.34 16.67
C PRO B 91 6.78 18.63 18.00
N ALA B 92 6.00 19.09 18.98
CA ALA B 92 6.04 18.53 20.31
C ALA B 92 4.87 17.61 20.59
N VAL B 93 3.91 17.49 19.67
CA VAL B 93 2.75 16.65 19.98
C VAL B 93 3.07 15.19 19.65
N SER B 94 2.13 14.30 19.94
CA SER B 94 2.35 12.89 19.61
C SER B 94 2.87 12.72 18.18
N PHE B 95 3.88 11.86 18.01
CA PHE B 95 4.35 11.53 16.65
C PHE B 95 3.20 11.07 15.72
N PHE B 96 2.19 10.35 16.24
CA PHE B 96 1.04 10.00 15.41
C PHE B 96 0.45 11.21 14.70
N LEU B 97 0.43 12.33 15.38
CA LEU B 97 -0.12 13.54 14.78
C LEU B 97 0.94 14.38 14.07
N SER B 98 2.18 14.39 14.56
CA SER B 98 3.13 15.32 13.94
C SER B 98 3.79 14.78 12.69
N LYS B 99 3.86 13.45 12.52
CA LYS B 99 4.70 12.88 11.46
C LYS B 99 4.36 13.49 10.10
N SER B 100 3.07 13.43 9.76
CA SER B 100 2.65 13.86 8.43
C SER B 100 2.75 15.38 8.29
N GLN B 101 2.70 16.12 9.40
CA GLN B 101 2.80 17.58 9.32
C GLN B 101 4.25 18.04 9.17
N MET B 102 5.18 17.44 9.90
CA MET B 102 6.56 17.89 9.85
C MET B 102 7.18 17.61 8.49
N GLU B 103 6.75 16.54 7.80
CA GLU B 103 7.47 16.15 6.58
C GLU B 103 7.35 17.16 5.45
N SER B 104 6.38 18.08 5.51
CA SER B 104 6.26 19.08 4.45
C SER B 104 7.08 20.34 4.69
N THR B 105 7.85 20.40 5.83
CA THR B 105 8.44 21.69 6.18
C THR B 105 9.90 21.76 5.72
N PRO B 106 10.39 22.98 5.44
CA PRO B 106 11.82 23.10 5.08
C PRO B 106 12.78 22.56 6.12
N ILE B 107 12.56 22.78 7.42
CA ILE B 107 13.53 22.29 8.39
C ILE B 107 13.59 20.77 8.32
N PHE B 108 12.42 20.11 8.27
CA PHE B 108 12.45 18.65 8.15
C PHE B 108 13.19 18.21 6.89
N LYS B 109 12.95 18.86 5.76
CA LYS B 109 13.59 18.44 4.51
C LYS B 109 15.09 18.67 4.53
N ILE B 110 15.52 19.73 5.22
CA ILE B 110 16.96 19.94 5.40
C ILE B 110 17.56 18.82 6.23
N ILE B 111 16.92 18.50 7.36
CA ILE B 111 17.42 17.42 8.21
C ILE B 111 17.39 16.09 7.48
N LYS B 112 16.39 15.87 6.61
CA LYS B 112 16.35 14.64 5.83
C LYS B 112 17.58 14.53 4.95
N ASP B 113 17.94 15.65 4.28
CA ASP B 113 19.10 15.66 3.39
C ASP B 113 20.43 15.61 4.16
N MET B 114 20.43 16.08 5.42
CA MET B 114 21.66 16.21 6.19
C MET B 114 22.30 14.83 6.45
N PRO B 115 23.62 14.69 6.31
CA PRO B 115 24.24 13.43 6.78
C PRO B 115 24.16 13.36 8.30
N LYS B 116 23.73 12.18 8.81
CA LYS B 116 23.46 12.02 10.23
C LYS B 116 24.67 11.52 11.00
N GLY B 117 25.66 11.00 10.29
CA GLY B 117 26.76 10.33 10.95
C GLY B 117 26.34 8.91 11.27
N ALA B 118 25.96 8.67 12.51
CA ALA B 118 25.70 7.30 12.97
C ALA B 118 24.39 7.24 13.75
N ALA B 119 23.75 6.08 13.74
CA ALA B 119 22.66 5.76 14.63
C ALA B 119 23.24 4.74 15.59
N LEU B 120 23.39 5.13 16.87
CA LEU B 120 24.11 4.30 17.82
C LEU B 120 23.20 3.50 18.74
N HIS B 121 21.88 3.69 18.69
CA HIS B 121 20.98 2.95 19.58
C HIS B 121 19.82 2.45 18.72
N LEU B 122 19.89 1.17 18.36
CA LEU B 122 18.91 0.52 17.51
C LEU B 122 18.79 -0.91 17.94
N HIS B 123 17.64 -1.51 17.65
CA HIS B 123 17.42 -2.94 17.92
C HIS B 123 17.19 -3.67 16.58
N ASP B 124 17.87 -4.80 16.39
CA ASP B 124 17.87 -5.39 15.05
C ASP B 124 16.55 -6.03 14.60
N THR B 125 15.55 -6.19 15.47
CA THR B 125 14.26 -6.72 15.03
C THR B 125 13.23 -5.62 14.93
N ALA B 126 13.68 -4.37 14.97
CA ALA B 126 12.76 -3.23 15.03
C ALA B 126 13.23 -2.03 14.21
N SER B 127 14.20 -2.21 13.28
CA SER B 127 14.85 -1.07 12.64
C SER B 127 14.66 -1.11 11.14
N ALA B 128 13.79 -1.99 10.62
CA ALA B 128 13.44 -1.88 9.20
C ALA B 128 11.91 -1.80 9.06
N ARG B 129 11.42 -1.51 7.85
CA ARG B 129 10.01 -1.22 7.65
C ARG B 129 9.11 -2.42 7.86
N ILE B 130 8.00 -2.23 8.59
CA ILE B 130 6.93 -3.22 8.61
C ILE B 130 6.44 -3.51 7.18
N ASP B 131 6.41 -2.47 6.33
CA ASP B 131 6.00 -2.67 4.91
C ASP B 131 6.87 -3.72 4.21
N TRP B 132 8.15 -3.84 4.60
CA TRP B 132 9.03 -4.86 4.01
C TRP B 132 8.68 -6.24 4.58
N ILE B 133 8.41 -6.33 5.88
CA ILE B 133 7.88 -7.58 6.46
C ILE B 133 6.64 -8.03 5.70
N VAL B 134 5.75 -7.10 5.35
CA VAL B 134 4.52 -7.50 4.68
C VAL B 134 4.75 -7.81 3.20
N SER B 135 5.35 -6.88 2.44
CA SER B 135 5.45 -7.00 0.99
CA SER B 135 5.41 -7.05 1.00
C SER B 135 6.50 -8.02 0.57
N ASN B 136 7.53 -8.25 1.39
CA ASN B 136 8.55 -9.24 1.10
C ASN B 136 8.43 -10.50 1.95
N ALA B 137 8.52 -10.39 3.28
CA ALA B 137 8.62 -11.63 4.07
C ALA B 137 7.32 -12.43 4.02
N THR B 138 6.14 -11.78 4.11
CA THR B 138 4.93 -12.63 4.09
C THR B 138 4.54 -13.09 2.70
N TYR B 139 5.31 -12.75 1.66
CA TYR B 139 5.11 -13.37 0.37
C TYR B 139 6.01 -14.59 0.15
N ARG B 140 6.84 -14.94 1.13
CA ARG B 140 7.71 -16.11 0.98
C ARG B 140 6.97 -17.41 1.28
N ASP B 141 7.49 -18.51 0.75
CA ASP B 141 6.84 -19.80 0.96
C ASP B 141 6.89 -20.18 2.44
N HIS B 142 5.88 -20.92 2.89
CA HIS B 142 5.84 -21.56 4.22
C HIS B 142 5.61 -20.57 5.35
N VAL B 143 5.07 -19.38 5.07
CA VAL B 143 4.72 -18.41 6.11
C VAL B 143 3.28 -18.64 6.54
N TYR B 144 3.05 -18.66 7.85
CA TYR B 144 1.76 -18.91 8.47
C TYR B 144 1.37 -17.71 9.34
N MET B 145 0.06 -17.51 9.52
CA MET B 145 -0.47 -16.45 10.38
C MET B 145 -1.52 -17.06 11.30
N CYS B 146 -1.73 -16.43 12.46
CA CYS B 146 -2.88 -16.84 13.26
C CYS B 146 -3.36 -15.61 14.04
N MET B 147 -4.60 -15.63 14.50
CA MET B 147 -5.10 -14.58 15.41
C MET B 147 -4.97 -15.10 16.83
N ASP B 148 -4.26 -14.35 17.69
CA ASP B 148 -4.03 -14.84 19.04
C ASP B 148 -5.22 -14.47 19.94
N GLN B 149 -5.12 -14.82 21.22
CA GLN B 149 -6.26 -14.65 22.10
C GLN B 149 -6.52 -13.19 22.42
N ASP B 150 -5.58 -12.32 22.11
CA ASP B 150 -5.74 -10.89 22.31
C ASP B 150 -6.20 -10.19 21.05
N ASN B 151 -6.51 -10.95 20.00
CA ASN B 151 -6.97 -10.47 18.69
C ASN B 151 -5.88 -9.71 17.95
N PHE B 152 -4.64 -10.19 18.01
CA PHE B 152 -3.54 -9.68 17.19
C PHE B 152 -3.04 -10.78 16.26
N VAL B 153 -2.65 -10.40 15.02
CA VAL B 153 -2.05 -11.38 14.12
C VAL B 153 -0.63 -11.74 14.57
N ARG B 154 -0.29 -13.03 14.49
CA ARG B 154 1.09 -13.50 14.65
C ARG B 154 1.55 -14.13 13.34
N LEU B 155 2.85 -13.99 13.04
CA LEU B 155 3.43 -14.58 11.82
C LEU B 155 4.57 -15.52 12.17
N THR B 156 4.68 -16.64 11.44
CA THR B 156 5.85 -17.50 11.65
C THR B 156 6.13 -18.28 10.37
N VAL B 157 7.18 -19.12 10.39
CA VAL B 157 7.58 -19.96 9.25
C VAL B 157 7.64 -21.41 9.72
N SER B 158 7.11 -22.32 8.91
CA SER B 158 7.20 -23.75 9.20
C SER B 158 7.30 -24.49 7.88
N GLY B 159 8.44 -25.13 7.67
CA GLY B 159 8.69 -25.91 6.47
C GLY B 159 8.02 -27.26 6.42
N THR B 160 7.55 -27.80 7.57
CA THR B 160 6.90 -29.12 7.56
C THR B 160 5.54 -29.03 8.25
N GLY B 161 4.52 -28.61 7.51
CA GLY B 161 3.17 -28.56 8.01
C GLY B 161 2.93 -27.31 8.83
N PRO B 162 1.67 -27.05 9.17
CA PRO B 162 1.37 -25.91 10.00
C PRO B 162 1.91 -26.16 11.41
N PRO B 163 2.30 -25.11 12.10
CA PRO B 163 2.63 -25.27 13.53
C PRO B 163 1.42 -25.81 14.29
N ALA B 164 1.68 -26.36 15.47
CA ALA B 164 0.59 -26.85 16.31
C ALA B 164 -0.34 -25.70 16.70
N ASN B 165 -1.63 -26.00 16.75
CA ASN B 165 -2.66 -25.05 17.18
C ASN B 165 -2.57 -24.82 18.69
N SER B 166 -1.48 -24.20 19.17
CA SER B 166 -1.34 -23.97 20.60
C SER B 166 -1.73 -22.53 20.87
N GLY B 167 -2.99 -22.31 21.20
CA GLY B 167 -3.49 -20.99 21.52
C GLY B 167 -3.90 -20.17 20.31
N CYS B 168 -3.66 -20.66 19.10
CA CYS B 168 -4.21 -20.03 17.93
C CYS B 168 -4.23 -21.04 16.80
N GLU B 169 -4.99 -20.73 15.77
CA GLU B 169 -5.16 -21.61 14.62
C GLU B 169 -4.31 -21.05 13.49
N TRP B 170 -3.20 -21.72 13.18
CA TRP B 170 -2.32 -21.25 12.10
C TRP B 170 -2.90 -21.55 10.71
N LYS B 171 -2.76 -20.58 9.83
CA LYS B 171 -3.22 -20.67 8.46
C LYS B 171 -2.11 -20.21 7.54
N LEU B 172 -2.00 -20.86 6.36
CA LEU B 172 -0.98 -20.44 5.39
C LEU B 172 -1.33 -19.04 4.82
N VAL B 173 -0.38 -18.10 4.91
CA VAL B 173 -0.64 -16.73 4.46
C VAL B 173 -0.96 -16.71 2.96
N GLU B 174 -0.30 -17.56 2.18
CA GLU B 174 -0.56 -17.58 0.73
C GLU B 174 -2.03 -17.85 0.43
N THR B 175 -2.62 -18.83 1.12
CA THR B 175 -4.03 -19.14 0.97
C THR B 175 -4.92 -18.00 1.47
N GLU B 176 -4.65 -17.48 2.67
CA GLU B 176 -5.51 -16.42 3.20
C GLU B 176 -5.49 -15.20 2.28
N ARG B 177 -4.31 -14.82 1.80
CA ARG B 177 -4.23 -13.68 0.86
C ARG B 177 -5.00 -13.98 -0.42
N ALA B 178 -4.83 -15.20 -0.98
CA ALA B 178 -5.46 -15.53 -2.26
C ALA B 178 -6.97 -15.60 -2.15
N ASN B 179 -7.51 -15.89 -0.96
CA ASN B 179 -8.95 -15.98 -0.73
C ASN B 179 -9.54 -14.68 -0.21
N SER B 180 -8.74 -13.61 -0.09
CA SER B 180 -9.22 -12.41 0.62
C SER B 180 -10.23 -11.62 -0.20
N GLY B 181 -10.18 -11.70 -1.52
CA GLY B 181 -11.03 -10.88 -2.36
C GLY B 181 -10.54 -9.45 -2.50
N ASP B 182 -9.52 -9.05 -1.75
CA ASP B 182 -8.95 -7.71 -1.90
C ASP B 182 -7.55 -7.82 -1.31
N ILE B 183 -6.58 -8.07 -2.18
CA ILE B 183 -5.23 -8.28 -1.66
C ILE B 183 -4.63 -7.00 -1.09
N ALA B 184 -4.87 -5.85 -1.73
CA ALA B 184 -4.36 -4.59 -1.18
C ALA B 184 -4.87 -4.37 0.25
N ALA B 185 -6.16 -4.62 0.48
CA ALA B 185 -6.75 -4.46 1.81
C ALA B 185 -6.20 -5.50 2.79
N PHE B 186 -5.94 -6.71 2.31
CA PHE B 186 -5.34 -7.75 3.16
C PHE B 186 -3.93 -7.35 3.62
N ASP B 187 -3.09 -6.89 2.69
CA ASP B 187 -1.73 -6.49 3.06
C ASP B 187 -1.75 -5.23 3.95
N HIS B 188 -2.64 -4.28 3.64
CA HIS B 188 -2.79 -3.12 4.53
C HIS B 188 -3.20 -3.55 5.93
N TRP B 189 -4.14 -4.50 6.01
CA TRP B 189 -4.59 -4.97 7.32
C TRP B 189 -3.43 -5.55 8.10
N LEU B 190 -2.56 -6.35 7.45
CA LEU B 190 -1.39 -6.88 8.15
C LEU B 190 -0.55 -5.75 8.73
N LYS B 191 -0.24 -4.77 7.89
CA LYS B 191 0.53 -3.63 8.36
C LYS B 191 -0.17 -2.92 9.51
N SER B 192 -1.48 -2.69 9.39
CA SER B 192 -2.21 -1.94 10.41
CA SER B 192 -2.17 -1.91 10.41
C SER B 192 -2.25 -2.69 11.73
N ASN B 193 -2.24 -4.03 11.66
CA ASN B 193 -2.36 -4.83 12.88
C ASN B 193 -1.05 -4.97 13.59
N ILE B 194 0.05 -4.63 12.90
CA ILE B 194 1.37 -4.82 13.47
C ILE B 194 1.98 -3.48 13.93
N SER B 195 1.67 -2.37 13.22
CA SER B 195 2.27 -1.07 13.53
C SER B 195 1.72 -0.44 14.81
N LEU B 196 2.61 0.20 15.57
CA LEU B 196 2.12 0.99 16.71
C LEU B 196 1.66 2.39 16.30
N LEU B 197 1.81 2.77 15.05
CA LEU B 197 1.33 4.09 14.62
C LEU B 197 0.01 4.00 13.87
N THR B 198 -0.70 2.86 13.95
CA THR B 198 -1.96 2.79 13.20
C THR B 198 -2.98 3.72 13.81
N THR B 199 -2.96 3.80 15.14
CA THR B 199 -3.71 4.75 15.94
C THR B 199 -2.70 5.47 16.80
N ASP B 200 -3.13 6.57 17.42
CA ASP B 200 -2.24 7.26 18.36
C ASP B 200 -2.02 6.47 19.65
N PRO B 201 -0.82 5.96 19.94
CA PRO B 201 -0.63 5.16 21.17
C PRO B 201 -0.94 5.94 22.44
N LEU B 202 -0.77 7.25 22.42
CA LEU B 202 -1.06 8.06 23.62
C LEU B 202 -2.55 8.06 23.92
N VAL B 203 -3.37 7.80 22.91
CA VAL B 203 -4.81 7.72 23.07
C VAL B 203 -5.26 6.26 23.29
N THR B 204 -4.77 5.36 22.45
CA THR B 204 -5.25 3.97 22.47
C THR B 204 -4.72 3.18 23.64
N TYR B 205 -3.49 3.47 24.08
CA TYR B 205 -2.83 2.72 25.14
C TYR B 205 -2.38 3.74 26.17
N PRO B 206 -3.32 4.38 26.89
CA PRO B 206 -3.01 5.65 27.57
C PRO B 206 -2.36 5.50 28.96
N SER B 207 -1.40 4.58 29.08
CA SER B 207 -0.56 4.50 30.27
C SER B 207 0.72 3.79 29.87
N LEU B 208 1.71 3.87 30.76
CA LEU B 208 3.00 3.23 30.53
C LEU B 208 2.82 1.73 30.35
N ASP B 209 2.04 1.11 31.22
CA ASP B 209 2.01 -0.34 31.14
C ASP B 209 1.04 -0.81 30.04
N LYS B 210 0.02 0.00 29.68
CA LYS B 210 -0.75 -0.35 28.47
C LYS B 210 0.09 -0.26 27.19
N VAL B 211 0.91 0.80 27.05
CA VAL B 211 1.65 0.91 25.79
C VAL B 211 2.79 -0.10 25.78
N TRP B 212 3.38 -0.39 26.94
CA TRP B 212 4.38 -1.46 27.00
C TRP B 212 3.75 -2.82 26.69
N GLY B 213 2.49 -3.05 27.07
CA GLY B 213 1.82 -4.29 26.68
C GLY B 213 1.72 -4.38 25.16
N ARG B 214 1.35 -3.24 24.52
CA ARG B 214 1.24 -3.22 23.04
C ARG B 214 2.61 -3.41 22.37
N PHE B 215 3.64 -2.75 22.92
CA PHE B 215 5.00 -2.86 22.38
C PHE B 215 5.52 -4.29 22.49
N ASP B 216 5.43 -4.88 23.69
CA ASP B 216 5.75 -6.31 23.84
C ASP B 216 4.96 -7.14 22.82
N LYS B 217 3.67 -6.82 22.65
CA LYS B 217 2.84 -7.63 21.75
C LYS B 217 3.39 -7.55 20.32
N HIS B 218 3.81 -6.36 19.90
CA HIS B 218 4.39 -6.22 18.57
C HIS B 218 5.55 -7.21 18.35
N PHE B 219 6.47 -7.28 19.31
CA PHE B 219 7.57 -8.25 19.15
C PHE B 219 7.06 -9.69 19.08
N SER B 220 6.04 -10.04 19.88
CA SER B 220 5.45 -11.38 19.81
CA SER B 220 5.50 -11.40 19.79
C SER B 220 4.87 -11.66 18.42
N GLN B 221 4.28 -10.63 17.81
CA GLN B 221 3.62 -10.81 16.50
C GLN B 221 4.64 -11.15 15.46
N LEU B 222 5.83 -10.54 15.54
CA LEU B 222 6.82 -10.80 14.48
C LEU B 222 7.86 -11.86 14.83
N ARG B 223 7.90 -12.35 16.08
CA ARG B 223 9.06 -13.14 16.51
C ARG B 223 9.28 -14.38 15.63
N GLY B 224 8.21 -15.14 15.37
CA GLY B 224 8.37 -16.34 14.54
C GLY B 224 8.97 -16.03 13.18
N ILE B 225 8.40 -15.06 12.46
CA ILE B 225 8.87 -14.86 11.09
C ILE B 225 10.26 -14.23 11.08
N ILE B 226 10.55 -13.35 12.06
CA ILE B 226 11.77 -12.57 11.92
C ILE B 226 12.96 -13.34 12.43
N TYR B 227 12.75 -14.49 13.10
CA TYR B 227 13.89 -15.33 13.49
C TYR B 227 14.19 -16.43 12.47
N HIS B 228 13.43 -16.52 11.37
CA HIS B 228 13.73 -17.47 10.30
C HIS B 228 14.96 -16.99 9.56
N THR B 229 16.00 -17.81 9.46
CA THR B 229 17.32 -17.32 9.06
C THR B 229 17.37 -16.48 7.79
N PRO B 230 16.84 -16.91 6.63
CA PRO B 230 16.99 -16.07 5.42
C PRO B 230 16.20 -14.78 5.50
N ILE B 231 15.07 -14.79 6.23
CA ILE B 231 14.35 -13.52 6.48
C ILE B 231 15.16 -12.62 7.39
N ARG B 232 15.73 -13.18 8.46
CA ARG B 232 16.55 -12.39 9.38
C ARG B 232 17.75 -11.78 8.66
N ARG B 233 18.44 -12.58 7.87
CA ARG B 233 19.54 -12.07 7.04
C ARG B 233 19.09 -10.87 6.18
N ASP B 234 17.97 -11.04 5.44
CA ASP B 234 17.54 -10.01 4.51
C ASP B 234 16.98 -8.80 5.24
N TYR B 235 16.39 -9.00 6.43
CA TYR B 235 15.92 -7.89 7.23
C TYR B 235 17.08 -7.04 7.71
N TYR B 236 18.16 -7.68 8.17
CA TYR B 236 19.32 -6.90 8.57
C TYR B 236 19.90 -6.14 7.39
N ARG B 237 19.96 -6.80 6.21
CA ARG B 237 20.35 -6.05 5.02
C ARG B 237 19.44 -4.83 4.78
N GLN B 238 18.12 -4.99 4.98
CA GLN B 238 17.22 -3.85 4.78
C GLN B 238 17.47 -2.74 5.81
N ILE B 239 17.87 -3.10 7.04
CA ILE B 239 18.26 -2.05 7.98
C ILE B 239 19.38 -1.22 7.38
N LEU B 240 20.43 -1.88 6.87
CA LEU B 240 21.55 -1.11 6.32
C LEU B 240 21.09 -0.26 5.13
N GLU B 241 20.27 -0.83 4.23
CA GLU B 241 19.78 -0.08 3.09
CA GLU B 241 19.79 -0.08 3.08
C GLU B 241 18.99 1.15 3.51
N GLU B 242 18.05 0.97 4.44
CA GLU B 242 17.20 2.09 4.84
C GLU B 242 18.01 3.16 5.55
N PHE B 243 18.94 2.75 6.42
CA PHE B 243 19.73 3.77 7.15
C PHE B 243 20.63 4.51 6.19
N ARG B 244 21.22 3.81 5.21
CA ARG B 244 21.98 4.54 4.19
C ARG B 244 21.09 5.49 3.41
N SER B 245 19.85 5.08 3.13
CA SER B 245 18.98 5.94 2.35
CA SER B 245 18.94 5.92 2.37
C SER B 245 18.59 7.21 3.11
N ASP B 246 18.63 7.19 4.44
CA ASP B 246 18.35 8.38 5.24
C ASP B 246 19.63 9.14 5.55
N ASN B 247 20.70 8.86 4.80
CA ASN B 247 22.01 9.53 4.92
CA ASN B 247 22.00 9.53 4.92
C ASN B 247 22.65 9.27 6.29
N VAL B 248 22.54 8.01 6.76
CA VAL B 248 23.25 7.55 7.93
C VAL B 248 24.38 6.67 7.40
N GLN B 249 25.65 6.93 7.81
CA GLN B 249 26.74 6.17 7.21
C GLN B 249 27.22 5.03 8.10
N TYR B 250 26.73 4.92 9.32
CA TYR B 250 27.28 3.95 10.25
C TYR B 250 26.22 3.61 11.28
N VAL B 251 26.15 2.33 11.68
CA VAL B 251 25.23 1.92 12.74
C VAL B 251 25.91 1.04 13.78
N GLU B 252 25.45 1.16 15.02
CA GLU B 252 25.72 0.17 16.08
C GLU B 252 24.38 -0.39 16.53
N VAL B 253 24.25 -1.73 16.53
CA VAL B 253 22.95 -2.38 16.57
C VAL B 253 22.93 -3.38 17.74
N ARG B 254 21.92 -3.31 18.59
CA ARG B 254 21.70 -4.36 19.59
C ARG B 254 21.05 -5.58 18.90
N SER B 255 21.54 -6.78 19.24
CA SER B 255 20.99 -8.02 18.68
C SER B 255 21.09 -9.12 19.73
N SER B 256 20.07 -9.94 19.83
CA SER B 256 20.17 -11.15 20.67
CA SER B 256 20.19 -11.14 20.67
C SER B 256 21.09 -12.22 20.06
N LEU B 257 21.28 -12.20 18.73
CA LEU B 257 22.18 -13.03 17.93
C LEU B 257 21.74 -14.49 17.76
N SER B 258 20.88 -14.99 18.64
CA SER B 258 20.77 -16.44 18.80
C SER B 258 19.42 -16.94 18.34
N GLY B 259 19.38 -18.21 17.92
CA GLY B 259 18.10 -18.82 17.63
C GLY B 259 17.58 -18.68 16.23
N TYR B 260 18.38 -18.22 15.28
CA TYR B 260 17.90 -18.12 13.89
C TYR B 260 17.66 -19.53 13.35
N TYR B 261 16.52 -19.77 12.74
CA TYR B 261 16.22 -21.15 12.38
C TYR B 261 15.93 -21.29 10.88
N ASP B 262 16.33 -22.44 10.35
CA ASP B 262 16.19 -22.76 8.93
C ASP B 262 14.86 -23.49 8.68
N LEU B 263 14.54 -23.64 7.37
CA LEU B 263 13.32 -24.35 7.00
C LEU B 263 13.33 -25.79 7.53
N ASP B 264 14.49 -26.45 7.49
CA ASP B 264 14.55 -27.84 7.99
C ASP B 264 14.59 -27.92 9.50
N GLY B 265 14.48 -26.79 10.19
CA GLY B 265 14.42 -26.75 11.65
C GLY B 265 15.76 -26.61 12.37
N THR B 266 16.89 -26.57 11.66
CA THR B 266 18.16 -26.22 12.27
C THR B 266 18.08 -24.88 12.99
N VAL B 267 18.54 -24.86 14.25
CA VAL B 267 18.56 -23.65 15.05
C VAL B 267 20.01 -23.29 15.24
N HIS B 268 20.35 -22.04 14.89
CA HIS B 268 21.73 -21.59 14.90
C HIS B 268 22.10 -20.95 16.23
N ASP B 269 23.40 -20.93 16.52
CA ASP B 269 23.93 -20.40 17.77
C ASP B 269 24.30 -18.93 17.61
N PRO B 270 24.70 -18.27 18.71
CA PRO B 270 24.95 -16.81 18.62
C PRO B 270 26.12 -16.47 17.73
N GLU B 271 27.18 -17.29 17.75
CA GLU B 271 28.32 -16.96 16.90
C GLU B 271 27.92 -17.02 15.41
N TYR B 272 27.09 -18.00 15.02
CA TYR B 272 26.55 -18.00 13.66
C TYR B 272 25.79 -16.71 13.33
N GLY B 273 24.88 -16.28 14.22
CA GLY B 273 24.17 -15.03 13.95
C GLY B 273 25.10 -13.85 13.75
N LEU B 274 26.15 -13.78 14.58
CA LEU B 274 27.14 -12.69 14.47
C LEU B 274 27.89 -12.79 13.15
N GLN B 275 28.28 -13.99 12.75
CA GLN B 275 28.99 -14.17 11.48
C GLN B 275 28.10 -13.79 10.30
N LEU B 276 26.81 -14.12 10.38
CA LEU B 276 25.86 -13.78 9.34
C LEU B 276 25.79 -12.26 9.16
N TYR B 277 25.66 -11.53 10.27
CA TYR B 277 25.63 -10.07 10.17
C TYR B 277 26.96 -9.53 9.67
N LYS B 278 28.06 -10.16 10.08
CA LYS B 278 29.36 -9.68 9.62
C LYS B 278 29.47 -9.81 8.10
N ALA B 279 28.99 -10.92 7.57
CA ALA B 279 29.09 -11.15 6.12
C ALA B 279 28.19 -10.19 5.35
N VAL B 280 26.96 -9.99 5.84
CA VAL B 280 26.08 -8.99 5.21
C VAL B 280 26.75 -7.60 5.24
N THR B 281 27.28 -7.20 6.39
CA THR B 281 27.86 -5.84 6.50
C THR B 281 29.04 -5.67 5.56
N GLU B 282 29.91 -6.66 5.51
CA GLU B 282 31.06 -6.59 4.62
C GLU B 282 30.63 -6.46 3.16
N GLU B 283 29.62 -7.24 2.74
CA GLU B 283 29.15 -7.15 1.35
CA GLU B 283 29.15 -7.15 1.35
C GLU B 283 28.53 -5.77 1.09
N PHE B 284 27.77 -5.26 2.06
CA PHE B 284 27.15 -3.94 1.92
C PHE B 284 28.20 -2.84 1.76
N VAL B 285 29.26 -2.87 2.58
CA VAL B 285 30.33 -1.88 2.47
C VAL B 285 31.09 -2.03 1.16
N ARG B 286 31.34 -3.28 0.71
CA ARG B 286 31.94 -3.49 -0.62
C ARG B 286 31.11 -2.81 -1.71
N THR B 287 29.79 -2.99 -1.64
CA THR B 287 28.86 -2.42 -2.63
C THR B 287 28.77 -0.91 -2.51
N TYR B 288 28.81 -0.38 -1.28
CA TYR B 288 28.61 1.05 -0.99
C TYR B 288 29.80 1.58 -0.21
N PRO B 289 30.89 1.97 -0.88
CA PRO B 289 32.04 2.47 -0.12
C PRO B 289 31.78 3.82 0.52
N ASP B 290 30.63 4.45 0.24
CA ASP B 290 30.25 5.68 0.94
C ASP B 290 29.64 5.40 2.31
N PHE B 291 29.60 4.13 2.71
CA PHE B 291 29.02 3.69 3.99
C PHE B 291 30.13 3.14 4.88
N SER B 292 30.22 3.63 6.14
CA SER B 292 31.30 3.22 7.04
C SER B 292 31.09 1.81 7.58
N GLY B 293 29.84 1.41 7.77
CA GLY B 293 29.66 0.03 8.25
C GLY B 293 28.83 -0.12 9.50
N ALA B 294 29.07 -1.19 10.25
CA ALA B 294 28.25 -1.55 11.41
C ALA B 294 29.08 -2.33 12.42
N LYS B 295 28.64 -2.25 13.68
CA LYS B 295 29.16 -3.09 14.75
C LYS B 295 27.97 -3.52 15.60
N ILE B 296 28.14 -4.63 16.37
CA ILE B 296 27.03 -5.30 17.02
C ILE B 296 27.23 -5.35 18.54
N ILE B 297 26.15 -5.07 19.29
CA ILE B 297 26.08 -5.22 20.75
C ILE B 297 25.14 -6.37 21.05
N LYS B 298 25.58 -7.36 21.84
CA LYS B 298 24.67 -8.45 22.25
C LYS B 298 23.68 -7.95 23.30
N SER B 299 22.40 -8.18 23.09
CA SER B 299 21.39 -7.78 24.07
C SER B 299 20.68 -9.00 24.63
N THR B 300 20.35 -8.93 25.92
CA THR B 300 19.56 -9.97 26.60
C THR B 300 18.46 -9.28 27.38
N ALA B 301 17.28 -9.89 27.41
CA ALA B 301 16.18 -9.28 28.16
C ALA B 301 16.42 -9.47 29.65
N ARG B 302 16.11 -8.41 30.42
CA ARG B 302 16.34 -8.33 31.86
C ARG B 302 15.19 -8.99 32.63
N VAL B 303 14.57 -9.99 32.01
CA VAL B 303 13.60 -10.85 32.68
C VAL B 303 14.17 -12.21 33.10
N LYS B 304 15.39 -12.54 32.68
CA LYS B 304 15.91 -13.88 32.90
C LYS B 304 16.59 -14.02 34.25
N PRO B 305 16.67 -15.23 34.79
CA PRO B 305 17.44 -15.44 36.01
C PRO B 305 18.88 -15.01 35.86
N ASN B 306 19.49 -14.71 37.01
CA ASN B 306 20.88 -14.29 37.01
C ASN B 306 21.80 -15.38 36.47
N THR B 307 21.51 -16.67 36.71
CA THR B 307 22.36 -17.75 36.18
C THR B 307 22.49 -17.67 34.66
N ASP B 308 21.39 -17.31 33.98
CA ASP B 308 21.44 -17.22 32.53
C ASP B 308 22.15 -15.96 32.06
N ILE B 309 21.99 -14.86 32.79
CA ILE B 309 22.74 -13.64 32.43
C ILE B 309 24.22 -13.91 32.57
N PHE B 310 24.61 -14.63 33.63
CA PHE B 310 26.01 -14.99 33.75
C PHE B 310 26.50 -15.66 32.48
N ASN B 311 25.70 -16.60 31.96
CA ASN B 311 26.14 -17.30 30.73
C ASN B 311 26.24 -16.32 29.55
N ASP B 312 25.34 -15.34 29.49
CA ASP B 312 25.43 -14.39 28.36
C ASP B 312 26.61 -13.44 28.50
N VAL B 313 27.01 -13.13 29.73
CA VAL B 313 28.24 -12.37 29.96
C VAL B 313 29.45 -13.18 29.49
N LYS B 314 29.50 -14.48 29.82
CA LYS B 314 30.62 -15.32 29.38
C LYS B 314 30.64 -15.43 27.86
N LEU B 315 29.45 -15.57 27.26
CA LEU B 315 29.34 -15.60 25.79
C LEU B 315 29.91 -14.34 25.18
N SER B 316 29.52 -13.19 25.75
CA SER B 316 29.96 -11.91 25.25
C SER B 316 31.45 -11.76 25.38
N MET B 317 32.03 -12.24 26.50
CA MET B 317 33.48 -12.17 26.68
C MET B 317 34.19 -12.90 25.55
N ASP B 318 33.67 -14.08 25.19
CA ASP B 318 34.30 -14.87 24.15
C ASP B 318 34.17 -14.21 22.78
N LEU B 319 32.97 -13.69 22.45
CA LEU B 319 32.82 -13.05 21.14
C LEU B 319 33.60 -11.73 21.07
N TYR B 320 33.75 -11.04 22.22
CA TYR B 320 34.54 -9.81 22.25
C TYR B 320 36.00 -10.13 22.00
N LYS B 321 36.48 -11.27 22.56
CA LYS B 321 37.87 -11.67 22.33
C LYS B 321 38.10 -12.06 20.88
N ARG B 322 37.15 -12.75 20.26
CA ARG B 322 37.43 -13.38 18.98
C ARG B 322 36.94 -12.58 17.79
N TYR B 323 36.08 -11.56 18.00
CA TYR B 323 35.58 -10.69 16.92
C TYR B 323 35.84 -9.24 17.29
N PRO B 324 37.10 -8.87 17.54
CA PRO B 324 37.37 -7.53 18.08
C PRO B 324 36.99 -6.41 17.13
N GLY B 325 37.06 -6.62 15.82
CA GLY B 325 36.55 -5.53 14.96
C GLY B 325 35.06 -5.22 15.05
N PHE B 326 34.26 -6.15 15.48
CA PHE B 326 32.83 -6.17 15.11
C PHE B 326 31.89 -6.35 16.28
N PHE B 327 32.27 -7.18 17.27
CA PHE B 327 31.48 -7.39 18.47
C PHE B 327 31.93 -6.40 19.54
N LEU B 328 30.98 -5.62 20.07
CA LEU B 328 31.29 -4.48 20.94
C LEU B 328 31.15 -4.78 22.43
N GLY B 329 30.24 -5.65 22.83
CA GLY B 329 29.94 -5.76 24.27
C GLY B 329 28.49 -6.15 24.47
N PHE B 330 27.96 -5.76 25.62
CA PHE B 330 26.74 -6.35 26.15
C PHE B 330 25.79 -5.28 26.66
N ASP B 331 24.47 -5.57 26.56
CA ASP B 331 23.42 -4.68 27.07
C ASP B 331 22.26 -5.54 27.59
N LEU B 332 21.53 -5.00 28.58
CA LEU B 332 20.32 -5.59 29.11
C LEU B 332 19.12 -4.76 28.66
N VAL B 333 18.12 -5.43 28.09
CA VAL B 333 17.00 -4.70 27.46
C VAL B 333 15.69 -5.22 28.02
N ALA B 334 14.58 -4.74 27.44
CA ALA B 334 13.20 -4.98 27.87
C ALA B 334 12.79 -4.00 28.95
N GLN B 335 11.51 -4.03 29.35
CA GLN B 335 10.98 -2.93 30.16
C GLN B 335 11.78 -2.77 31.44
N GLU B 336 12.18 -1.53 31.75
CA GLU B 336 13.11 -1.40 32.87
C GLU B 336 12.39 -1.38 34.21
N ASP B 337 11.19 -0.75 34.29
CA ASP B 337 10.61 -0.52 35.61
C ASP B 337 10.24 -1.81 36.36
N PRO B 338 9.58 -2.79 35.74
CA PRO B 338 9.08 -3.94 36.52
C PRO B 338 10.04 -5.12 36.58
N ASN B 339 11.18 -5.02 35.90
CA ASN B 339 12.05 -6.19 35.71
C ASN B 339 13.34 -6.01 36.52
N THR B 340 14.37 -6.78 36.21
CA THR B 340 15.49 -6.91 37.12
C THR B 340 16.45 -5.74 36.94
N SER B 341 16.95 -5.20 38.07
CA SER B 341 17.89 -4.09 38.07
C SER B 341 19.29 -4.58 37.69
N LEU B 342 20.15 -3.62 37.38
CA LEU B 342 21.55 -4.00 37.19
C LEU B 342 22.15 -4.57 38.46
N LEU B 343 21.80 -3.98 39.62
CA LEU B 343 22.30 -4.53 40.88
C LEU B 343 21.85 -5.98 41.08
N GLY B 344 20.64 -6.32 40.59
CA GLY B 344 20.15 -7.71 40.63
C GLY B 344 20.98 -8.69 39.82
N TYR B 345 21.82 -8.21 38.92
CA TYR B 345 22.75 -9.03 38.16
C TYR B 345 24.19 -8.71 38.48
N ILE B 346 24.47 -8.07 39.62
CA ILE B 346 25.76 -7.39 39.72
C ILE B 346 26.95 -8.37 39.71
N ASP B 347 26.82 -9.59 40.30
CA ASP B 347 27.95 -10.52 40.25
C ASP B 347 28.22 -10.99 38.85
N SER B 348 27.17 -11.19 38.04
CA SER B 348 27.39 -11.50 36.62
C SER B 348 28.10 -10.36 35.93
N LEU B 349 27.69 -9.11 36.23
CA LEU B 349 28.24 -8.01 35.44
C LEU B 349 29.65 -7.65 35.88
N LEU B 350 30.00 -7.91 37.16
CA LEU B 350 31.37 -7.68 37.59
C LEU B 350 32.29 -8.83 37.24
N TYR B 351 31.74 -9.97 36.78
CA TYR B 351 32.63 -11.11 36.59
C TYR B 351 33.81 -10.83 35.67
N PRO B 352 33.64 -10.16 34.51
CA PRO B 352 34.83 -9.90 33.68
C PRO B 352 35.92 -9.11 34.41
N SER B 353 35.58 -8.01 35.08
CA SER B 353 36.59 -7.21 35.76
C SER B 353 37.29 -7.97 36.87
N ARG B 354 36.67 -9.06 37.35
CA ARG B 354 37.22 -9.80 38.47
C ARG B 354 38.15 -10.91 38.04
N GLN B 355 38.24 -11.22 36.76
CA GLN B 355 39.10 -12.32 36.33
C GLN B 355 40.58 -11.96 36.53
N ASN B 356 41.42 -12.99 36.43
CA ASN B 356 42.87 -12.83 36.52
C ASN B 356 43.50 -13.40 35.24
N PRO B 357 43.95 -12.56 34.31
CA PRO B 357 43.91 -11.09 34.34
C PRO B 357 42.49 -10.56 34.05
N PRO B 358 42.21 -9.30 34.38
CA PRO B 358 40.87 -8.78 34.15
C PRO B 358 40.54 -8.75 32.66
N VAL B 359 39.25 -8.93 32.34
CA VAL B 359 38.70 -8.63 31.02
C VAL B 359 37.81 -7.40 31.17
N SER B 360 38.00 -6.40 30.31
CA SER B 360 37.14 -5.20 30.33
C SER B 360 36.02 -5.32 29.30
N LEU B 361 35.03 -6.18 29.61
CA LEU B 361 33.89 -6.35 28.67
C LEU B 361 33.09 -5.06 28.61
N PRO B 362 32.95 -4.43 27.45
CA PRO B 362 32.23 -3.14 27.38
C PRO B 362 30.75 -3.35 27.51
N TYR B 363 30.10 -2.35 28.13
CA TYR B 363 28.67 -2.36 28.37
C TYR B 363 28.04 -1.11 27.80
N TYR B 364 26.80 -1.27 27.35
CA TYR B 364 26.03 -0.21 26.73
C TYR B 364 24.65 -0.10 27.39
N PHE B 365 24.59 -0.10 28.72
CA PHE B 365 23.33 -0.34 29.42
C PHE B 365 22.21 0.66 29.07
N HIS B 366 21.07 0.15 28.60
CA HIS B 366 19.83 0.89 28.77
C HIS B 366 19.71 1.22 30.27
N ALA B 367 19.51 2.48 30.62
CA ALA B 367 19.45 2.77 32.05
C ALA B 367 18.69 4.07 32.32
N GLY B 368 17.88 4.06 33.38
CA GLY B 368 17.17 5.31 33.72
C GLY B 368 16.03 5.66 32.80
N GLU B 369 15.49 4.65 32.06
CA GLU B 369 14.36 4.87 31.17
C GLU B 369 13.10 4.88 31.99
N THR B 370 12.95 5.94 32.82
CA THR B 370 11.92 5.86 33.85
C THR B 370 11.55 7.27 34.29
N ASN B 371 10.33 7.41 34.81
CA ASN B 371 9.90 8.62 35.51
C ASN B 371 10.07 8.52 37.03
N TRP B 372 10.46 7.35 37.54
CA TRP B 372 10.66 7.18 38.98
C TRP B 372 11.91 7.91 39.44
N GLN B 373 11.93 8.26 40.73
CA GLN B 373 13.08 8.92 41.33
C GLN B 373 13.34 8.30 42.70
N GLY B 374 14.62 8.05 43.00
CA GLY B 374 15.02 7.49 44.27
C GLY B 374 14.65 6.03 44.40
N THR B 375 14.45 5.34 43.29
CA THR B 375 14.02 3.93 43.30
C THR B 375 15.10 3.05 42.70
N GLU B 376 14.84 1.73 42.79
CA GLU B 376 15.75 0.77 42.19
C GLU B 376 15.91 0.99 40.68
N VAL B 377 14.92 1.60 40.02
CA VAL B 377 15.03 1.75 38.56
C VAL B 377 15.98 2.89 38.20
N ASP B 378 15.75 4.10 38.72
CA ASP B 378 16.62 5.17 38.28
C ASP B 378 18.02 5.05 38.88
N TYR B 379 18.15 4.35 40.02
CA TYR B 379 19.49 4.08 40.52
C TYR B 379 20.26 3.13 39.63
N ASN B 380 19.62 2.49 38.63
CA ASN B 380 20.39 1.78 37.62
C ASN B 380 21.46 2.67 37.02
N LEU B 381 21.21 4.00 36.97
CA LEU B 381 22.20 4.92 36.42
C LEU B 381 23.48 4.90 37.22
N VAL B 382 23.36 4.82 38.55
CA VAL B 382 24.58 4.73 39.35
C VAL B 382 25.38 3.49 38.96
N ASP B 383 24.69 2.34 38.88
CA ASP B 383 25.45 1.12 38.60
C ASP B 383 26.02 1.12 37.19
N ALA B 384 25.32 1.77 36.24
CA ALA B 384 25.86 1.78 34.88
C ALA B 384 27.19 2.50 34.88
N LEU B 385 27.31 3.57 35.69
CA LEU B 385 28.58 4.30 35.71
C LEU B 385 29.66 3.51 36.45
N LEU B 386 29.31 2.84 37.55
CA LEU B 386 30.35 2.10 38.29
C LEU B 386 30.85 0.92 37.48
N LEU B 387 30.02 0.38 36.59
CA LEU B 387 30.42 -0.69 35.70
C LEU B 387 31.11 -0.17 34.45
N ASN B 388 31.40 1.14 34.38
CA ASN B 388 32.17 1.71 33.26
C ASN B 388 31.47 1.59 31.92
N ALA B 389 30.16 1.82 31.88
CA ALA B 389 29.46 1.76 30.62
C ALA B 389 30.10 2.73 29.62
N THR B 390 30.17 2.30 28.36
CA THR B 390 30.72 3.12 27.28
C THR B 390 29.72 4.22 26.86
N ARG B 391 28.45 3.86 26.78
CA ARG B 391 27.35 4.79 26.55
C ARG B 391 26.20 4.29 27.43
N ILE B 392 25.23 5.17 27.67
CA ILE B 392 24.00 4.89 28.40
C ILE B 392 22.82 5.01 27.44
N GLY B 393 21.91 4.02 27.48
CA GLY B 393 20.68 4.12 26.71
C GLY B 393 19.62 4.87 27.48
N HIS B 394 19.11 5.95 26.89
CA HIS B 394 17.96 6.77 27.31
C HIS B 394 18.40 7.77 28.38
N GLY B 395 18.73 7.27 29.58
CA GLY B 395 19.11 8.18 30.67
C GLY B 395 18.06 9.23 30.98
N PHE B 396 16.79 8.88 30.85
CA PHE B 396 15.73 9.89 31.02
C PHE B 396 15.73 10.44 32.43
N ALA B 397 16.00 9.60 33.42
CA ALA B 397 16.08 10.07 34.81
C ALA B 397 17.38 10.81 35.16
N LEU B 398 18.31 10.95 34.21
CA LEU B 398 19.64 11.42 34.57
C LEU B 398 19.62 12.85 35.15
N ILE B 399 18.73 13.73 34.66
CA ILE B 399 18.74 15.14 35.16
C ILE B 399 18.33 15.21 36.63
N LYS B 400 17.73 14.12 37.18
CA LYS B 400 17.44 14.09 38.62
C LYS B 400 18.64 13.64 39.46
N HIS B 401 19.78 13.36 38.85
CA HIS B 401 20.95 12.80 39.55
C HIS B 401 22.23 13.59 39.30
N PRO B 402 22.42 14.70 40.03
CA PRO B 402 23.57 15.60 39.76
C PRO B 402 24.94 14.94 39.88
N ARG B 403 25.14 14.03 40.87
CA ARG B 403 26.47 13.39 40.99
C ARG B 403 26.72 12.40 39.84
N VAL B 404 25.66 11.75 39.34
CA VAL B 404 25.83 10.87 38.18
C VAL B 404 26.18 11.71 36.93
N ILE B 405 25.50 12.87 36.77
CA ILE B 405 25.82 13.78 35.67
C ILE B 405 27.30 14.14 35.68
N GLU B 406 27.86 14.44 36.87
CA GLU B 406 29.28 14.78 36.93
C GLU B 406 30.14 13.67 36.32
N LEU B 407 29.81 12.41 36.65
CA LEU B 407 30.64 11.31 36.13
C LEU B 407 30.43 11.14 34.63
N VAL B 408 29.18 11.27 34.16
CA VAL B 408 28.91 11.17 32.74
C VAL B 408 29.76 12.17 31.96
N LYS B 409 29.79 13.42 32.44
CA LYS B 409 30.59 14.46 31.77
C LYS B 409 32.07 14.16 31.86
N SER B 410 32.56 13.81 33.06
CA SER B 410 34.02 13.76 33.20
C SER B 410 34.60 12.53 32.51
N ARG B 411 33.85 11.43 32.42
CA ARG B 411 34.29 10.22 31.70
C ARG B 411 33.92 10.24 30.23
N GLY B 412 33.09 11.19 29.78
CA GLY B 412 32.74 11.16 28.35
C GLY B 412 31.84 10.00 27.95
N VAL B 413 30.84 9.69 28.79
CA VAL B 413 29.90 8.59 28.55
C VAL B 413 28.69 9.19 27.85
N ALA B 414 28.56 8.97 26.54
CA ALA B 414 27.49 9.61 25.82
C ALA B 414 26.16 8.99 26.18
N VAL B 415 25.14 9.83 26.27
CA VAL B 415 23.77 9.38 26.53
C VAL B 415 23.07 9.23 25.19
N GLU B 416 22.50 8.04 24.91
CA GLU B 416 21.79 7.80 23.65
C GLU B 416 20.34 8.25 23.85
N VAL B 417 19.98 9.37 23.24
CA VAL B 417 18.69 9.99 23.47
C VAL B 417 17.77 9.60 22.31
N ASN B 418 16.61 8.99 22.63
CA ASN B 418 15.70 8.39 21.66
C ASN B 418 14.34 9.06 21.88
N PRO B 419 14.13 10.26 21.29
CA PRO B 419 12.97 11.07 21.73
C PRO B 419 11.61 10.51 21.33
N VAL B 420 11.44 10.03 20.08
CA VAL B 420 10.12 9.50 19.71
C VAL B 420 9.79 8.29 20.58
N SER B 421 10.76 7.41 20.76
CA SER B 421 10.59 6.25 21.64
C SER B 421 10.14 6.68 23.03
N ASN B 422 10.80 7.71 23.59
CA ASN B 422 10.47 8.06 24.98
C ASN B 422 9.08 8.66 25.07
N GLN B 423 8.63 9.36 24.02
CA GLN B 423 7.25 9.86 24.00
C GLN B 423 6.23 8.72 23.80
N LEU B 424 6.38 7.93 22.73
CA LEU B 424 5.40 6.88 22.46
C LEU B 424 5.38 5.81 23.58
N LEU B 425 6.53 5.49 24.19
CA LEU B 425 6.54 4.45 25.21
C LEU B 425 6.36 5.00 26.62
N GLY B 426 5.79 6.19 26.74
CA GLY B 426 5.12 6.55 27.99
C GLY B 426 5.91 7.30 29.03
N LEU B 427 7.01 7.96 28.67
CA LEU B 427 7.78 8.75 29.64
C LEU B 427 7.46 10.23 29.56
N VAL B 428 6.90 10.73 28.46
CA VAL B 428 6.65 12.17 28.37
C VAL B 428 5.58 12.37 27.31
N LYS B 429 4.80 13.48 27.42
CA LYS B 429 3.79 13.79 26.39
C LYS B 429 4.23 14.92 25.47
N ASP B 430 4.42 16.10 26.04
CA ASP B 430 4.95 17.23 25.27
C ASP B 430 6.47 17.09 25.22
N LEU B 431 7.02 16.92 24.02
CA LEU B 431 8.46 16.63 23.94
C LEU B 431 9.33 17.79 24.39
N ARG B 432 8.78 19.01 24.57
CA ARG B 432 9.62 20.05 25.20
C ARG B 432 9.87 19.77 26.68
N ASN B 433 9.15 18.85 27.28
CA ASN B 433 9.45 18.38 28.64
C ASN B 433 10.40 17.19 28.62
N HIS B 434 10.94 16.84 27.46
CA HIS B 434 11.90 15.74 27.44
C HIS B 434 13.11 16.05 28.35
N ALA B 435 13.46 15.08 29.23
CA ALA B 435 14.47 15.30 30.25
C ALA B 435 15.87 15.44 29.68
N ALA B 436 16.07 15.18 28.38
CA ALA B 436 17.39 15.47 27.81
C ALA B 436 17.57 16.94 27.47
N ALA B 437 16.51 17.76 27.38
CA ALA B 437 16.79 19.17 27.07
C ALA B 437 17.71 19.82 28.12
N PRO B 438 17.51 19.65 29.43
CA PRO B 438 18.46 20.25 30.39
C PRO B 438 19.87 19.60 30.35
N LEU B 439 19.97 18.34 29.90
CA LEU B 439 21.29 17.75 29.68
C LEU B 439 22.03 18.46 28.56
N LEU B 440 21.34 18.66 27.44
CA LEU B 440 22.01 19.35 26.33
C LEU B 440 22.38 20.78 26.70
N ALA B 441 21.58 21.43 27.55
CA ALA B 441 21.90 22.80 27.93
C ALA B 441 23.16 22.86 28.79
N GLN B 442 23.53 21.76 29.46
CA GLN B 442 24.81 21.76 30.15
C GLN B 442 25.90 20.98 29.43
N ASN B 443 25.71 20.68 28.17
CA ASN B 443 26.71 19.99 27.33
C ASN B 443 27.10 18.62 27.90
N VAL B 444 26.14 17.91 28.48
CA VAL B 444 26.27 16.45 28.63
C VAL B 444 26.45 15.82 27.26
N PRO B 445 27.35 14.84 27.08
CA PRO B 445 27.54 14.25 25.74
C PRO B 445 26.32 13.45 25.35
N VAL B 446 25.72 13.80 24.19
CA VAL B 446 24.47 13.18 23.74
C VAL B 446 24.65 12.75 22.30
N VAL B 447 24.07 11.59 21.95
CA VAL B 447 23.88 11.21 20.54
C VAL B 447 22.39 10.95 20.39
N ILE B 448 21.81 11.36 19.23
CA ILE B 448 20.38 11.12 18.97
C ILE B 448 20.27 9.80 18.25
N SER B 449 19.23 9.04 18.55
CA SER B 449 18.99 7.80 17.81
C SER B 449 17.50 7.51 17.77
N SER B 450 17.09 6.47 17.03
CA SER B 450 15.68 6.23 16.79
C SER B 450 15.11 5.01 17.51
N ASP B 451 15.96 4.12 18.04
CA ASP B 451 15.59 2.96 18.88
C ASP B 451 14.87 1.84 18.13
N ASP B 452 13.58 2.03 17.81
CA ASP B 452 12.74 1.01 17.19
C ASP B 452 11.92 1.63 16.07
N PRO B 453 12.59 2.32 15.13
CA PRO B 453 11.82 3.12 14.15
C PRO B 453 10.85 2.30 13.32
N GLY B 454 11.16 1.02 13.04
CA GLY B 454 10.23 0.23 12.26
C GLY B 454 8.92 -0.03 12.99
N VAL B 455 8.96 -0.07 14.33
CA VAL B 455 7.76 -0.41 15.09
C VAL B 455 6.70 0.64 14.93
N TRP B 456 7.09 1.93 14.78
CA TRP B 456 6.10 3.00 14.75
C TRP B 456 6.31 3.90 13.53
N GLU B 457 6.86 3.32 12.47
CA GLU B 457 6.85 3.91 11.12
C GLU B 457 7.73 5.17 11.01
N ALA B 458 8.77 5.28 11.82
CA ALA B 458 9.67 6.42 11.75
C ALA B 458 10.78 6.11 10.76
N LEU B 459 11.42 7.16 10.24
CA LEU B 459 12.64 7.01 9.44
C LEU B 459 13.80 6.54 10.32
N PRO B 460 14.88 6.08 9.72
CA PRO B 460 16.05 5.70 10.54
C PRO B 460 16.52 6.78 11.53
N MET B 461 16.59 8.02 11.09
CA MET B 461 17.09 9.10 11.95
C MET B 461 16.38 10.44 11.79
N SER B 462 15.78 10.75 10.63
CA SER B 462 15.39 12.14 10.39
C SER B 462 14.23 12.60 11.30
N HIS B 463 13.29 11.72 11.61
CA HIS B 463 12.20 12.16 12.48
C HIS B 463 12.71 12.45 13.89
N ASP B 464 13.56 11.56 14.45
CA ASP B 464 14.08 11.80 15.80
C ASP B 464 15.00 13.01 15.82
N MET B 465 15.80 13.20 14.75
CA MET B 465 16.67 14.39 14.72
C MET B 465 15.86 15.68 14.62
N TYR B 466 14.79 15.66 13.83
CA TYR B 466 13.88 16.79 13.79
C TYR B 466 13.26 17.07 15.16
N VAL B 467 12.71 16.05 15.83
CA VAL B 467 12.07 16.37 17.12
C VAL B 467 13.12 16.79 18.15
N ALA B 468 14.33 16.22 18.12
CA ALA B 468 15.35 16.72 19.06
C ALA B 468 15.68 18.17 18.76
N PHE B 469 15.83 18.50 17.48
CA PHE B 469 16.15 19.87 17.08
C PHE B 469 15.06 20.87 17.46
N MET B 470 13.80 20.48 17.34
CA MET B 470 12.70 21.42 17.51
C MET B 470 12.20 21.46 18.95
N ASP B 471 12.48 20.44 19.73
CA ASP B 471 11.87 20.33 21.06
C ASP B 471 12.88 20.29 22.20
N LEU B 472 14.11 19.85 21.97
CA LEU B 472 15.07 19.61 23.06
C LEU B 472 16.14 20.69 23.13
N VAL B 473 16.12 21.65 22.19
CA VAL B 473 16.97 22.84 22.22
C VAL B 473 16.10 24.01 21.80
N GLY B 474 16.64 25.23 21.95
CA GLY B 474 15.79 26.40 21.89
C GLY B 474 15.61 27.03 20.49
N GLU B 475 14.77 28.06 20.47
CA GLU B 475 14.45 28.79 19.22
C GLU B 475 15.68 29.39 18.58
N ASP B 476 16.69 29.75 19.39
CA ASP B 476 17.88 30.39 18.91
C ASP B 476 19.04 29.39 18.74
N ALA B 477 18.74 28.09 18.75
CA ALA B 477 19.74 27.06 18.50
C ALA B 477 19.56 26.53 17.08
N GLY B 478 20.62 26.57 16.27
CA GLY B 478 20.50 26.30 14.85
C GLY B 478 21.44 25.20 14.34
N LEU B 479 22.09 25.47 13.20
CA LEU B 479 22.87 24.44 12.53
C LEU B 479 24.04 23.97 13.38
N ASP B 480 24.52 24.84 14.29
CA ASP B 480 25.63 24.39 15.13
C ASP B 480 25.23 23.24 16.05
N VAL B 481 23.98 23.23 16.57
CA VAL B 481 23.55 22.06 17.37
C VAL B 481 23.49 20.79 16.52
N LEU B 482 22.85 20.89 15.34
CA LEU B 482 22.78 19.74 14.42
C LEU B 482 24.17 19.22 14.10
N LYS B 483 25.08 20.12 13.74
CA LYS B 483 26.43 19.68 13.38
C LYS B 483 27.10 18.99 14.57
N GLN B 484 26.90 19.53 15.80
CA GLN B 484 27.55 18.88 16.94
C GLN B 484 26.98 17.50 17.20
N LEU B 485 25.64 17.37 17.16
CA LEU B 485 25.02 16.07 17.40
C LEU B 485 25.48 15.03 16.36
N VAL B 486 25.54 15.44 15.08
CA VAL B 486 26.04 14.59 14.00
C VAL B 486 27.48 14.17 14.26
N TRP B 487 28.39 15.13 14.56
CA TRP B 487 29.76 14.74 14.90
C TRP B 487 29.82 13.85 16.13
N ASN B 488 29.01 14.15 17.15
CA ASN B 488 29.03 13.30 18.36
C ASN B 488 28.75 11.86 18.01
N SER B 489 27.87 11.64 17.03
CA SER B 489 27.49 10.26 16.76
C SER B 489 28.65 9.42 16.20
N ILE B 490 29.70 10.05 15.65
CA ILE B 490 30.91 9.31 15.28
C ILE B 490 31.95 9.38 16.40
N GLN B 491 32.10 10.55 17.01
CA GLN B 491 33.09 10.69 18.09
C GLN B 491 32.81 9.76 19.28
N TYR B 492 31.55 9.52 19.61
CA TYR B 492 31.19 8.67 20.74
C TYR B 492 30.77 7.29 20.27
N SER B 493 30.99 7.01 18.99
CA SER B 493 30.83 5.63 18.53
C SER B 493 31.93 4.79 19.14
N SER B 494 31.87 3.47 18.92
CA SER B 494 32.94 2.61 19.40
C SER B 494 33.98 2.30 18.34
N MET B 495 34.11 3.13 17.30
CA MET B 495 35.21 2.97 16.36
C MET B 495 36.55 3.17 17.06
N ASN B 496 37.59 2.48 16.56
CA ASN B 496 38.94 2.79 17.03
C ASN B 496 39.44 4.08 16.39
N ALA B 497 40.65 4.52 16.78
CA ALA B 497 41.08 5.86 16.41
C ALA B 497 41.20 6.00 14.90
N THR B 498 41.75 4.96 14.24
CA THR B 498 41.95 5.00 12.80
C THR B 498 40.61 5.00 12.07
N GLU B 499 39.72 4.10 12.50
CA GLU B 499 38.38 4.06 11.91
C GLU B 499 37.69 5.40 12.07
N LYS B 500 37.81 6.01 13.24
CA LYS B 500 37.14 7.28 13.50
C LYS B 500 37.66 8.37 12.59
N LYS B 501 38.98 8.44 12.40
CA LYS B 501 39.56 9.46 11.53
C LYS B 501 39.05 9.27 10.10
N THR B 502 39.02 8.02 9.63
CA THR B 502 38.48 7.73 8.28
C THR B 502 37.02 8.15 8.17
N ALA B 503 36.23 7.82 9.21
CA ALA B 503 34.80 8.10 9.18
C ALA B 503 34.55 9.59 9.21
N LEU B 504 35.32 10.33 9.99
CA LEU B 504 35.17 11.79 10.07
C LEU B 504 35.53 12.45 8.74
N LYS B 505 36.53 11.91 8.01
CA LYS B 505 36.84 12.49 6.71
C LYS B 505 35.69 12.28 5.73
N LEU B 506 35.11 11.08 5.76
CA LEU B 506 33.96 10.80 4.91
C LEU B 506 32.76 11.67 5.29
N LEU B 507 32.53 11.84 6.59
CA LEU B 507 31.44 12.69 7.03
C LEU B 507 31.68 14.16 6.62
N GLN B 508 32.90 14.67 6.77
CA GLN B 508 33.15 16.05 6.38
C GLN B 508 32.81 16.24 4.92
N ALA B 509 33.15 15.26 4.07
CA ALA B 509 32.90 15.45 2.64
C ALA B 509 31.41 15.44 2.36
N LYS B 510 30.68 14.51 2.99
CA LYS B 510 29.23 14.51 2.92
C LYS B 510 28.63 15.83 3.40
N TRP B 511 29.15 16.34 4.50
CA TRP B 511 28.63 17.59 5.07
C TRP B 511 28.81 18.75 4.11
N ASN B 512 29.98 18.87 3.53
CA ASN B 512 30.24 19.98 2.60
C ASN B 512 29.32 19.89 1.38
N ASN B 513 29.10 18.67 0.89
CA ASN B 513 28.16 18.51 -0.23
C ASN B 513 26.76 18.93 0.18
N PHE B 514 26.33 18.53 1.38
CA PHE B 514 25.01 18.92 1.90
C PHE B 514 24.88 20.43 2.05
N ILE B 515 25.92 21.11 2.52
CA ILE B 515 25.82 22.56 2.65
C ILE B 515 25.63 23.21 1.27
N ASN B 516 26.49 22.84 0.32
CA ASN B 516 26.38 23.41 -1.03
C ASN B 516 25.03 23.09 -1.69
N ASP B 517 24.60 21.81 -1.61
CA ASP B 517 23.32 21.44 -2.18
C ASP B 517 22.18 22.21 -1.55
N SER B 518 22.21 22.38 -0.23
CA SER B 518 21.12 23.07 0.46
C SER B 518 21.07 24.55 0.08
N LEU B 519 22.22 25.21 -0.05
CA LEU B 519 22.21 26.62 -0.43
C LEU B 519 21.54 26.78 -1.80
N ILE B 520 21.80 25.86 -2.70
CA ILE B 520 21.14 25.92 -4.02
C ILE B 520 19.65 25.58 -3.91
N LYS B 521 19.34 24.49 -3.23
CA LYS B 521 17.96 24.00 -3.16
C LYS B 521 17.02 25.05 -2.55
N TRP B 522 17.44 25.68 -1.45
CA TRP B 522 16.65 26.65 -0.70
C TRP B 522 16.87 28.07 -1.19
N LYS B 523 17.52 28.23 -2.36
CA LYS B 523 17.65 29.52 -3.04
C LYS B 523 18.31 30.56 -2.14
N LEU B 524 19.40 30.16 -1.50
CA LEU B 524 20.06 31.02 -0.53
C LEU B 524 21.34 31.65 -1.06
N THR B 525 21.69 31.39 -2.31
CA THR B 525 22.89 31.97 -2.91
C THR B 525 22.57 33.30 -3.59
N ASN B 526 23.62 34.01 -3.98
CA ASN B 526 23.48 35.32 -4.63
C ASN B 526 23.16 35.16 -6.11
N LYS B 527 22.11 34.41 -6.43
CA LYS B 527 21.87 33.99 -7.80
C LYS B 527 21.61 35.18 -8.73
N LYS B 528 20.51 35.92 -8.57
CA LYS B 528 20.21 36.95 -9.56
C LYS B 528 19.63 38.22 -8.92
N VAL B 529 20.44 39.28 -8.90
CA VAL B 529 20.07 40.52 -8.22
C VAL B 529 19.65 41.57 -9.24
N ILE B 530 18.44 42.11 -9.06
CA ILE B 530 17.80 43.02 -10.00
C ILE B 530 18.04 44.45 -9.55
N GLY B 531 17.97 45.40 -10.48
CA GLY B 531 18.32 46.77 -10.18
C GLY B 531 17.12 47.62 -9.84
N HIS B 532 15.99 47.00 -9.52
CA HIS B 532 14.74 47.70 -9.27
C HIS B 532 13.77 46.68 -8.67
N HIS B 533 12.52 47.08 -8.51
CA HIS B 533 11.54 46.28 -7.78
C HIS B 533 10.65 45.42 -8.67
N HIS B 534 10.90 45.38 -9.98
CA HIS B 534 10.10 44.57 -10.90
C HIS B 534 10.68 43.16 -10.97
N HIS B 535 10.27 42.35 -10.00
CA HIS B 535 10.81 41.00 -9.80
C HIS B 535 10.10 39.94 -10.64
N VAL C 30 41.79 -4.98 40.35
CA VAL C 30 40.33 -5.14 40.44
C VAL C 30 39.73 -4.12 41.43
N ARG C 31 38.85 -3.25 40.91
CA ARG C 31 38.26 -2.18 41.73
C ARG C 31 37.20 -2.71 42.70
N PHE C 32 36.41 -3.71 42.30
CA PHE C 32 35.36 -4.24 43.18
C PHE C 32 35.49 -5.74 43.34
N PRO C 33 36.52 -6.21 44.02
CA PRO C 33 36.68 -7.68 44.16
C PRO C 33 35.57 -8.33 44.97
N THR C 34 34.89 -7.56 45.83
CA THR C 34 33.86 -8.07 46.73
C THR C 34 32.60 -7.22 46.65
N MET C 35 31.52 -7.81 47.16
CA MET C 35 30.27 -7.05 47.23
C MET C 35 30.44 -5.80 48.08
N ASP C 36 31.17 -5.90 49.21
CA ASP C 36 31.24 -4.72 50.10
C ASP C 36 31.92 -3.54 49.42
N GLU C 37 32.97 -3.80 48.65
CA GLU C 37 33.61 -2.70 47.95
C GLU C 37 32.66 -2.06 46.96
N TYR C 38 31.84 -2.88 46.30
CA TYR C 38 30.89 -2.36 45.32
C TYR C 38 29.78 -1.56 45.99
N THR C 39 29.19 -2.11 47.06
CA THR C 39 28.11 -1.37 47.68
C THR C 39 28.64 -0.13 48.38
N ASN C 40 29.88 -0.14 48.85
CA ASN C 40 30.40 1.09 49.48
C ASN C 40 30.49 2.20 48.46
N ALA C 41 30.90 1.85 47.22
CA ALA C 41 31.02 2.87 46.16
C ALA C 41 29.66 3.41 45.73
N ARG C 42 28.69 2.50 45.53
CA ARG C 42 27.39 3.00 45.08
C ARG C 42 26.72 3.79 46.19
N GLU C 43 26.89 3.38 47.46
CA GLU C 43 26.29 4.14 48.55
C GLU C 43 27.00 5.49 48.77
N GLU C 44 28.28 5.60 48.43
CA GLU C 44 28.94 6.89 48.58
C GLU C 44 28.35 7.89 47.58
N LEU C 45 28.11 7.44 46.33
CA LEU C 45 27.49 8.33 45.34
C LEU C 45 26.05 8.66 45.73
N ILE C 46 25.26 7.63 46.05
CA ILE C 46 23.85 7.85 46.37
C ILE C 46 23.72 8.75 47.60
N GLY C 47 24.50 8.46 48.64
CA GLY C 47 24.43 9.27 49.86
C GLY C 47 24.83 10.72 49.59
N SER C 48 25.80 10.93 48.69
CA SER C 48 26.18 12.28 48.30
C SER C 48 25.01 13.01 47.67
N GLU C 49 24.24 12.33 46.80
CA GLU C 49 23.05 12.98 46.24
C GLU C 49 21.99 13.29 47.30
N GLN C 50 21.77 12.36 48.24
CA GLN C 50 20.81 12.59 49.32
C GLN C 50 21.22 13.76 50.21
N TYR C 51 22.51 13.92 50.46
CA TYR C 51 22.98 15.04 51.27
C TYR C 51 22.85 16.37 50.51
N LEU C 52 22.99 16.32 49.18
CA LEU C 52 22.93 17.53 48.36
C LEU C 52 21.52 18.08 48.21
N ARG C 53 20.52 17.23 48.04
CA ARG C 53 19.18 17.72 47.67
C ARG C 53 18.52 18.50 48.81
N VAL C 54 17.39 19.11 48.45
CA VAL C 54 16.59 19.88 49.41
C VAL C 54 16.43 19.08 50.70
N GLY C 55 16.78 19.74 51.81
CA GLY C 55 16.63 19.14 53.11
C GLY C 55 17.60 18.00 53.45
N GLY C 56 18.60 17.76 52.61
CA GLY C 56 19.54 16.66 52.83
C GLY C 56 20.47 16.90 54.00
N SER C 57 20.58 18.14 54.46
CA SER C 57 21.44 18.31 55.62
C SER C 57 20.68 18.22 56.94
N ILE C 58 19.38 17.92 56.93
CA ILE C 58 18.59 17.84 58.17
C ILE C 58 18.73 16.43 58.75
N ASN C 59 19.12 16.33 60.00
CA ASN C 59 19.18 15.03 60.69
C ASN C 59 18.05 15.04 61.73
N LEU C 60 16.98 14.30 61.48
CA LEU C 60 15.79 14.36 62.32
C LEU C 60 16.08 13.84 63.74
N ASN C 61 15.33 14.34 64.72
CA ASN C 61 15.42 13.83 66.10
C ASN C 61 14.64 12.50 66.20
N ASN C 62 14.61 11.88 67.41
CA ASN C 62 14.12 10.49 67.51
C ASN C 62 12.63 10.42 67.20
N LYS C 63 11.86 11.39 67.70
CA LYS C 63 10.42 11.42 67.42
C LYS C 63 10.17 11.62 65.93
N GLU C 64 10.91 12.58 65.35
CA GLU C 64 10.74 12.86 63.91
C GLU C 64 11.14 11.66 63.08
N LYS C 65 12.13 10.91 63.54
CA LYS C 65 12.54 9.69 62.82
C LYS C 65 11.46 8.62 62.85
N LYS C 66 10.77 8.47 63.98
CA LYS C 66 9.68 7.49 63.99
C LYS C 66 8.61 7.86 62.97
N LEU C 67 8.23 9.15 62.94
CA LEU C 67 7.23 9.57 61.96
C LEU C 67 7.76 9.39 60.55
N ASN C 68 9.05 9.71 60.33
CA ASN C 68 9.65 9.59 59.00
C ASN C 68 9.66 8.13 58.53
N GLN C 69 9.93 7.21 59.43
CA GLN C 69 9.98 5.80 59.04
C GLN C 69 8.63 5.34 58.58
N PHE C 70 7.56 5.80 59.25
CA PHE C 70 6.21 5.46 58.81
C PHE C 70 5.90 6.10 57.44
N ILE C 71 6.24 7.37 57.26
CA ILE C 71 6.05 8.05 55.98
C ILE C 71 6.75 7.28 54.87
N LEU C 72 8.02 6.92 55.07
CA LEU C 72 8.80 6.25 54.03
C LEU C 72 8.26 4.84 53.75
N ARG C 73 7.78 4.12 54.77
CA ARG C 73 7.11 2.84 54.53
C ARG C 73 5.90 3.01 53.63
N GLU C 74 5.04 4.00 53.94
CA GLU C 74 3.87 4.28 53.11
C GLU C 74 4.29 4.64 51.68
N LYS C 75 5.29 5.51 51.56
CA LYS C 75 5.71 5.99 50.25
C LYS C 75 6.20 4.82 49.39
N ARG C 76 7.04 3.99 49.99
CA ARG C 76 7.56 2.84 49.25
C ARG C 76 6.45 1.90 48.86
N ALA C 77 5.47 1.69 49.76
CA ALA C 77 4.38 0.75 49.44
C ALA C 77 3.59 1.22 48.21
N ILE C 78 3.24 2.51 48.16
CA ILE C 78 2.47 2.99 47.01
C ILE C 78 3.31 2.97 45.73
N ILE C 79 4.59 3.36 45.83
CA ILE C 79 5.43 3.35 44.62
C ILE C 79 5.66 1.92 44.13
N GLU C 80 5.94 1.01 45.05
CA GLU C 80 6.22 -0.36 44.63
C GLU C 80 4.97 -1.01 44.07
N ASN C 81 3.78 -0.66 44.59
CA ASN C 81 2.57 -1.20 43.99
C ASN C 81 2.39 -0.69 42.56
N SER C 82 2.60 0.61 42.33
CA SER C 82 2.47 1.10 40.95
C SER C 82 3.49 0.43 40.03
N ARG C 83 4.72 0.32 40.51
CA ARG C 83 5.80 -0.19 39.68
C ARG C 83 5.61 -1.68 39.37
N LEU C 84 5.42 -2.49 40.38
CA LEU C 84 5.41 -3.93 40.19
C LEU C 84 4.04 -4.48 39.85
N ASN C 85 2.95 -3.84 40.26
CA ASN C 85 1.65 -4.25 39.77
C ASN C 85 1.25 -3.51 38.51
N LYS C 86 2.15 -2.69 37.96
N LYS C 86 2.13 -2.69 37.95
CA LYS C 86 2.00 -2.11 36.62
CA LYS C 86 1.94 -2.13 36.61
C LYS C 86 0.69 -1.33 36.50
C LYS C 86 0.65 -1.33 36.50
N THR C 87 0.53 -0.32 37.36
CA THR C 87 -0.66 0.52 37.35
C THR C 87 -0.20 1.98 37.56
N GLN C 88 -1.01 2.94 37.13
CA GLN C 88 -0.52 4.32 37.15
C GLN C 88 -0.30 4.79 38.58
N TYR C 89 0.65 5.70 38.72
CA TYR C 89 1.02 6.28 40.01
C TYR C 89 0.09 7.47 40.27
N ILE C 90 -0.94 7.22 41.08
CA ILE C 90 -2.04 8.19 41.19
C ILE C 90 -1.58 9.58 41.65
N PRO C 91 -0.58 9.71 42.55
CA PRO C 91 -0.18 11.08 42.95
C PRO C 91 0.32 11.93 41.79
N ALA C 92 0.60 11.34 40.61
CA ALA C 92 1.14 12.11 39.52
C ALA C 92 0.13 12.38 38.41
N VAL C 93 -1.08 11.79 38.48
CA VAL C 93 -2.08 11.98 37.42
C VAL C 93 -2.86 13.28 37.67
N SER C 94 -3.77 13.62 36.74
CA SER C 94 -4.57 14.83 36.87
C SER C 94 -5.09 15.01 38.31
N PHE C 95 -4.99 16.24 38.84
CA PHE C 95 -5.58 16.51 40.16
C PHE C 95 -7.07 16.18 40.21
N PHE C 96 -7.78 16.28 39.09
CA PHE C 96 -9.20 15.91 39.08
C PHE C 96 -9.37 14.47 39.53
N LEU C 97 -8.46 13.60 39.15
CA LEU C 97 -8.53 12.17 39.50
C LEU C 97 -7.84 11.87 40.82
N SER C 98 -6.75 12.56 41.14
CA SER C 98 -6.01 12.17 42.33
C SER C 98 -6.53 12.83 43.61
N LYS C 99 -7.28 13.93 43.51
CA LYS C 99 -7.66 14.66 44.73
C LYS C 99 -8.37 13.75 45.73
N SER C 100 -9.42 13.05 45.26
CA SER C 100 -10.19 12.22 46.18
C SER C 100 -9.40 11.02 46.66
N GLN C 101 -8.53 10.44 45.82
CA GLN C 101 -7.75 9.29 46.25
C GLN C 101 -6.69 9.68 47.28
N MET C 102 -6.02 10.82 47.11
CA MET C 102 -4.96 11.14 48.08
C MET C 102 -5.57 11.48 49.45
N GLU C 103 -6.79 12.04 49.47
CA GLU C 103 -7.28 12.52 50.75
C GLU C 103 -7.55 11.42 51.78
N SER C 104 -7.70 10.17 51.35
CA SER C 104 -7.95 9.08 52.28
C SER C 104 -6.68 8.41 52.81
N THR C 105 -5.49 8.90 52.42
CA THR C 105 -4.23 8.20 52.74
C THR C 105 -3.47 8.83 53.90
N PRO C 106 -2.69 8.01 54.61
CA PRO C 106 -1.92 8.53 55.75
C PRO C 106 -0.96 9.64 55.38
N ILE C 107 -0.26 9.55 54.25
CA ILE C 107 0.72 10.59 53.96
C ILE C 107 0.00 11.92 53.77
N PHE C 108 -1.12 11.89 53.05
CA PHE C 108 -1.89 13.11 52.88
C PHE C 108 -2.37 13.64 54.23
N LYS C 109 -2.93 12.77 55.06
CA LYS C 109 -3.47 13.25 56.34
C LYS C 109 -2.40 13.84 57.26
N ILE C 110 -1.18 13.27 57.20
CA ILE C 110 -0.05 13.84 57.93
C ILE C 110 0.30 15.24 57.40
N ILE C 111 0.41 15.36 56.07
CA ILE C 111 0.71 16.67 55.50
C ILE C 111 -0.41 17.66 55.82
N LYS C 112 -1.68 17.21 55.81
CA LYS C 112 -2.78 18.10 56.21
C LYS C 112 -2.56 18.69 57.62
N ASP C 113 -2.13 17.85 58.56
CA ASP C 113 -1.94 18.29 59.94
C ASP C 113 -0.68 19.13 60.11
N MET C 114 0.30 18.90 59.26
CA MET C 114 1.60 19.56 59.37
C MET C 114 1.49 21.09 59.28
N PRO C 115 2.15 21.86 60.15
CA PRO C 115 2.25 23.32 59.94
C PRO C 115 2.98 23.59 58.65
N LYS C 116 2.45 24.50 57.81
CA LYS C 116 3.03 24.72 56.49
C LYS C 116 4.01 25.87 56.48
N GLY C 117 3.99 26.70 57.53
CA GLY C 117 4.80 27.90 57.52
C GLY C 117 4.05 28.97 56.75
N ALA C 118 4.43 29.22 55.49
CA ALA C 118 3.86 30.33 54.73
C ALA C 118 3.42 29.87 53.34
N ALA C 119 2.40 30.52 52.80
CA ALA C 119 2.10 30.39 51.37
C ALA C 119 2.55 31.69 50.71
N LEU C 120 3.55 31.61 49.83
CA LEU C 120 4.18 32.82 49.31
C LEU C 120 3.75 33.18 47.90
N HIS C 121 2.93 32.34 47.24
CA HIS C 121 2.50 32.64 45.85
C HIS C 121 1.01 32.34 45.74
N LEU C 122 0.19 33.40 45.82
CA LEU C 122 -1.23 33.20 45.64
C LEU C 122 -1.84 34.50 45.16
N HIS C 123 -3.03 34.40 44.57
CA HIS C 123 -3.69 35.56 43.99
C HIS C 123 -4.98 35.84 44.74
N ASP C 124 -5.23 37.15 45.03
CA ASP C 124 -6.29 37.46 45.99
C ASP C 124 -7.72 37.29 45.44
N THR C 125 -7.93 37.06 44.12
CA THR C 125 -9.27 36.77 43.64
C THR C 125 -9.47 35.27 43.39
N ALA C 126 -8.54 34.45 43.88
CA ALA C 126 -8.48 33.05 43.46
C ALA C 126 -8.17 32.10 44.60
N SER C 127 -8.19 32.55 45.84
CA SER C 127 -7.60 31.79 46.95
C SER C 127 -8.57 31.52 48.09
N ALA C 128 -9.86 31.74 47.89
CA ALA C 128 -10.85 31.24 48.85
C ALA C 128 -11.87 30.40 48.07
N ARG C 129 -12.76 29.72 48.80
CA ARG C 129 -13.66 28.72 48.20
C ARG C 129 -14.70 29.35 47.28
N ILE C 130 -14.87 28.76 46.09
CA ILE C 130 -16.05 29.07 45.29
C ILE C 130 -17.34 28.86 46.09
N ASP C 131 -17.37 27.82 46.94
CA ASP C 131 -18.55 27.59 47.77
C ASP C 131 -18.92 28.84 48.58
N TRP C 132 -17.92 29.63 48.98
CA TRP C 132 -18.20 30.84 49.75
C TRP C 132 -18.77 31.92 48.84
N ILE C 133 -18.22 32.03 47.61
CA ILE C 133 -18.81 32.95 46.64
C ILE C 133 -20.29 32.62 46.45
N VAL C 134 -20.62 31.33 46.36
CA VAL C 134 -22.01 30.97 46.10
C VAL C 134 -22.86 31.15 47.36
N SER C 135 -22.46 30.54 48.49
CA SER C 135 -23.34 30.50 49.64
CA SER C 135 -23.35 30.49 49.63
C SER C 135 -23.39 31.82 50.39
N ASN C 136 -22.38 32.66 50.22
CA ASN C 136 -22.38 33.94 50.89
C ASN C 136 -22.54 35.07 49.90
N ALA C 137 -21.59 35.25 48.96
CA ALA C 137 -21.59 36.46 48.14
C ALA C 137 -22.84 36.55 47.26
N THR C 138 -23.30 35.42 46.68
CA THR C 138 -24.45 35.55 45.78
C THR C 138 -25.80 35.62 46.49
N TYR C 139 -25.81 35.62 47.84
CA TYR C 139 -27.01 35.91 48.61
C TYR C 139 -27.09 37.36 49.06
N ARG C 140 -26.10 38.19 48.73
CA ARG C 140 -26.19 39.58 49.15
C ARG C 140 -27.11 40.40 48.23
N ASP C 141 -27.56 41.53 48.75
CA ASP C 141 -28.40 42.43 47.97
C ASP C 141 -27.69 42.88 46.70
N HIS C 142 -28.46 43.02 45.61
CA HIS C 142 -28.06 43.71 44.41
C HIS C 142 -27.09 42.90 43.57
N VAL C 143 -27.05 41.57 43.76
CA VAL C 143 -26.23 40.69 42.93
C VAL C 143 -27.04 40.25 41.71
N TYR C 144 -26.42 40.35 40.54
CA TYR C 144 -27.01 40.00 39.26
C TYR C 144 -26.18 38.91 38.59
N MET C 145 -26.84 38.14 37.73
CA MET C 145 -26.22 37.03 37.00
C MET C 145 -26.64 37.13 35.53
N CYS C 146 -25.81 36.59 34.66
CA CYS C 146 -26.21 36.44 33.26
C CYS C 146 -25.49 35.25 32.67
N MET C 147 -26.00 34.70 31.56
CA MET C 147 -25.30 33.68 30.79
C MET C 147 -24.63 34.38 29.60
N ASP C 148 -23.32 34.25 29.49
CA ASP C 148 -22.61 34.98 28.47
C ASP C 148 -22.63 34.19 27.15
N GLN C 149 -22.02 34.78 26.12
CA GLN C 149 -22.12 34.25 24.76
C GLN C 149 -21.40 32.90 24.62
N ASP C 150 -20.56 32.54 25.60
CA ASP C 150 -19.92 31.24 25.66
C ASP C 150 -20.64 30.29 26.60
N ASN C 151 -21.81 30.67 27.10
CA ASN C 151 -22.65 29.82 27.95
C ASN C 151 -22.01 29.58 29.33
N PHE C 152 -21.39 30.61 29.89
CA PHE C 152 -20.94 30.60 31.28
C PHE C 152 -21.69 31.65 32.07
N VAL C 153 -21.96 31.36 33.35
CA VAL C 153 -22.59 32.37 34.22
C VAL C 153 -21.59 33.45 34.61
N ARG C 154 -22.04 34.71 34.64
CA ARG C 154 -21.27 35.82 35.16
C ARG C 154 -22.07 36.47 36.27
N LEU C 155 -21.35 37.01 37.25
CA LEU C 155 -21.94 37.61 38.44
C LEU C 155 -21.43 39.05 38.61
N THR C 156 -22.30 39.97 39.00
CA THR C 156 -21.83 41.32 39.31
C THR C 156 -22.74 41.92 40.38
N VAL C 157 -22.41 43.13 40.82
CA VAL C 157 -23.25 43.87 41.76
C VAL C 157 -23.65 45.20 41.14
N SER C 158 -24.90 45.59 41.34
CA SER C 158 -25.27 46.92 40.84
C SER C 158 -26.27 47.51 41.82
N GLY C 159 -25.81 48.51 42.58
CA GLY C 159 -26.56 48.97 43.72
C GLY C 159 -27.58 50.04 43.40
N THR C 160 -27.34 50.84 42.35
CA THR C 160 -28.26 51.93 42.04
C THR C 160 -29.18 51.60 40.86
N GLY C 161 -29.44 50.32 40.61
CA GLY C 161 -30.34 49.94 39.54
C GLY C 161 -29.74 48.72 38.89
N PRO C 162 -30.42 48.10 37.92
CA PRO C 162 -29.80 46.92 37.21
C PRO C 162 -28.57 47.33 36.42
N PRO C 163 -27.65 46.41 36.10
CA PRO C 163 -26.52 46.77 35.24
C PRO C 163 -26.97 47.04 33.82
N ALA C 164 -26.08 47.68 33.05
CA ALA C 164 -26.36 47.93 31.64
C ALA C 164 -26.43 46.61 30.86
N ASN C 165 -27.43 46.51 29.98
CA ASN C 165 -27.80 45.20 29.42
C ASN C 165 -27.12 44.92 28.08
N SER C 166 -25.82 45.15 28.05
CA SER C 166 -25.05 45.00 26.83
C SER C 166 -23.85 44.14 27.14
N GLY C 167 -23.69 43.06 26.42
CA GLY C 167 -22.73 42.03 26.79
C GLY C 167 -23.48 40.78 27.18
N CYS C 168 -24.53 40.95 27.99
CA CYS C 168 -25.44 39.85 28.31
C CYS C 168 -26.65 40.42 29.01
N GLU C 169 -27.64 39.55 29.22
CA GLU C 169 -28.92 39.97 29.79
C GLU C 169 -28.88 39.71 31.30
N TRP C 170 -28.77 40.77 32.08
CA TRP C 170 -28.61 40.56 33.54
C TRP C 170 -29.94 40.28 34.23
N LYS C 171 -29.92 39.35 35.19
CA LYS C 171 -31.06 38.98 36.01
C LYS C 171 -30.69 39.04 37.49
N LEU C 172 -31.61 39.53 38.32
CA LEU C 172 -31.37 39.53 39.76
C LEU C 172 -31.25 38.09 40.26
N VAL C 173 -30.15 37.81 40.99
CA VAL C 173 -29.93 36.45 41.47
C VAL C 173 -31.01 36.02 42.45
N GLU C 174 -31.43 36.92 43.36
CA GLU C 174 -32.52 36.58 44.28
C GLU C 174 -33.72 36.01 43.55
N THR C 175 -34.10 36.65 42.43
CA THR C 175 -35.26 36.22 41.64
C THR C 175 -35.00 34.88 40.96
N GLU C 176 -33.83 34.73 40.35
CA GLU C 176 -33.54 33.49 39.65
C GLU C 176 -33.52 32.33 40.62
N ARG C 177 -32.92 32.54 41.80
CA ARG C 177 -32.88 31.51 42.84
C ARG C 177 -34.28 31.17 43.32
N ALA C 178 -35.08 32.18 43.64
CA ALA C 178 -36.43 31.93 44.18
C ALA C 178 -37.31 31.22 43.17
N ASN C 179 -37.08 31.42 41.89
CA ASN C 179 -37.90 30.82 40.86
C ASN C 179 -37.36 29.47 40.39
N SER C 180 -36.22 29.02 40.94
CA SER C 180 -35.54 27.85 40.37
C SER C 180 -36.33 26.58 40.61
N GLY C 181 -37.08 26.52 41.71
CA GLY C 181 -37.74 25.30 42.12
C GLY C 181 -36.93 24.41 43.04
N ASP C 182 -35.63 24.66 43.17
CA ASP C 182 -34.79 23.85 44.02
C ASP C 182 -33.56 24.71 44.35
N ILE C 183 -33.58 25.37 45.51
CA ILE C 183 -32.53 26.35 45.80
C ILE C 183 -31.17 25.66 45.92
N ALA C 184 -31.12 24.48 46.58
CA ALA C 184 -29.85 23.77 46.71
C ALA C 184 -29.27 23.42 45.34
N ALA C 185 -30.11 22.97 44.41
CA ALA C 185 -29.57 22.61 43.09
C ALA C 185 -29.15 23.84 42.32
N PHE C 186 -29.88 24.95 42.48
CA PHE C 186 -29.43 26.21 41.89
C PHE C 186 -28.03 26.56 42.36
N ASP C 187 -27.81 26.49 43.68
CA ASP C 187 -26.52 26.89 44.23
C ASP C 187 -25.43 25.93 43.77
N HIS C 188 -25.75 24.63 43.67
CA HIS C 188 -24.78 23.66 43.18
C HIS C 188 -24.43 23.92 41.72
N TRP C 189 -25.45 24.24 40.90
CA TRP C 189 -25.17 24.59 39.52
C TRP C 189 -24.26 25.81 39.41
N LEU C 190 -24.47 26.84 40.25
CA LEU C 190 -23.55 27.99 40.19
C LEU C 190 -22.13 27.54 40.45
N LYS C 191 -21.95 26.73 41.50
CA LYS C 191 -20.60 26.29 41.81
C LYS C 191 -20.01 25.49 40.64
N SER C 192 -20.80 24.59 40.05
CA SER C 192 -20.32 23.75 38.96
CA SER C 192 -20.29 23.76 38.98
C SER C 192 -19.97 24.58 37.73
N ASN C 193 -20.64 25.70 37.54
CA ASN C 193 -20.41 26.50 36.35
C ASN C 193 -19.19 27.39 36.50
N ILE C 194 -18.71 27.53 37.73
CA ILE C 194 -17.59 28.43 37.99
C ILE C 194 -16.27 27.71 38.18
N SER C 195 -16.33 26.49 38.72
CA SER C 195 -15.11 25.77 39.11
C SER C 195 -14.40 25.13 37.91
N LEU C 196 -13.05 25.19 37.89
CA LEU C 196 -12.33 24.41 36.87
C LEU C 196 -12.20 22.93 37.23
N LEU C 197 -12.67 22.46 38.39
CA LEU C 197 -12.58 21.03 38.67
C LEU C 197 -13.91 20.28 38.51
N THR C 198 -14.92 20.90 37.90
CA THR C 198 -16.18 20.22 37.64
C THR C 198 -15.97 19.04 36.72
N THR C 199 -15.08 19.20 35.76
CA THR C 199 -14.60 18.12 34.92
C THR C 199 -13.08 18.15 34.95
N ASP C 200 -12.45 17.12 34.35
CA ASP C 200 -11.00 17.09 34.30
C ASP C 200 -10.49 18.10 33.29
N PRO C 201 -9.79 19.17 33.70
CA PRO C 201 -9.30 20.15 32.71
C PRO C 201 -8.42 19.53 31.65
N LEU C 202 -7.65 18.50 32.00
CA LEU C 202 -6.80 17.84 31.01
C LEU C 202 -7.59 17.10 29.94
N VAL C 203 -8.84 16.73 30.22
CA VAL C 203 -9.72 16.15 29.20
C VAL C 203 -10.54 17.21 28.47
N THR C 204 -11.18 18.09 29.24
CA THR C 204 -12.15 19.04 28.68
C THR C 204 -11.50 20.19 27.91
N TYR C 205 -10.30 20.61 28.33
CA TYR C 205 -9.61 21.75 27.72
C TYR C 205 -8.20 21.27 27.41
N PRO C 206 -8.04 20.35 26.37
CA PRO C 206 -6.80 19.59 26.21
C PRO C 206 -5.69 20.29 25.44
N SER C 207 -5.45 21.56 25.75
CA SER C 207 -4.29 22.28 25.22
C SER C 207 -4.05 23.47 26.13
N LEU C 208 -2.82 24.01 26.09
CA LEU C 208 -2.49 25.21 26.83
C LEU C 208 -3.49 26.30 26.53
N ASP C 209 -3.76 26.53 25.26
CA ASP C 209 -4.57 27.71 25.04
C ASP C 209 -6.07 27.45 25.27
N LYS C 210 -6.54 26.19 25.17
CA LYS C 210 -7.90 25.91 25.61
C LYS C 210 -8.04 26.08 27.13
N VAL C 211 -7.10 25.54 27.91
CA VAL C 211 -7.30 25.62 29.35
C VAL C 211 -7.08 27.04 29.82
N TRP C 212 -6.16 27.79 29.20
CA TRP C 212 -6.04 29.21 29.56
C TRP C 212 -7.28 30.00 29.16
N GLY C 213 -7.94 29.64 28.05
CA GLY C 213 -9.26 30.21 27.77
C GLY C 213 -10.25 29.97 28.91
N ARG C 214 -10.27 28.75 29.46
CA ARG C 214 -11.18 28.46 30.57
C ARG C 214 -10.76 29.18 31.86
N PHE C 215 -9.44 29.32 32.09
CA PHE C 215 -8.95 29.99 33.31
C PHE C 215 -9.27 31.50 33.24
N ASP C 216 -8.97 32.11 32.09
CA ASP C 216 -9.36 33.52 31.87
C ASP C 216 -10.86 33.69 32.04
N LYS C 217 -11.66 32.74 31.51
CA LYS C 217 -13.11 32.81 31.63
C LYS C 217 -13.53 32.83 33.09
N HIS C 218 -12.92 31.98 33.92
CA HIS C 218 -13.27 31.95 35.36
C HIS C 218 -13.13 33.34 35.99
N PHE C 219 -12.00 34.02 35.71
CA PHE C 219 -11.83 35.37 36.28
C PHE C 219 -12.88 36.34 35.75
N SER C 220 -13.28 36.22 34.46
CA SER C 220 -14.35 37.07 33.97
CA SER C 220 -14.33 37.10 33.99
C SER C 220 -15.68 36.73 34.61
N GLN C 221 -15.88 35.47 34.98
CA GLN C 221 -17.16 35.10 35.62
C GLN C 221 -17.34 35.82 36.93
N LEU C 222 -16.25 35.90 37.71
CA LEU C 222 -16.37 36.44 39.07
C LEU C 222 -16.00 37.94 39.17
N ARG C 223 -15.47 38.56 38.11
CA ARG C 223 -14.84 39.87 38.28
C ARG C 223 -15.80 40.90 38.87
N GLY C 224 -17.01 41.00 38.30
CA GLY C 224 -17.96 41.97 38.82
C GLY C 224 -18.21 41.81 40.30
N ILE C 225 -18.55 40.59 40.73
CA ILE C 225 -18.96 40.44 42.14
C ILE C 225 -17.75 40.54 43.07
N ILE C 226 -16.59 40.05 42.65
CA ILE C 226 -15.47 40.03 43.58
C ILE C 226 -14.75 41.38 43.69
N TYR C 227 -15.09 42.36 42.82
CA TYR C 227 -14.55 43.70 42.97
C TYR C 227 -15.45 44.67 43.77
N HIS C 228 -16.63 44.21 44.23
CA HIS C 228 -17.53 45.01 45.05
C HIS C 228 -16.95 45.07 46.47
N THR C 229 -16.71 46.28 46.96
CA THR C 229 -15.83 46.45 48.12
C THR C 229 -16.16 45.56 49.31
N PRO C 230 -17.40 45.48 49.82
CA PRO C 230 -17.60 44.67 51.05
C PRO C 230 -17.42 43.19 50.79
N ILE C 231 -17.71 42.75 49.55
CA ILE C 231 -17.47 41.36 49.20
C ILE C 231 -15.98 41.10 49.08
N ARG C 232 -15.24 42.02 48.46
CA ARG C 232 -13.78 41.89 48.33
C ARG C 232 -13.11 41.86 49.73
N ARG C 233 -13.52 42.77 50.61
CA ARG C 233 -13.03 42.72 52.00
C ARG C 233 -13.26 41.34 52.60
N ASP C 234 -14.50 40.86 52.52
CA ASP C 234 -14.82 39.61 53.19
C ASP C 234 -14.14 38.41 52.54
N TYR C 235 -13.90 38.49 51.23
CA TYR C 235 -13.24 37.40 50.53
C TYR C 235 -11.79 37.33 50.97
N TYR C 236 -11.15 38.49 51.10
CA TYR C 236 -9.77 38.47 51.57
C TYR C 236 -9.70 37.90 52.99
N ARG C 237 -10.66 38.29 53.85
CA ARG C 237 -10.66 37.68 55.19
C ARG C 237 -10.84 36.16 55.11
N GLN C 238 -11.69 35.70 54.20
CA GLN C 238 -11.88 34.25 54.02
C GLN C 238 -10.60 33.57 53.56
N ILE C 239 -9.78 34.24 52.75
CA ILE C 239 -8.45 33.70 52.42
C ILE C 239 -7.67 33.43 53.69
N LEU C 240 -7.58 34.45 54.57
CA LEU C 240 -6.84 34.26 55.82
C LEU C 240 -7.44 33.12 56.63
N GLU C 241 -8.77 33.09 56.75
CA GLU C 241 -9.42 32.05 57.54
C GLU C 241 -9.09 30.66 57.01
N GLU C 242 -9.23 30.48 55.69
CA GLU C 242 -9.01 29.17 55.10
C GLU C 242 -7.55 28.76 55.20
N PHE C 243 -6.61 29.69 54.93
CA PHE C 243 -5.22 29.31 55.02
C PHE C 243 -4.86 28.93 56.45
N ARG C 244 -5.37 29.70 57.42
CA ARG C 244 -5.09 29.36 58.81
C ARG C 244 -5.63 27.97 59.13
N SER C 245 -6.80 27.63 58.56
CA SER C 245 -7.41 26.33 58.82
CA SER C 245 -7.41 26.33 58.82
C SER C 245 -6.61 25.18 58.20
N ASP C 246 -5.82 25.45 57.16
CA ASP C 246 -4.90 24.43 56.64
C ASP C 246 -3.52 24.52 57.29
N ASN C 247 -3.43 25.12 58.49
CA ASN C 247 -2.19 25.22 59.29
C ASN C 247 -1.10 26.02 58.56
N VAL C 248 -1.51 27.07 57.84
CA VAL C 248 -0.59 28.06 57.26
C VAL C 248 -0.64 29.26 58.19
N GLN C 249 0.51 29.78 58.64
CA GLN C 249 0.50 30.89 59.61
C GLN C 249 0.79 32.24 58.97
N TYR C 250 1.06 32.29 57.66
CA TYR C 250 1.51 33.56 57.08
C TYR C 250 1.30 33.50 55.58
N VAL C 251 0.90 34.62 54.95
CA VAL C 251 0.74 34.62 53.50
C VAL C 251 1.34 35.89 52.91
N GLU C 252 1.92 35.77 51.70
CA GLU C 252 2.20 36.93 50.86
C GLU C 252 1.33 36.79 49.61
N VAL C 253 0.56 37.84 49.30
CA VAL C 253 -0.57 37.73 48.38
C VAL C 253 -0.40 38.72 47.25
N ARG C 254 -0.48 38.27 45.97
CA ARG C 254 -0.59 39.22 44.86
C ARG C 254 -2.00 39.79 44.81
N SER C 255 -2.08 41.09 44.55
CA SER C 255 -3.37 41.77 44.45
C SER C 255 -3.23 42.96 43.49
N SER C 256 -4.24 43.18 42.66
CA SER C 256 -4.25 44.37 41.81
C SER C 256 -4.48 45.63 42.62
N LEU C 257 -5.14 45.50 43.80
CA LEU C 257 -5.47 46.58 44.74
C LEU C 257 -6.55 47.56 44.25
N SER C 258 -6.94 47.50 42.98
CA SER C 258 -7.56 48.65 42.33
C SER C 258 -9.00 48.38 41.95
N GLY C 259 -9.80 49.44 41.95
CA GLY C 259 -11.13 49.34 41.35
C GLY C 259 -12.20 48.78 42.25
N TYR C 260 -11.97 48.71 43.57
CA TYR C 260 -13.01 48.17 44.45
C TYR C 260 -14.15 49.18 44.47
N TYR C 261 -15.38 48.73 44.22
CA TYR C 261 -16.45 49.70 44.07
C TYR C 261 -17.59 49.47 45.05
N ASP C 262 -18.19 50.56 45.51
CA ASP C 262 -19.28 50.50 46.49
C ASP C 262 -20.64 50.43 45.83
N LEU C 263 -21.66 50.19 46.66
CA LEU C 263 -23.02 50.10 46.14
C LEU C 263 -23.44 51.39 45.44
N ASP C 264 -22.98 52.54 45.93
CA ASP C 264 -23.34 53.83 45.33
C ASP C 264 -22.53 54.13 44.06
N GLY C 265 -21.67 53.20 43.67
CA GLY C 265 -20.85 53.33 42.47
C GLY C 265 -19.47 53.91 42.68
N THR C 266 -19.14 54.38 43.88
CA THR C 266 -17.78 54.85 44.14
C THR C 266 -16.75 53.78 43.82
N VAL C 267 -15.75 54.17 43.03
CA VAL C 267 -14.62 53.32 42.68
C VAL C 267 -13.39 53.80 43.43
N HIS C 268 -12.78 52.90 44.23
CA HIS C 268 -11.66 53.26 45.07
C HIS C 268 -10.33 53.07 44.37
N ASP C 269 -9.30 53.74 44.90
CA ASP C 269 -7.97 53.67 44.29
C ASP C 269 -7.13 52.58 44.95
N PRO C 270 -5.95 52.29 44.39
CA PRO C 270 -5.11 51.21 44.95
C PRO C 270 -4.70 51.40 46.40
N GLU C 271 -4.38 52.64 46.82
CA GLU C 271 -4.03 52.83 48.21
C GLU C 271 -5.19 52.42 49.11
N TYR C 272 -6.42 52.74 48.68
CA TYR C 272 -7.59 52.30 49.45
C TYR C 272 -7.62 50.77 49.56
N GLY C 273 -7.36 50.06 48.45
CA GLY C 273 -7.38 48.59 48.54
C GLY C 273 -6.32 48.07 49.50
N LEU C 274 -5.14 48.69 49.48
CA LEU C 274 -4.09 48.28 50.40
C LEU C 274 -4.50 48.53 51.84
N GLN C 275 -5.06 49.72 52.13
CA GLN C 275 -5.49 50.01 53.51
CA GLN C 275 -5.49 50.01 53.51
C GLN C 275 -6.57 49.05 53.97
N LEU C 276 -7.49 48.70 53.08
CA LEU C 276 -8.52 47.75 53.42
C LEU C 276 -7.89 46.42 53.83
N TYR C 277 -6.96 45.92 53.00
CA TYR C 277 -6.33 44.64 53.36
C TYR C 277 -5.53 44.77 54.63
N LYS C 278 -4.91 45.93 54.85
CA LYS C 278 -4.13 46.10 56.07
C LYS C 278 -5.03 46.04 57.31
N ALA C 279 -6.22 46.66 57.23
CA ALA C 279 -7.14 46.67 58.37
C ALA C 279 -7.66 45.26 58.62
N VAL C 280 -8.06 44.56 57.54
CA VAL C 280 -8.53 43.18 57.72
C VAL C 280 -7.46 42.30 58.37
N THR C 281 -6.21 42.40 57.90
CA THR C 281 -5.14 41.57 58.42
C THR C 281 -4.86 41.89 59.89
N GLU C 282 -4.82 43.18 60.24
CA GLU C 282 -4.61 43.54 61.64
C GLU C 282 -5.72 42.96 62.53
N GLU C 283 -6.97 43.02 62.06
CA GLU C 283 -8.04 42.50 62.91
C GLU C 283 -7.97 40.98 62.99
N PHE C 284 -7.57 40.35 61.89
CA PHE C 284 -7.41 38.89 61.85
C PHE C 284 -6.37 38.44 62.86
N VAL C 285 -5.25 39.15 62.92
CA VAL C 285 -4.18 38.78 63.84
C VAL C 285 -4.62 39.04 65.28
N ARG C 286 -5.49 40.04 65.49
CA ARG C 286 -6.10 40.15 66.85
C ARG C 286 -7.01 38.97 67.16
N THR C 287 -7.83 38.56 66.19
CA THR C 287 -8.71 37.42 66.41
C THR C 287 -7.91 36.15 66.67
N TYR C 288 -6.76 36.03 66.00
CA TYR C 288 -5.95 34.79 66.00
C TYR C 288 -4.46 35.07 66.22
N PRO C 289 -4.02 35.18 67.48
CA PRO C 289 -2.59 35.44 67.73
C PRO C 289 -1.68 34.29 67.32
N ASP C 290 -2.21 33.11 67.00
CA ASP C 290 -1.35 32.06 66.50
C ASP C 290 -1.04 32.25 65.01
N PHE C 291 -1.47 33.36 64.41
CA PHE C 291 -1.27 33.63 62.99
C PHE C 291 -0.29 34.80 62.83
N SER C 292 0.78 34.61 62.06
CA SER C 292 1.80 35.66 61.93
C SER C 292 1.33 36.87 61.08
N GLY C 293 0.46 36.67 60.09
CA GLY C 293 -0.04 37.80 59.33
C GLY C 293 0.12 37.69 57.84
N ALA C 294 0.21 38.86 57.18
CA ALA C 294 0.21 38.87 55.73
C ALA C 294 0.89 40.13 55.22
N LYS C 295 1.43 40.04 53.98
CA LYS C 295 1.96 41.22 53.29
C LYS C 295 1.52 41.08 51.82
N ILE C 296 1.56 42.20 51.11
CA ILE C 296 0.91 42.31 49.80
C ILE C 296 1.93 42.70 48.73
N ILE C 297 1.78 42.07 47.55
CA ILE C 297 2.54 42.38 46.34
C ILE C 297 1.54 42.93 45.30
N LYS C 298 1.82 44.10 44.74
CA LYS C 298 0.90 44.65 43.72
C LYS C 298 1.15 43.94 42.41
N SER C 299 0.09 43.42 41.79
CA SER C 299 0.17 42.74 40.49
C SER C 299 -0.54 43.58 39.43
N THR C 300 -0.02 43.53 38.20
CA THR C 300 -0.64 44.10 37.03
C THR C 300 -0.59 43.09 35.89
N ALA C 301 -1.66 42.97 35.12
CA ALA C 301 -1.66 42.04 33.97
C ALA C 301 -0.76 42.55 32.85
N ARG C 302 0.02 41.63 32.28
CA ARG C 302 1.04 41.98 31.28
C ARG C 302 0.45 42.08 29.86
N VAL C 303 -0.84 42.40 29.76
CA VAL C 303 -1.49 42.71 28.51
C VAL C 303 -1.63 44.22 28.28
N LYS C 304 -1.26 45.02 29.22
CA LYS C 304 -1.49 46.46 29.19
C LYS C 304 -0.34 47.19 28.51
N PRO C 305 -0.59 48.37 27.95
CA PRO C 305 0.52 49.16 27.38
C PRO C 305 1.53 49.55 28.45
N ASN C 306 2.75 49.82 28.00
CA ASN C 306 3.81 50.30 28.89
C ASN C 306 3.40 51.54 29.68
N THR C 307 2.55 52.41 29.12
CA THR C 307 2.22 53.60 29.94
C THR C 307 1.50 53.20 31.24
N ASP C 308 0.68 52.16 31.18
CA ASP C 308 -0.02 51.69 32.38
C ASP C 308 0.96 51.08 33.36
N ILE C 309 1.87 50.22 32.85
CA ILE C 309 2.86 49.61 33.73
C ILE C 309 3.73 50.69 34.38
N PHE C 310 4.09 51.73 33.62
CA PHE C 310 4.87 52.82 34.21
C PHE C 310 4.11 53.45 35.38
N ASN C 311 2.84 53.74 35.18
CA ASN C 311 2.05 54.33 36.27
C ASN C 311 1.98 53.39 37.47
N ASP C 312 1.90 52.07 37.23
CA ASP C 312 1.83 51.13 38.35
C ASP C 312 3.18 50.97 39.05
N VAL C 313 4.28 51.08 38.32
CA VAL C 313 5.59 51.11 38.95
C VAL C 313 5.72 52.35 39.84
N LYS C 314 5.31 53.52 39.33
CA LYS C 314 5.39 54.72 40.18
C LYS C 314 4.51 54.59 41.43
N LEU C 315 3.30 54.08 41.25
CA LEU C 315 2.41 53.85 42.38
C LEU C 315 3.05 52.90 43.39
N SER C 316 3.70 51.85 42.89
CA SER C 316 4.32 50.87 43.77
C SER C 316 5.51 51.47 44.51
N MET C 317 6.28 52.35 43.86
CA MET C 317 7.31 53.11 44.57
C MET C 317 6.71 53.87 45.76
N ASP C 318 5.58 54.53 45.52
CA ASP C 318 4.94 55.36 46.54
C ASP C 318 4.43 54.50 47.70
N LEU C 319 3.75 53.40 47.38
CA LEU C 319 3.19 52.57 48.44
C LEU C 319 4.30 51.84 49.20
N TYR C 320 5.39 51.50 48.53
CA TYR C 320 6.50 50.84 49.24
C TYR C 320 7.17 51.79 50.21
N LYS C 321 7.31 53.05 49.81
CA LYS C 321 7.88 54.02 50.75
C LYS C 321 6.94 54.28 51.92
N ARG C 322 5.63 54.34 51.66
CA ARG C 322 4.74 54.78 52.72
C ARG C 322 4.09 53.65 53.53
N TYR C 323 4.14 52.41 53.06
CA TYR C 323 3.61 51.26 53.82
C TYR C 323 4.73 50.22 53.94
N PRO C 324 5.89 50.61 54.49
CA PRO C 324 6.99 49.65 54.58
C PRO C 324 6.57 48.51 55.50
N GLY C 325 7.03 47.34 55.18
CA GLY C 325 6.57 46.22 56.02
C GLY C 325 5.15 45.70 55.77
N PHE C 326 4.31 46.35 54.96
CA PHE C 326 3.08 45.68 54.52
C PHE C 326 2.99 45.57 53.01
N PHE C 327 3.44 46.59 52.28
CA PHE C 327 3.50 46.57 50.82
C PHE C 327 4.90 46.15 50.39
N LEU C 328 5.00 45.07 49.61
CA LEU C 328 6.29 44.44 49.34
C LEU C 328 6.93 44.85 48.01
N GLY C 329 6.14 45.19 47.00
CA GLY C 329 6.69 45.42 45.68
C GLY C 329 5.71 45.00 44.61
N PHE C 330 6.25 44.67 43.45
CA PHE C 330 5.51 44.64 42.20
C PHE C 330 5.72 43.33 41.43
N ASP C 331 4.69 42.89 40.71
CA ASP C 331 4.75 41.67 39.88
C ASP C 331 3.87 41.87 38.66
N LEU C 332 4.24 41.20 37.56
CA LEU C 332 3.45 41.18 36.32
C LEU C 332 2.84 39.79 36.19
N VAL C 333 1.52 39.72 35.93
CA VAL C 333 0.78 38.44 35.90
C VAL C 333 0.03 38.32 34.58
N ALA C 334 -0.82 37.28 34.46
CA ALA C 334 -1.57 36.88 33.26
C ALA C 334 -0.71 35.99 32.37
N GLN C 335 -1.31 35.41 31.33
CA GLN C 335 -0.56 34.34 30.63
C GLN C 335 0.76 34.87 30.08
N GLU C 336 1.83 34.09 30.31
CA GLU C 336 3.18 34.60 29.99
C GLU C 336 3.50 34.43 28.50
N ASP C 337 3.10 33.31 27.88
CA ASP C 337 3.56 33.04 26.51
C ASP C 337 3.12 34.07 25.47
N PRO C 338 1.86 34.48 25.39
CA PRO C 338 1.42 35.31 24.25
C PRO C 338 1.47 36.80 24.52
N ASN C 339 1.78 37.19 25.75
CA ASN C 339 1.63 38.58 26.19
C ASN C 339 3.00 39.24 26.29
N THR C 340 3.08 40.36 26.99
CA THR C 340 4.29 41.19 26.93
C THR C 340 5.39 40.68 27.85
N SER C 341 6.62 40.69 27.35
CA SER C 341 7.76 40.22 28.15
C SER C 341 8.21 41.28 29.16
N LEU C 342 9.03 40.88 30.12
CA LEU C 342 9.65 41.86 31.00
C LEU C 342 10.46 42.89 30.21
N LEU C 343 11.16 42.45 29.16
CA LEU C 343 11.95 43.40 28.39
C LEU C 343 11.06 44.42 27.68
N GLY C 344 9.84 44.03 27.31
CA GLY C 344 8.91 44.98 26.71
C GLY C 344 8.50 46.10 27.66
N TYR C 345 8.72 45.92 28.96
CA TYR C 345 8.45 46.96 29.94
C TYR C 345 9.74 47.50 30.57
N ILE C 346 10.90 47.24 29.96
CA ILE C 346 12.14 47.38 30.73
C ILE C 346 12.37 48.84 31.18
N ASP C 347 12.05 49.83 30.35
CA ASP C 347 12.23 51.23 30.76
C ASP C 347 11.46 51.52 32.04
N SER C 348 10.25 50.97 32.15
CA SER C 348 9.48 51.18 33.36
C SER C 348 10.08 50.42 34.53
N LEU C 349 10.52 49.18 34.28
CA LEU C 349 10.99 48.40 35.41
C LEU C 349 12.35 48.87 35.91
N LEU C 350 13.16 49.51 35.06
CA LEU C 350 14.41 50.11 35.51
C LEU C 350 14.20 51.48 36.14
N TYR C 351 13.03 52.08 35.97
CA TYR C 351 12.87 53.48 36.38
C TYR C 351 13.21 53.71 37.85
N PRO C 352 12.75 52.88 38.80
CA PRO C 352 13.10 53.13 40.20
C PRO C 352 14.60 53.21 40.43
N SER C 353 15.38 52.31 39.83
CA SER C 353 16.81 52.27 40.10
C SER C 353 17.55 53.45 39.50
N ARG C 354 16.94 54.16 38.56
CA ARG C 354 17.54 55.30 37.87
C ARG C 354 17.16 56.65 38.46
N GLN C 355 16.42 56.65 39.56
CA GLN C 355 16.11 57.90 40.23
C GLN C 355 17.32 58.38 41.03
N ASN C 356 17.30 59.67 41.41
CA ASN C 356 18.39 60.25 42.20
C ASN C 356 17.83 60.84 43.48
N PRO C 357 17.96 60.15 44.63
CA PRO C 357 18.62 58.86 44.86
C PRO C 357 17.90 57.67 44.22
N PRO C 358 18.60 56.56 44.00
CA PRO C 358 17.91 55.35 43.49
C PRO C 358 16.85 54.88 44.47
N VAL C 359 15.77 54.32 43.94
CA VAL C 359 14.72 53.66 44.73
C VAL C 359 14.77 52.18 44.39
N SER C 360 14.92 51.31 45.39
CA SER C 360 15.03 49.87 45.10
C SER C 360 13.66 49.18 45.27
N LEU C 361 12.81 49.31 44.25
CA LEU C 361 11.49 48.69 44.28
C LEU C 361 11.61 47.18 44.12
N PRO C 362 11.23 46.38 45.11
CA PRO C 362 11.38 44.94 44.96
C PRO C 362 10.43 44.38 43.93
N TYR C 363 10.88 43.30 43.28
CA TYR C 363 10.09 42.63 42.26
C TYR C 363 9.95 41.16 42.61
N TYR C 364 8.79 40.58 42.31
CA TYR C 364 8.46 39.17 42.58
C TYR C 364 8.02 38.49 41.28
N PHE C 365 8.72 38.72 40.16
CA PHE C 365 8.17 38.34 38.85
C PHE C 365 7.75 36.87 38.74
N HIS C 366 6.50 36.63 38.33
CA HIS C 366 6.17 35.42 37.55
C HIS C 366 7.12 35.36 36.37
N ALA C 367 7.83 34.24 36.17
CA ALA C 367 8.81 34.20 35.10
C ALA C 367 9.11 32.76 34.68
N GLY C 368 9.23 32.56 33.37
CA GLY C 368 9.57 31.21 32.89
C GLY C 368 8.49 30.18 33.11
N GLU C 369 7.23 30.62 33.18
CA GLU C 369 6.08 29.72 33.29
C GLU C 369 5.73 29.19 31.88
N THR C 370 6.60 28.33 31.37
CA THR C 370 6.52 28.04 29.93
C THR C 370 7.28 26.75 29.61
N ASN C 371 6.85 26.11 28.51
CA ASN C 371 7.58 25.00 27.89
C ASN C 371 8.54 25.49 26.81
N TRP C 372 8.51 26.80 26.48
CA TRP C 372 9.38 27.30 25.44
C TRP C 372 10.80 27.39 25.93
N GLN C 373 11.73 27.31 24.97
CA GLN C 373 13.15 27.42 25.26
C GLN C 373 13.82 28.34 24.24
N GLY C 374 14.66 29.24 24.75
CA GLY C 374 15.36 30.12 23.81
C GLY C 374 14.52 31.23 23.21
N THR C 375 13.34 31.50 23.77
CA THR C 375 12.40 32.48 23.32
C THR C 375 12.35 33.70 24.24
N GLU C 376 11.59 34.71 23.81
CA GLU C 376 11.34 35.86 24.66
C GLU C 376 10.71 35.45 26.00
N VAL C 377 9.97 34.34 26.04
CA VAL C 377 9.23 34.01 27.27
C VAL C 377 10.17 33.44 28.32
N ASP C 378 10.92 32.37 27.97
CA ASP C 378 11.81 31.85 29.01
C ASP C 378 12.99 32.80 29.26
N TYR C 379 13.34 33.68 28.32
CA TYR C 379 14.37 34.64 28.68
C TYR C 379 13.87 35.71 29.67
N ASN C 380 12.58 35.76 29.98
CA ASN C 380 12.17 36.58 31.11
C ASN C 380 12.95 36.22 32.36
N LEU C 381 13.38 34.94 32.50
CA LEU C 381 14.16 34.59 33.68
C LEU C 381 15.43 35.41 33.77
N VAL C 382 16.06 35.65 32.62
CA VAL C 382 17.26 36.49 32.62
C VAL C 382 16.95 37.90 33.13
N ASP C 383 15.89 38.51 32.58
CA ASP C 383 15.58 39.86 33.05
C ASP C 383 15.15 39.84 34.50
N ALA C 384 14.44 38.77 34.93
CA ALA C 384 14.03 38.77 36.35
C ALA C 384 15.24 38.85 37.26
N LEU C 385 16.34 38.18 36.89
CA LEU C 385 17.54 38.22 37.72
C LEU C 385 18.28 39.52 37.57
N LEU C 386 18.34 40.07 36.33
CA LEU C 386 19.04 41.35 36.18
C LEU C 386 18.33 42.46 36.92
N LEU C 387 17.01 42.35 37.09
CA LEU C 387 16.19 43.32 37.81
C LEU C 387 16.15 43.03 39.31
N ASN C 388 16.95 42.08 39.78
CA ASN C 388 17.15 41.80 41.19
C ASN C 388 15.89 41.28 41.86
N ALA C 389 15.13 40.43 41.16
CA ALA C 389 13.91 39.88 41.75
C ALA C 389 14.20 39.17 43.08
N THR C 390 13.28 39.36 44.03
CA THR C 390 13.40 38.80 45.37
C THR C 390 13.08 37.30 45.37
N ARG C 391 11.99 36.93 44.70
CA ARG C 391 11.64 35.54 44.40
C ARG C 391 11.16 35.52 42.96
N ILE C 392 11.11 34.31 42.38
N ILE C 392 11.08 34.33 42.37
CA ILE C 392 10.62 34.04 41.03
CA ILE C 392 10.52 34.23 41.04
C ILE C 392 9.32 33.25 41.17
C ILE C 392 9.39 33.22 41.04
N GLY C 393 8.29 33.59 40.39
CA GLY C 393 7.10 32.75 40.35
C GLY C 393 7.25 31.69 39.26
N HIS C 394 7.05 30.40 39.66
CA HIS C 394 7.06 29.24 38.77
C HIS C 394 8.47 28.84 38.35
N GLY C 395 9.11 29.63 37.49
CA GLY C 395 10.44 29.27 37.00
C GLY C 395 10.47 27.88 36.37
N PHE C 396 9.41 27.51 35.68
CA PHE C 396 9.36 26.16 35.11
C PHE C 396 10.49 25.93 34.11
N ALA C 397 10.85 26.94 33.30
CA ALA C 397 11.94 26.80 32.34
C ALA C 397 13.33 26.89 32.96
N LEU C 398 13.44 27.10 34.29
CA LEU C 398 14.75 27.42 34.88
C LEU C 398 15.77 26.30 34.65
N ILE C 399 15.33 25.02 34.71
CA ILE C 399 16.27 23.91 34.54
C ILE C 399 16.92 23.93 33.14
N LYS C 400 16.32 24.65 32.16
CA LYS C 400 16.98 24.81 30.87
C LYS C 400 17.98 25.95 30.83
N HIS C 401 18.25 26.63 31.95
CA HIS C 401 19.08 27.84 31.98
C HIS C 401 20.16 27.75 33.05
N PRO C 402 21.26 27.05 32.77
CA PRO C 402 22.27 26.81 33.82
C PRO C 402 22.92 28.08 34.41
N ARG C 403 23.11 29.13 33.60
CA ARG C 403 23.74 30.34 34.15
C ARG C 403 22.75 31.10 35.02
N VAL C 404 21.47 31.04 34.69
CA VAL C 404 20.50 31.66 35.58
C VAL C 404 20.41 30.89 36.90
N ILE C 405 20.47 29.54 36.81
CA ILE C 405 20.48 28.74 38.05
C ILE C 405 21.60 29.18 38.97
N GLU C 406 22.81 29.35 38.42
CA GLU C 406 23.93 29.79 39.27
C GLU C 406 23.58 31.04 40.05
N LEU C 407 22.97 32.03 39.38
CA LEU C 407 22.61 33.28 40.08
C LEU C 407 21.53 33.07 41.13
N VAL C 408 20.52 32.27 40.79
CA VAL C 408 19.45 31.96 41.74
C VAL C 408 20.04 31.35 43.01
N LYS C 409 20.97 30.42 42.85
CA LYS C 409 21.57 29.80 44.04
C LYS C 409 22.42 30.78 44.82
N SER C 410 23.27 31.55 44.12
CA SER C 410 24.25 32.35 44.85
C SER C 410 23.57 33.52 45.56
N ARG C 411 22.50 34.03 44.99
CA ARG C 411 21.76 35.13 45.60
C ARG C 411 20.67 34.67 46.53
N GLY C 412 20.32 33.38 46.52
CA GLY C 412 19.21 32.95 47.36
C GLY C 412 17.87 33.49 46.90
N VAL C 413 17.60 33.40 45.61
CA VAL C 413 16.33 33.86 45.03
C VAL C 413 15.39 32.66 45.02
N ALA C 414 14.42 32.59 45.95
CA ALA C 414 13.60 31.38 46.00
C ALA C 414 12.68 31.31 44.80
N VAL C 415 12.53 30.10 44.26
CA VAL C 415 11.56 29.81 43.19
C VAL C 415 10.26 29.36 43.84
N GLU C 416 9.16 30.07 43.54
CA GLU C 416 7.85 29.67 44.04
C GLU C 416 7.28 28.61 43.11
N VAL C 417 7.20 27.37 43.59
CA VAL C 417 6.81 26.21 42.78
C VAL C 417 5.35 25.88 43.10
N ASN C 418 4.51 25.87 42.06
CA ASN C 418 3.07 25.77 42.18
C ASN C 418 2.63 24.54 41.37
N PRO C 419 2.74 23.34 41.94
CA PRO C 419 2.69 22.15 41.04
C PRO C 419 1.31 21.82 40.50
N VAL C 420 0.23 21.98 41.27
CA VAL C 420 -1.08 21.70 40.70
C VAL C 420 -1.39 22.68 39.59
N SER C 421 -1.11 23.96 39.84
CA SER C 421 -1.27 25.00 38.82
C SER C 421 -0.56 24.63 37.51
N ASN C 422 0.70 24.22 37.62
CA ASN C 422 1.47 23.96 36.42
C ASN C 422 0.91 22.77 35.64
N GLN C 423 0.33 21.82 36.35
CA GLN C 423 -0.28 20.68 35.64
C GLN C 423 -1.62 21.08 35.02
N LEU C 424 -2.50 21.68 35.82
CA LEU C 424 -3.81 22.01 35.28
C LEU C 424 -3.72 23.08 34.20
N LEU C 425 -2.81 24.04 34.31
CA LEU C 425 -2.69 25.10 33.32
C LEU C 425 -1.69 24.76 32.20
N GLY C 426 -1.38 23.45 32.00
CA GLY C 426 -0.88 23.01 30.71
C GLY C 426 0.63 22.92 30.52
N LEU C 427 1.43 22.97 31.56
CA LEU C 427 2.87 22.83 31.38
C LEU C 427 3.38 21.40 31.51
N VAL C 428 2.60 20.50 32.08
CA VAL C 428 3.11 19.12 32.31
C VAL C 428 1.90 18.25 32.59
N LYS C 429 2.02 16.94 32.28
CA LYS C 429 0.91 16.03 32.53
C LYS C 429 1.21 15.11 33.71
N ASP C 430 2.25 14.29 33.58
CA ASP C 430 2.73 13.43 34.66
C ASP C 430 3.58 14.33 35.55
N LEU C 431 3.15 14.58 36.81
CA LEU C 431 3.89 15.50 37.65
C LEU C 431 5.30 15.02 37.99
N ARG C 432 5.65 13.73 37.79
CA ARG C 432 7.05 13.36 37.95
C ARG C 432 7.94 13.99 36.89
N ASN C 433 7.36 14.55 35.81
CA ASN C 433 8.13 15.32 34.85
C ASN C 433 8.19 16.82 35.20
N HIS C 434 7.70 17.20 36.37
CA HIS C 434 7.72 18.61 36.72
C HIS C 434 9.18 19.12 36.75
N ALA C 435 9.42 20.26 36.10
CA ALA C 435 10.77 20.76 35.92
C ALA C 435 11.41 21.23 37.23
N ALA C 436 10.67 21.30 38.32
CA ALA C 436 11.30 21.63 39.59
C ALA C 436 11.98 20.44 40.25
N ALA C 437 11.68 19.21 39.84
CA ALA C 437 12.35 18.08 40.49
C ALA C 437 13.86 18.16 40.33
N PRO C 438 14.42 18.46 39.16
CA PRO C 438 15.88 18.63 39.08
C PRO C 438 16.36 19.86 39.80
N LEU C 439 15.53 20.89 39.97
CA LEU C 439 15.95 22.02 40.81
C LEU C 439 16.11 21.59 42.24
N LEU C 440 15.14 20.82 42.75
CA LEU C 440 15.25 20.39 44.16
C LEU C 440 16.42 19.44 44.36
N ALA C 441 16.75 18.64 43.34
CA ALA C 441 17.87 17.72 43.49
C ALA C 441 19.20 18.47 43.58
N GLN C 442 19.25 19.68 43.03
CA GLN C 442 20.44 20.54 43.13
C GLN C 442 20.43 21.50 44.33
N ASN C 443 19.41 21.46 45.17
CA ASN C 443 19.26 22.38 46.30
C ASN C 443 19.06 23.84 45.86
N VAL C 444 18.45 24.04 44.69
CA VAL C 444 17.93 25.38 44.35
C VAL C 444 16.91 25.78 45.40
N PRO C 445 16.91 27.01 45.91
CA PRO C 445 15.95 27.39 46.97
C PRO C 445 14.53 27.39 46.41
N VAL C 446 13.63 26.65 47.07
CA VAL C 446 12.27 26.47 46.59
C VAL C 446 11.31 26.66 47.73
N VAL C 447 10.16 27.28 47.44
CA VAL C 447 9.03 27.26 48.35
C VAL C 447 7.84 26.73 47.56
N ILE C 448 6.98 25.95 48.20
CA ILE C 448 5.79 25.37 47.55
C ILE C 448 4.62 26.30 47.81
N SER C 449 3.75 26.49 46.84
CA SER C 449 2.53 27.25 47.08
C SER C 449 1.41 26.72 46.15
N SER C 450 0.22 27.28 46.32
CA SER C 450 -0.97 26.78 45.63
C SER C 450 -1.49 27.64 44.48
N ASP C 451 -1.08 28.92 44.40
CA ASP C 451 -1.34 29.83 43.27
C ASP C 451 -2.80 30.32 43.25
N ASP C 452 -3.72 29.45 42.88
CA ASP C 452 -5.12 29.80 42.64
C ASP C 452 -5.98 28.66 43.17
N PRO C 453 -5.80 28.24 44.43
CA PRO C 453 -6.52 27.02 44.88
C PRO C 453 -8.03 27.10 44.82
N GLY C 454 -8.63 28.28 44.99
CA GLY C 454 -10.08 28.34 44.90
C GLY C 454 -10.61 28.00 43.52
N VAL C 455 -9.84 28.27 42.47
CA VAL C 455 -10.33 28.10 41.10
C VAL C 455 -10.62 26.64 40.81
N TRP C 456 -9.79 25.74 41.34
CA TRP C 456 -9.89 24.32 41.01
C TRP C 456 -10.04 23.47 42.27
N GLU C 457 -10.62 24.07 43.31
CA GLU C 457 -11.08 23.33 44.48
C GLU C 457 -9.93 22.61 45.20
N ALA C 458 -8.77 23.26 45.29
CA ALA C 458 -7.65 22.77 46.10
C ALA C 458 -7.64 23.47 47.47
N LEU C 459 -7.01 22.80 48.44
CA LEU C 459 -6.75 23.36 49.77
C LEU C 459 -5.69 24.43 49.64
N PRO C 460 -5.52 25.26 50.69
CA PRO C 460 -4.54 26.33 50.61
C PRO C 460 -3.13 25.84 50.34
N MET C 461 -2.74 24.71 50.96
CA MET C 461 -1.37 24.21 50.80
C MET C 461 -1.26 22.69 50.74
N SER C 462 -2.16 21.93 51.37
CA SER C 462 -1.88 20.50 51.58
C SER C 462 -1.85 19.71 50.28
N HIS C 463 -2.70 20.06 49.31
CA HIS C 463 -2.69 19.29 48.06
C HIS C 463 -1.40 19.52 47.30
N ASP C 464 -0.96 20.79 47.21
CA ASP C 464 0.30 21.13 46.55
C ASP C 464 1.49 20.53 47.27
N MET C 465 1.49 20.55 48.60
CA MET C 465 2.62 19.99 49.33
C MET C 465 2.66 18.47 49.13
N TYR C 466 1.48 17.84 49.07
CA TYR C 466 1.43 16.38 48.86
C TYR C 466 1.98 16.03 47.48
N VAL C 467 1.53 16.74 46.43
CA VAL C 467 2.04 16.34 45.12
C VAL C 467 3.52 16.70 44.98
N ALA C 468 3.99 17.82 45.58
CA ALA C 468 5.43 18.04 45.57
C ALA C 468 6.17 16.87 46.25
N PHE C 469 5.73 16.49 47.44
CA PHE C 469 6.39 15.45 48.21
C PHE C 469 6.38 14.11 47.45
N MET C 470 5.28 13.78 46.78
CA MET C 470 5.16 12.47 46.13
C MET C 470 5.73 12.40 44.72
N ASP C 471 5.86 13.54 44.03
CA ASP C 471 6.18 13.57 42.60
C ASP C 471 7.48 14.30 42.28
N LEU C 472 7.87 15.29 43.10
CA LEU C 472 9.00 16.15 42.78
C LEU C 472 10.27 15.79 43.55
N VAL C 473 10.22 14.85 44.48
CA VAL C 473 11.38 14.23 45.10
C VAL C 473 11.13 12.73 45.13
N GLY C 474 12.16 11.99 45.53
CA GLY C 474 12.22 10.57 45.31
C GLY C 474 11.62 9.69 46.42
N GLU C 475 11.64 8.36 46.17
CA GLU C 475 11.08 7.39 47.09
C GLU C 475 11.76 7.46 48.46
N ASP C 476 13.04 7.78 48.46
CA ASP C 476 13.83 7.82 49.67
C ASP C 476 13.90 9.21 50.29
N ALA C 477 13.02 10.12 49.90
CA ALA C 477 12.98 11.46 50.47
C ALA C 477 11.76 11.54 51.38
N GLY C 478 11.97 11.93 52.64
CA GLY C 478 10.92 11.85 53.64
C GLY C 478 10.65 13.17 54.36
N LEU C 479 10.52 13.05 55.68
CA LEU C 479 10.08 14.19 56.48
C LEU C 479 11.10 15.31 56.46
N ASP C 480 12.36 14.98 56.20
CA ASP C 480 13.37 16.04 56.07
C ASP C 480 13.06 17.00 54.92
N VAL C 481 12.60 16.49 53.76
CA VAL C 481 12.20 17.38 52.67
C VAL C 481 11.03 18.26 53.10
N LEU C 482 10.01 17.65 53.71
CA LEU C 482 8.86 18.46 54.13
C LEU C 482 9.29 19.56 55.10
N LYS C 483 10.09 19.20 56.11
CA LYS C 483 10.50 20.19 57.10
C LYS C 483 11.29 21.32 56.42
N GLN C 484 12.18 20.96 55.46
CA GLN C 484 12.97 22.02 54.80
C GLN C 484 12.07 22.95 54.00
N LEU C 485 11.14 22.40 53.22
CA LEU C 485 10.24 23.24 52.43
C LEU C 485 9.39 24.16 53.34
N VAL C 486 8.92 23.63 54.47
CA VAL C 486 8.21 24.46 55.45
C VAL C 486 9.11 25.58 55.96
N TRP C 487 10.31 25.26 56.42
CA TRP C 487 11.19 26.31 56.94
C TRP C 487 11.55 27.31 55.83
N ASN C 488 11.77 26.81 54.59
CA ASN C 488 12.08 27.70 53.50
C ASN C 488 10.98 28.74 53.34
N SER C 489 9.71 28.36 53.53
CA SER C 489 8.63 29.34 53.30
C SER C 489 8.68 30.54 54.26
N ILE C 490 9.29 30.40 55.44
CA ILE C 490 9.54 31.54 56.31
C ILE C 490 10.88 32.19 55.98
N GLN C 491 11.93 31.37 55.81
CA GLN C 491 13.24 31.92 55.59
C GLN C 491 13.34 32.74 54.30
N TYR C 492 12.60 32.36 53.26
CA TYR C 492 12.60 33.11 52.01
C TYR C 492 11.37 33.99 51.86
N SER C 493 10.58 34.16 52.93
CA SER C 493 9.57 35.22 52.95
C SER C 493 10.24 36.58 52.94
N SER C 494 9.42 37.62 52.87
CA SER C 494 9.94 38.97 52.94
C SER C 494 9.78 39.58 54.32
N MET C 495 9.63 38.75 55.35
CA MET C 495 9.70 39.25 56.73
C MET C 495 11.08 39.86 57.01
N ASN C 496 11.10 40.88 57.88
CA ASN C 496 12.40 41.38 58.34
C ASN C 496 12.97 40.40 59.37
N ALA C 497 14.21 40.65 59.81
CA ALA C 497 14.89 39.68 60.66
C ALA C 497 14.14 39.45 61.99
N THR C 498 13.59 40.51 62.58
CA THR C 498 12.85 40.38 63.83
C THR C 498 11.55 39.59 63.63
N GLU C 499 10.82 39.88 62.54
CA GLU C 499 9.61 39.12 62.24
C GLU C 499 9.92 37.66 62.01
N LYS C 500 11.01 37.36 61.26
CA LYS C 500 11.39 35.97 61.00
C LYS C 500 11.67 35.22 62.28
N LYS C 501 12.48 35.80 63.18
CA LYS C 501 12.73 35.13 64.45
C LYS C 501 11.42 34.85 65.20
N THR C 502 10.52 35.84 65.26
CA THR C 502 9.23 35.62 65.93
C THR C 502 8.44 34.48 65.28
N ALA C 503 8.36 34.51 63.94
CA ALA C 503 7.58 33.52 63.21
C ALA C 503 8.18 32.12 63.39
N LEU C 504 9.51 32.00 63.40
CA LEU C 504 10.12 30.69 63.57
C LEU C 504 9.92 30.15 64.99
N LYS C 505 9.91 31.02 66.00
CA LYS C 505 9.59 30.59 67.34
C LYS C 505 8.19 29.95 67.39
N LEU C 506 7.22 30.63 66.75
CA LEU C 506 5.87 30.08 66.67
C LEU C 506 5.84 28.76 65.88
N LEU C 507 6.53 28.73 64.73
CA LEU C 507 6.52 27.54 63.88
C LEU C 507 7.14 26.37 64.62
N GLN C 508 8.25 26.60 65.32
CA GLN C 508 8.90 25.50 66.04
C GLN C 508 7.93 24.88 67.04
N ALA C 509 7.19 25.71 67.77
CA ALA C 509 6.21 25.17 68.72
C ALA C 509 5.10 24.37 67.99
N LYS C 510 4.56 24.94 66.91
CA LYS C 510 3.55 24.22 66.11
C LYS C 510 4.10 22.89 65.59
N TRP C 511 5.34 22.89 65.13
CA TRP C 511 5.98 21.69 64.61
C TRP C 511 6.14 20.62 65.70
N ASN C 512 6.63 21.02 66.88
CA ASN C 512 6.78 20.06 67.97
C ASN C 512 5.44 19.43 68.33
N ASN C 513 4.38 20.25 68.41
CA ASN C 513 3.04 19.72 68.71
C ASN C 513 2.57 18.71 67.64
N PHE C 514 2.75 19.08 66.36
CA PHE C 514 2.41 18.20 65.22
C PHE C 514 3.13 16.86 65.30
N ILE C 515 4.43 16.88 65.60
CA ILE C 515 5.16 15.61 65.73
C ILE C 515 4.55 14.75 66.83
N ASN C 516 4.36 15.32 68.02
CA ASN C 516 3.82 14.51 69.11
C ASN C 516 2.43 13.97 68.79
N ASP C 517 1.54 14.85 68.29
CA ASP C 517 0.19 14.45 67.90
C ASP C 517 0.23 13.33 66.89
N SER C 518 1.15 13.42 65.93
CA SER C 518 1.19 12.44 64.82
C SER C 518 1.64 11.09 65.33
N LEU C 519 2.62 11.07 66.25
CA LEU C 519 3.02 9.77 66.79
C LEU C 519 1.85 9.09 67.50
N ILE C 520 1.07 9.87 68.25
CA ILE C 520 -0.12 9.30 68.90
C ILE C 520 -1.16 8.84 67.85
N LYS C 521 -1.44 9.68 66.88
CA LYS C 521 -2.50 9.43 65.91
C LYS C 521 -2.22 8.18 65.09
N TRP C 522 -0.99 8.01 64.64
CA TRP C 522 -0.63 6.88 63.80
C TRP C 522 -0.06 5.70 64.58
N LYS C 523 -0.23 5.70 65.90
CA LYS C 523 0.15 4.55 66.78
C LYS C 523 1.61 4.15 66.61
N LEU C 524 2.48 5.17 66.59
CA LEU C 524 3.91 5.00 66.39
C LEU C 524 4.73 5.03 67.66
N THR C 525 4.11 5.23 68.80
CA THR C 525 4.89 5.23 70.06
C THR C 525 5.13 3.81 70.60
N VAL D 30 20.27 -0.52 -54.71
CA VAL D 30 19.09 -0.17 -53.91
C VAL D 30 17.92 -1.02 -54.39
N ARG D 31 17.31 -1.79 -53.48
CA ARG D 31 16.24 -2.69 -53.92
C ARG D 31 14.99 -1.93 -54.37
N PHE D 32 14.60 -0.86 -53.67
CA PHE D 32 13.33 -0.17 -54.00
C PHE D 32 13.59 1.33 -54.21
N PRO D 33 14.22 1.70 -55.33
CA PRO D 33 14.58 3.10 -55.53
C PRO D 33 13.38 3.96 -55.83
N THR D 34 12.27 3.37 -56.24
CA THR D 34 11.08 4.07 -56.68
C THR D 34 9.87 3.43 -56.03
N MET D 35 8.75 4.19 -56.03
CA MET D 35 7.48 3.64 -55.57
C MET D 35 7.04 2.47 -56.43
N ASP D 36 7.27 2.54 -57.74
CA ASP D 36 6.82 1.45 -58.61
C ASP D 36 7.51 0.13 -58.27
N GLU D 37 8.82 0.18 -57.99
CA GLU D 37 9.51 -1.06 -57.62
C GLU D 37 8.94 -1.65 -56.33
N TYR D 38 8.67 -0.77 -55.34
CA TYR D 38 8.11 -1.22 -54.08
C TYR D 38 6.72 -1.84 -54.27
N THR D 39 5.84 -1.13 -54.98
CA THR D 39 4.47 -1.61 -55.08
C THR D 39 4.42 -2.89 -55.92
N ASN D 40 5.26 -3.00 -56.95
CA ASN D 40 5.37 -4.26 -57.70
C ASN D 40 5.63 -5.45 -56.77
N ALA D 41 6.66 -5.32 -55.93
CA ALA D 41 7.00 -6.41 -55.02
C ALA D 41 5.86 -6.70 -54.03
N ARG D 42 5.29 -5.65 -53.47
CA ARG D 42 4.23 -5.75 -52.48
C ARG D 42 3.01 -6.45 -53.04
N GLU D 43 2.59 -6.02 -54.23
CA GLU D 43 1.43 -6.57 -54.90
C GLU D 43 1.66 -8.01 -55.33
N GLU D 44 2.87 -8.35 -55.76
CA GLU D 44 3.10 -9.76 -56.09
C GLU D 44 2.99 -10.63 -54.85
N LEU D 45 3.52 -10.16 -53.71
CA LEU D 45 3.44 -10.95 -52.48
C LEU D 45 2.00 -11.14 -52.01
N ILE D 46 1.24 -10.04 -51.89
CA ILE D 46 -0.16 -10.12 -51.52
C ILE D 46 -0.94 -10.97 -52.50
N GLY D 47 -0.69 -10.77 -53.80
CA GLY D 47 -1.42 -11.57 -54.78
C GLY D 47 -1.10 -13.05 -54.66
N SER D 48 0.16 -13.39 -54.37
CA SER D 48 0.52 -14.79 -54.19
C SER D 48 -0.27 -15.44 -53.06
N GLU D 49 -0.53 -14.69 -51.98
CA GLU D 49 -1.40 -15.24 -50.94
C GLU D 49 -2.84 -15.35 -51.39
N GLN D 50 -3.30 -14.36 -52.18
CA GLN D 50 -4.67 -14.48 -52.70
C GLN D 50 -4.85 -15.73 -53.57
N TYR D 51 -3.83 -16.08 -54.34
CA TYR D 51 -3.97 -17.27 -55.19
C TYR D 51 -3.99 -18.53 -54.37
N LEU D 52 -3.37 -18.50 -53.17
CA LEU D 52 -3.30 -19.67 -52.30
C LEU D 52 -4.55 -19.93 -51.47
N ARG D 53 -5.38 -18.92 -51.21
CA ARG D 53 -6.51 -19.15 -50.30
C ARG D 53 -7.67 -19.83 -51.05
N VAL D 54 -8.66 -20.27 -50.27
CA VAL D 54 -9.87 -20.84 -50.82
C VAL D 54 -10.38 -19.93 -51.94
N GLY D 55 -10.71 -20.54 -53.07
CA GLY D 55 -11.27 -19.74 -54.13
C GLY D 55 -10.27 -18.94 -54.93
N GLY D 56 -8.99 -19.01 -54.58
CA GLY D 56 -8.00 -18.15 -55.20
C GLY D 56 -7.72 -18.46 -56.67
N SER D 57 -8.10 -19.63 -57.17
CA SER D 57 -7.87 -19.90 -58.58
C SER D 57 -9.10 -19.63 -59.46
N ILE D 58 -10.20 -19.15 -58.89
CA ILE D 58 -11.40 -18.87 -59.68
C ILE D 58 -11.19 -17.61 -60.52
N ASN D 59 -11.63 -17.64 -61.77
CA ASN D 59 -11.68 -16.45 -62.62
C ASN D 59 -13.14 -16.11 -62.86
N LEU D 60 -13.62 -15.04 -62.25
CA LEU D 60 -15.00 -14.58 -62.40
C LEU D 60 -15.21 -14.03 -63.80
N ASN D 61 -16.38 -14.32 -64.38
CA ASN D 61 -16.73 -13.75 -65.69
C ASN D 61 -17.26 -12.31 -65.48
N ASN D 62 -17.64 -11.63 -66.56
CA ASN D 62 -17.91 -10.18 -66.43
C ASN D 62 -19.15 -9.89 -65.58
N LYS D 63 -20.18 -10.73 -65.71
CA LYS D 63 -21.36 -10.59 -64.86
C LYS D 63 -21.02 -10.84 -63.40
N GLU D 64 -20.26 -11.91 -63.13
CA GLU D 64 -19.81 -12.17 -61.76
C GLU D 64 -19.00 -11.01 -61.22
N LYS D 65 -18.16 -10.42 -62.04
CA LYS D 65 -17.33 -9.31 -61.59
C LYS D 65 -18.16 -8.10 -61.18
N LYS D 66 -19.24 -7.82 -61.92
CA LYS D 66 -20.12 -6.71 -61.51
C LYS D 66 -20.68 -6.95 -60.11
N LEU D 67 -21.19 -8.18 -59.89
CA LEU D 67 -21.69 -8.48 -58.56
C LEU D 67 -20.58 -8.42 -57.52
N ASN D 68 -19.39 -8.95 -57.88
CA ASN D 68 -18.27 -9.00 -56.92
C ASN D 68 -17.85 -7.58 -56.52
N GLN D 69 -17.80 -6.68 -57.50
CA GLN D 69 -17.42 -5.31 -57.20
C GLN D 69 -18.40 -4.69 -56.22
N PHE D 70 -19.69 -4.97 -56.37
CA PHE D 70 -20.67 -4.43 -55.39
C PHE D 70 -20.48 -5.07 -53.99
N ILE D 71 -20.31 -6.39 -53.94
CA ILE D 71 -20.04 -7.05 -52.67
C ILE D 71 -18.82 -6.47 -51.98
N LEU D 72 -17.73 -6.27 -52.73
CA LEU D 72 -16.50 -5.75 -52.12
C LEU D 72 -16.63 -4.30 -51.66
N ARG D 73 -17.40 -3.48 -52.38
CA ARG D 73 -17.67 -2.11 -51.91
C ARG D 73 -18.42 -2.13 -50.57
N GLU D 74 -19.44 -2.99 -50.48
CA GLU D 74 -20.19 -3.12 -49.23
C GLU D 74 -19.31 -3.64 -48.10
N LYS D 75 -18.48 -4.66 -48.39
CA LYS D 75 -17.64 -5.24 -47.36
C LYS D 75 -16.66 -4.20 -46.81
N ARG D 76 -16.03 -3.47 -47.73
CA ARG D 76 -15.10 -2.45 -47.30
C ARG D 76 -15.82 -1.37 -46.50
N ALA D 77 -17.05 -1.01 -46.90
CA ALA D 77 -17.75 0.06 -46.18
C ALA D 77 -17.98 -0.32 -44.71
N ILE D 78 -18.42 -1.56 -44.46
CA ILE D 78 -18.71 -1.95 -43.08
C ILE D 78 -17.41 -2.11 -42.26
N ILE D 79 -16.37 -2.70 -42.85
CA ILE D 79 -15.10 -2.86 -42.14
C ILE D 79 -14.44 -1.51 -41.86
N GLU D 80 -14.45 -0.60 -42.85
CA GLU D 80 -13.82 0.71 -42.65
C GLU D 80 -14.57 1.50 -41.59
N ASN D 81 -15.89 1.39 -41.56
CA ASN D 81 -16.62 2.07 -40.52
C ASN D 81 -16.23 1.54 -39.14
N SER D 82 -16.14 0.21 -38.98
CA SER D 82 -15.79 -0.31 -37.66
C SER D 82 -14.37 0.12 -37.27
N ARG D 83 -13.45 0.06 -38.23
CA ARG D 83 -12.05 0.31 -37.95
C ARG D 83 -11.77 1.79 -37.67
N LEU D 84 -12.31 2.67 -38.52
CA LEU D 84 -11.96 4.08 -38.41
C LEU D 84 -12.91 4.85 -37.52
N ASN D 85 -14.17 4.42 -37.38
CA ASN D 85 -15.07 5.00 -36.41
C ASN D 85 -15.04 4.27 -35.06
N LYS D 86 -14.14 3.30 -34.90
CA LYS D 86 -13.79 2.76 -33.60
C LYS D 86 -15.01 2.16 -32.91
N THR D 87 -15.70 1.26 -33.61
CA THR D 87 -16.87 0.61 -33.04
C THR D 87 -16.83 -0.88 -33.39
N GLN D 88 -17.56 -1.69 -32.64
CA GLN D 88 -17.37 -3.13 -32.79
C GLN D 88 -17.85 -3.61 -34.18
N TYR D 89 -17.21 -4.66 -34.69
CA TYR D 89 -17.51 -5.23 -36.00
C TYR D 89 -18.65 -6.23 -35.78
N ILE D 90 -19.87 -5.79 -36.06
CA ILE D 90 -21.04 -6.57 -35.68
C ILE D 90 -21.07 -7.97 -36.30
N PRO D 91 -20.61 -8.22 -37.54
CA PRO D 91 -20.62 -9.60 -38.04
C PRO D 91 -19.87 -10.60 -37.16
N ALA D 92 -18.99 -10.13 -36.26
CA ALA D 92 -18.16 -11.01 -35.47
C ALA D 92 -18.64 -11.16 -34.02
N VAL D 93 -19.66 -10.41 -33.60
CA VAL D 93 -20.12 -10.45 -32.20
C VAL D 93 -21.09 -11.61 -32.06
N SER D 94 -21.60 -11.81 -30.84
CA SER D 94 -22.53 -12.94 -30.61
C SER D 94 -23.67 -12.95 -31.62
N PHE D 95 -24.00 -14.14 -32.13
CA PHE D 95 -25.12 -14.28 -33.08
C PHE D 95 -26.41 -13.69 -32.51
N PHE D 96 -26.57 -13.74 -31.18
CA PHE D 96 -27.75 -13.15 -30.55
C PHE D 96 -27.87 -11.69 -30.91
N LEU D 97 -26.74 -10.99 -30.98
CA LEU D 97 -26.71 -9.57 -31.30
C LEU D 97 -26.64 -9.30 -32.79
N SER D 98 -25.89 -10.13 -33.53
CA SER D 98 -25.66 -9.86 -34.94
C SER D 98 -26.81 -10.28 -35.83
N LYS D 99 -27.64 -11.24 -35.42
CA LYS D 99 -28.62 -11.83 -36.35
C LYS D 99 -29.53 -10.76 -36.99
N SER D 100 -30.18 -9.94 -36.15
CA SER D 100 -31.13 -8.99 -36.70
C SER D 100 -30.43 -7.88 -37.48
N GLN D 101 -29.19 -7.58 -37.11
CA GLN D 101 -28.44 -6.53 -37.81
C GLN D 101 -28.01 -7.01 -39.20
N MET D 102 -27.52 -8.25 -39.31
CA MET D 102 -27.05 -8.67 -40.62
C MET D 102 -28.22 -8.80 -41.59
N GLU D 103 -29.40 -9.18 -41.09
CA GLU D 103 -30.45 -9.54 -42.03
C GLU D 103 -30.98 -8.36 -42.86
N SER D 104 -30.70 -7.12 -42.48
CA SER D 104 -31.16 -5.99 -43.30
C SER D 104 -30.12 -5.52 -44.32
N THR D 105 -28.98 -6.21 -44.46
CA THR D 105 -27.90 -5.69 -45.28
C THR D 105 -27.83 -6.35 -46.65
N PRO D 106 -27.35 -5.62 -47.65
CA PRO D 106 -27.22 -6.25 -49.00
C PRO D 106 -26.38 -7.52 -49.04
N ILE D 107 -25.25 -7.59 -48.31
CA ILE D 107 -24.43 -8.80 -48.43
C ILE D 107 -25.20 -9.99 -47.90
N PHE D 108 -25.95 -9.77 -46.82
CA PHE D 108 -26.75 -10.87 -46.30
C PHE D 108 -27.81 -11.29 -47.30
N LYS D 109 -28.51 -10.31 -47.88
CA LYS D 109 -29.60 -10.62 -48.80
C LYS D 109 -29.10 -11.33 -50.05
N ILE D 110 -27.89 -10.97 -50.51
CA ILE D 110 -27.29 -11.68 -51.64
C ILE D 110 -26.97 -13.13 -51.25
N ILE D 111 -26.35 -13.34 -50.08
CA ILE D 111 -26.04 -14.69 -49.63
C ILE D 111 -27.32 -15.49 -49.42
N LYS D 112 -28.40 -14.83 -48.96
CA LYS D 112 -29.68 -15.51 -48.81
C LYS D 112 -30.18 -16.04 -50.15
N ASP D 113 -30.11 -15.22 -51.19
CA ASP D 113 -30.58 -15.64 -52.53
C ASP D 113 -29.65 -16.68 -53.15
N MET D 114 -28.38 -16.70 -52.73
CA MET D 114 -27.36 -17.48 -53.40
C MET D 114 -27.62 -18.99 -53.22
N PRO D 115 -27.45 -19.82 -54.27
CA PRO D 115 -27.51 -21.27 -54.03
C PRO D 115 -26.32 -21.68 -53.15
N LYS D 116 -26.61 -22.51 -52.16
CA LYS D 116 -25.57 -22.90 -51.19
C LYS D 116 -24.89 -24.21 -51.55
N GLY D 117 -25.46 -25.00 -52.47
CA GLY D 117 -24.97 -26.35 -52.71
C GLY D 117 -25.50 -27.29 -51.65
N ALA D 118 -24.67 -27.64 -50.68
CA ALA D 118 -25.05 -28.66 -49.72
C ALA D 118 -24.79 -28.19 -48.29
N ALA D 119 -25.58 -28.71 -47.33
CA ALA D 119 -25.21 -28.60 -45.92
C ALA D 119 -24.76 -30.01 -45.51
N LEU D 120 -23.49 -30.17 -45.20
CA LEU D 120 -22.95 -31.51 -44.95
C LEU D 120 -22.84 -31.86 -43.47
N HIS D 121 -23.11 -30.93 -42.57
CA HIS D 121 -22.98 -31.23 -41.15
C HIS D 121 -24.22 -30.69 -40.42
N LEU D 122 -25.15 -31.60 -40.11
CA LEU D 122 -26.46 -31.33 -39.52
C LEU D 122 -26.86 -32.51 -38.64
N HIS D 123 -27.62 -32.21 -37.58
CA HIS D 123 -28.19 -33.25 -36.73
C HIS D 123 -29.70 -33.27 -36.89
N ASP D 124 -30.27 -34.47 -37.04
CA ASP D 124 -31.66 -34.55 -37.47
C ASP D 124 -32.67 -34.13 -36.42
N THR D 125 -32.29 -33.94 -35.14
CA THR D 125 -33.27 -33.47 -34.16
C THR D 125 -33.08 -31.99 -33.86
N ALA D 126 -32.30 -31.31 -34.68
CA ALA D 126 -31.93 -29.91 -34.43
C ALA D 126 -31.92 -29.06 -35.69
N SER D 127 -32.53 -29.51 -36.79
CA SER D 127 -32.33 -28.83 -38.06
C SER D 127 -33.64 -28.32 -38.66
N ALA D 128 -34.71 -28.25 -37.87
CA ALA D 128 -35.95 -27.60 -38.32
C ALA D 128 -36.39 -26.65 -37.22
N ARG D 129 -37.38 -25.81 -37.54
CA ARG D 129 -37.71 -24.71 -36.64
C ARG D 129 -38.36 -25.18 -35.35
N ILE D 130 -37.93 -24.59 -34.23
CA ILE D 130 -38.69 -24.78 -33.00
C ILE D 130 -40.12 -24.30 -33.20
N ASP D 131 -40.32 -23.28 -34.04
CA ASP D 131 -41.69 -22.80 -34.27
C ASP D 131 -42.58 -23.93 -34.78
N TRP D 132 -42.03 -24.84 -35.60
CA TRP D 132 -42.83 -25.97 -36.12
C TRP D 132 -43.14 -26.98 -35.01
N ILE D 133 -42.17 -27.25 -34.14
CA ILE D 133 -42.44 -28.08 -32.95
C ILE D 133 -43.63 -27.51 -32.20
N VAL D 134 -43.67 -26.18 -32.05
CA VAL D 134 -44.74 -25.57 -31.27
C VAL D 134 -46.06 -25.57 -32.06
N SER D 135 -46.05 -25.00 -33.26
CA SER D 135 -47.30 -24.76 -33.98
C SER D 135 -47.87 -26.05 -34.55
N ASN D 136 -47.01 -27.04 -34.82
CA ASN D 136 -47.50 -28.29 -35.37
C ASN D 136 -47.45 -29.43 -34.36
N ALA D 137 -46.27 -29.77 -33.85
CA ALA D 137 -46.18 -30.98 -33.04
C ALA D 137 -46.96 -30.84 -31.73
N THR D 138 -46.88 -29.68 -31.04
CA THR D 138 -47.60 -29.60 -29.77
C THR D 138 -49.08 -29.32 -29.95
N TYR D 139 -49.60 -29.27 -31.17
CA TYR D 139 -51.03 -29.24 -31.43
C TYR D 139 -51.60 -30.62 -31.73
N ARG D 140 -50.79 -31.68 -31.61
CA ARG D 140 -51.27 -33.03 -31.89
C ARG D 140 -51.84 -33.69 -30.64
N ASP D 141 -52.73 -34.66 -30.84
CA ASP D 141 -53.26 -35.39 -29.70
C ASP D 141 -52.16 -36.06 -28.90
N HIS D 142 -52.44 -36.23 -27.60
CA HIS D 142 -51.64 -37.02 -26.67
C HIS D 142 -50.26 -36.42 -26.39
N VAL D 143 -50.08 -35.11 -26.60
CA VAL D 143 -48.84 -34.43 -26.27
C VAL D 143 -48.96 -33.83 -24.86
N TYR D 144 -47.96 -34.12 -24.02
CA TYR D 144 -47.91 -33.69 -22.61
C TYR D 144 -46.69 -32.81 -22.39
N MET D 145 -46.78 -31.93 -21.38
CA MET D 145 -45.70 -31.02 -21.01
C MET D 145 -45.54 -31.08 -19.51
N CYS D 146 -44.34 -30.69 -19.05
CA CYS D 146 -44.11 -30.52 -17.62
C CYS D 146 -42.91 -29.62 -17.41
N MET D 147 -42.83 -29.04 -16.21
CA MET D 147 -41.66 -28.28 -15.81
C MET D 147 -40.75 -29.20 -15.00
N ASP D 148 -39.51 -29.33 -15.44
CA ASP D 148 -38.60 -30.22 -14.75
C ASP D 148 -37.98 -29.47 -13.57
N GLN D 149 -37.13 -30.17 -12.83
CA GLN D 149 -36.59 -29.62 -11.61
C GLN D 149 -35.66 -28.43 -11.86
N ASP D 150 -35.20 -28.25 -13.09
CA ASP D 150 -34.37 -27.12 -13.47
C ASP D 150 -35.18 -25.95 -14.02
N ASN D 151 -36.51 -26.08 -13.98
CA ASN D 151 -37.45 -25.06 -14.44
C ASN D 151 -37.46 -24.88 -15.97
N PHE D 152 -37.36 -25.99 -16.71
CA PHE D 152 -37.46 -26.02 -18.16
C PHE D 152 -38.66 -26.84 -18.56
N VAL D 153 -39.35 -26.44 -19.63
CA VAL D 153 -40.45 -27.26 -20.10
C VAL D 153 -39.89 -28.48 -20.82
N ARG D 154 -40.58 -29.60 -20.66
CA ARG D 154 -40.32 -30.82 -21.44
C ARG D 154 -41.61 -31.24 -22.11
N LEU D 155 -41.47 -31.85 -23.29
CA LEU D 155 -42.60 -32.34 -24.08
C LEU D 155 -42.45 -33.82 -24.39
N THR D 156 -43.56 -34.54 -24.37
CA THR D 156 -43.53 -35.95 -24.76
C THR D 156 -44.90 -36.33 -25.29
N VAL D 157 -45.02 -37.59 -25.74
CA VAL D 157 -46.26 -38.18 -26.24
C VAL D 157 -46.57 -39.41 -25.42
N SER D 158 -47.84 -39.59 -25.09
CA SER D 158 -48.26 -40.76 -24.32
C SER D 158 -49.67 -41.13 -24.77
N GLY D 159 -49.81 -42.28 -25.40
CA GLY D 159 -51.08 -42.73 -25.96
C GLY D 159 -52.05 -43.34 -24.98
N THR D 160 -51.59 -43.63 -23.76
CA THR D 160 -52.37 -44.38 -22.78
C THR D 160 -52.95 -43.51 -21.68
N GLY D 161 -52.19 -42.51 -21.24
CA GLY D 161 -52.63 -41.56 -20.25
C GLY D 161 -51.48 -40.66 -19.94
N PRO D 162 -51.60 -39.81 -18.93
CA PRO D 162 -50.45 -39.03 -18.49
C PRO D 162 -49.28 -39.93 -18.13
N PRO D 163 -48.07 -39.55 -18.48
CA PRO D 163 -46.90 -40.35 -18.09
C PRO D 163 -46.71 -40.32 -16.58
N ALA D 164 -46.02 -41.34 -16.07
CA ALA D 164 -45.76 -41.41 -14.64
C ALA D 164 -45.02 -40.15 -14.21
N ASN D 165 -45.51 -39.54 -13.12
CA ASN D 165 -45.02 -38.22 -12.65
C ASN D 165 -43.75 -38.41 -11.83
N SER D 166 -42.67 -38.73 -12.54
CA SER D 166 -41.45 -39.22 -11.89
C SER D 166 -40.70 -38.08 -11.21
N GLY D 167 -40.25 -37.10 -11.97
CA GLY D 167 -39.61 -35.94 -11.42
C GLY D 167 -40.27 -34.66 -11.89
N CYS D 168 -41.42 -34.81 -12.56
CA CYS D 168 -42.22 -33.66 -12.96
C CYS D 168 -43.67 -34.11 -13.09
N GLU D 169 -44.57 -33.13 -13.17
CA GLU D 169 -46.01 -33.39 -13.23
C GLU D 169 -46.48 -33.10 -14.65
N TRP D 170 -46.83 -34.15 -15.38
CA TRP D 170 -47.21 -34.02 -16.78
C TRP D 170 -48.65 -33.57 -16.92
N LYS D 171 -48.89 -32.65 -17.83
CA LYS D 171 -50.21 -32.10 -18.08
C LYS D 171 -50.44 -32.12 -19.58
N LEU D 172 -51.68 -32.36 -19.99
CA LEU D 172 -52.00 -32.36 -21.41
C LEU D 172 -51.85 -30.96 -22.00
N VAL D 173 -51.04 -30.85 -23.06
CA VAL D 173 -50.76 -29.54 -23.63
C VAL D 173 -52.04 -28.90 -24.13
N GLU D 174 -52.95 -29.70 -24.69
CA GLU D 174 -54.22 -29.15 -25.15
C GLU D 174 -54.96 -28.44 -24.03
N THR D 175 -55.03 -29.06 -22.85
CA THR D 175 -55.71 -28.44 -21.72
C THR D 175 -54.98 -27.20 -21.24
N GLU D 176 -53.65 -27.26 -21.15
CA GLU D 176 -52.89 -26.11 -20.65
C GLU D 176 -53.01 -24.92 -21.61
N ARG D 177 -52.99 -25.19 -22.91
CA ARG D 177 -53.16 -24.13 -23.89
C ARG D 177 -54.54 -23.52 -23.79
N ALA D 178 -55.57 -24.38 -23.71
CA ALA D 178 -56.93 -23.86 -23.72
C ALA D 178 -57.20 -22.97 -22.52
N ASN D 179 -56.53 -23.23 -21.40
CA ASN D 179 -56.75 -22.56 -20.12
C ASN D 179 -55.72 -21.48 -19.85
N SER D 180 -54.75 -21.29 -20.75
CA SER D 180 -53.70 -20.31 -20.48
C SER D 180 -54.26 -18.90 -20.33
N GLY D 181 -55.42 -18.61 -20.91
CA GLY D 181 -55.89 -17.24 -20.98
C GLY D 181 -55.23 -16.38 -22.05
N ASP D 182 -54.23 -16.90 -22.77
CA ASP D 182 -53.57 -16.20 -23.89
C ASP D 182 -52.84 -17.25 -24.73
N ILE D 183 -53.47 -17.70 -25.83
CA ILE D 183 -52.88 -18.81 -26.60
C ILE D 183 -51.57 -18.36 -27.28
N ALA D 184 -51.56 -17.14 -27.85
CA ALA D 184 -50.36 -16.70 -28.55
C ALA D 184 -49.20 -16.54 -27.57
N ALA D 185 -49.48 -15.98 -26.39
CA ALA D 185 -48.43 -15.86 -25.38
C ALA D 185 -47.98 -17.24 -24.91
N PHE D 186 -48.91 -18.19 -24.80
CA PHE D 186 -48.54 -19.55 -24.40
C PHE D 186 -47.58 -20.17 -25.42
N ASP D 187 -47.93 -20.09 -26.71
CA ASP D 187 -47.05 -20.67 -27.73
C ASP D 187 -45.71 -19.96 -27.78
N HIS D 188 -45.73 -18.64 -27.62
CA HIS D 188 -44.48 -17.89 -27.63
C HIS D 188 -43.61 -18.30 -26.46
N TRP D 189 -44.21 -18.52 -25.29
CA TRP D 189 -43.46 -18.98 -24.13
C TRP D 189 -42.85 -20.37 -24.35
N LEU D 190 -43.60 -21.29 -24.96
CA LEU D 190 -42.99 -22.59 -25.30
C LEU D 190 -41.72 -22.38 -26.12
N LYS D 191 -41.84 -21.58 -27.18
CA LYS D 191 -40.68 -21.35 -28.02
C LYS D 191 -39.55 -20.70 -27.23
N SER D 192 -39.88 -19.67 -26.44
CA SER D 192 -38.87 -18.96 -25.65
CA SER D 192 -38.85 -18.97 -25.67
C SER D 192 -38.17 -19.90 -24.68
N ASN D 193 -38.89 -20.89 -24.16
CA ASN D 193 -38.35 -21.78 -23.14
C ASN D 193 -37.47 -22.86 -23.76
N ILE D 194 -37.56 -23.07 -25.08
CA ILE D 194 -36.83 -24.13 -25.77
C ILE D 194 -35.61 -23.60 -26.52
N SER D 195 -35.69 -22.37 -27.03
CA SER D 195 -34.64 -21.81 -27.90
C SER D 195 -33.40 -21.36 -27.11
N LEU D 196 -32.22 -21.65 -27.66
CA LEU D 196 -31.00 -21.10 -27.06
C LEU D 196 -30.78 -19.63 -27.44
N LEU D 197 -31.60 -19.03 -28.30
CA LEU D 197 -31.40 -17.64 -28.66
C LEU D 197 -32.40 -16.72 -27.98
N THR D 198 -33.11 -17.21 -26.96
CA THR D 198 -34.01 -16.33 -26.22
C THR D 198 -33.25 -15.24 -25.48
N THR D 199 -32.09 -15.58 -24.94
CA THR D 199 -31.14 -14.62 -24.39
C THR D 199 -29.82 -14.87 -25.08
N ASP D 200 -28.84 -14.00 -24.84
CA ASP D 200 -27.54 -14.21 -25.44
C ASP D 200 -26.80 -15.32 -24.71
N PRO D 201 -26.52 -16.49 -25.31
CA PRO D 201 -25.88 -17.57 -24.52
C PRO D 201 -24.54 -17.14 -23.99
N LEU D 202 -23.80 -16.26 -24.69
CA LEU D 202 -22.52 -15.80 -24.17
C LEU D 202 -22.67 -15.05 -22.85
N VAL D 203 -23.84 -14.48 -22.58
CA VAL D 203 -24.08 -13.78 -21.30
C VAL D 203 -24.70 -14.71 -20.28
N THR D 204 -25.75 -15.41 -20.71
CA THR D 204 -26.54 -16.23 -19.79
C THR D 204 -25.81 -17.52 -19.37
N TYR D 205 -24.98 -18.09 -20.24
CA TYR D 205 -24.29 -19.35 -19.93
C TYR D 205 -22.80 -19.15 -20.20
N PRO D 206 -22.12 -18.34 -19.36
CA PRO D 206 -20.84 -17.76 -19.77
C PRO D 206 -19.65 -18.67 -19.59
N SER D 207 -19.79 -19.94 -19.96
CA SER D 207 -18.64 -20.83 -19.99
C SER D 207 -19.00 -22.02 -20.86
N LEU D 208 -17.96 -22.72 -21.31
CA LEU D 208 -18.15 -23.93 -22.10
C LEU D 208 -19.13 -24.89 -21.43
N ASP D 209 -18.92 -25.16 -20.16
CA ASP D 209 -19.75 -26.18 -19.52
C ASP D 209 -21.11 -25.63 -19.10
N LYS D 210 -21.26 -24.33 -18.86
CA LYS D 210 -22.61 -23.80 -18.64
C LYS D 210 -23.44 -23.87 -19.93
N VAL D 211 -22.83 -23.53 -21.06
CA VAL D 211 -23.64 -23.50 -22.29
C VAL D 211 -23.87 -24.93 -22.76
N TRP D 212 -22.90 -25.83 -22.60
CA TRP D 212 -23.20 -27.22 -22.92
C TRP D 212 -24.29 -27.78 -22.01
N GLY D 213 -24.35 -27.33 -20.74
CA GLY D 213 -25.51 -27.71 -19.92
C GLY D 213 -26.83 -27.26 -20.54
N ARG D 214 -26.88 -26.01 -21.02
CA ARG D 214 -28.09 -25.52 -21.69
C ARG D 214 -28.39 -26.28 -22.99
N PHE D 215 -27.35 -26.59 -23.78
CA PHE D 215 -27.53 -27.28 -25.06
C PHE D 215 -28.05 -28.72 -24.81
N ASP D 216 -27.43 -29.41 -23.86
CA ASP D 216 -27.91 -30.74 -23.48
C ASP D 216 -29.35 -30.68 -23.00
N LYS D 217 -29.67 -29.64 -22.20
CA LYS D 217 -31.03 -29.47 -21.73
C LYS D 217 -32.01 -29.35 -22.89
N HIS D 218 -31.64 -28.58 -23.93
CA HIS D 218 -32.55 -28.42 -25.07
C HIS D 218 -32.94 -29.78 -25.64
N PHE D 219 -31.94 -30.65 -25.83
CA PHE D 219 -32.31 -31.96 -26.39
C PHE D 219 -33.20 -32.75 -25.45
N SER D 220 -32.94 -32.64 -24.15
CA SER D 220 -33.81 -33.32 -23.18
CA SER D 220 -33.79 -33.30 -23.16
C SER D 220 -35.23 -32.78 -23.22
N GLN D 221 -35.40 -31.47 -23.46
CA GLN D 221 -36.74 -30.87 -23.52
C GLN D 221 -37.56 -31.45 -24.66
N LEU D 222 -36.92 -31.66 -25.82
CA LEU D 222 -37.66 -32.08 -27.00
C LEU D 222 -37.66 -33.60 -27.21
N ARG D 223 -36.89 -34.35 -26.43
CA ARG D 223 -36.59 -35.73 -26.81
C ARG D 223 -37.85 -36.59 -26.89
N GLY D 224 -38.71 -36.49 -25.88
CA GLY D 224 -39.93 -37.28 -25.90
C GLY D 224 -40.77 -37.04 -27.15
N ILE D 225 -41.09 -35.78 -27.43
CA ILE D 225 -41.99 -35.47 -28.56
C ILE D 225 -41.32 -35.79 -29.91
N ILE D 226 -40.01 -35.54 -30.04
CA ILE D 226 -39.38 -35.63 -31.36
C ILE D 226 -39.00 -37.06 -31.70
N TYR D 227 -39.10 -37.98 -30.72
CA TYR D 227 -38.93 -39.40 -31.07
C TYR D 227 -40.25 -40.15 -31.34
N HIS D 228 -41.40 -39.48 -31.27
CA HIS D 228 -42.65 -40.12 -31.65
C HIS D 228 -42.75 -40.24 -33.17
N THR D 229 -43.03 -41.46 -33.68
CA THR D 229 -42.77 -41.74 -35.09
C THR D 229 -43.39 -40.74 -36.07
N PRO D 230 -44.69 -40.43 -36.03
CA PRO D 230 -45.23 -39.52 -37.06
C PRO D 230 -44.69 -38.11 -36.97
N ILE D 231 -44.38 -37.66 -35.75
CA ILE D 231 -43.76 -36.34 -35.59
C ILE D 231 -42.35 -36.36 -36.13
N ARG D 232 -41.60 -37.44 -35.86
CA ARG D 232 -40.23 -37.54 -36.34
C ARG D 232 -40.19 -37.58 -37.86
N ARG D 233 -41.10 -38.34 -38.47
CA ARG D 233 -41.18 -38.37 -39.93
C ARG D 233 -41.43 -36.97 -40.47
N ASP D 234 -42.39 -36.24 -39.86
CA ASP D 234 -42.76 -34.94 -40.37
C ASP D 234 -41.67 -33.92 -40.09
N TYR D 235 -40.93 -34.07 -39.00
CA TYR D 235 -39.86 -33.13 -38.70
C TYR D 235 -38.72 -33.30 -39.69
N TYR D 236 -38.42 -34.54 -40.05
CA TYR D 236 -37.41 -34.76 -41.10
C TYR D 236 -37.86 -34.13 -42.42
N ARG D 237 -39.14 -34.30 -42.79
CA ARG D 237 -39.64 -33.64 -44.01
C ARG D 237 -39.49 -32.11 -43.94
N GLN D 238 -39.72 -31.55 -42.74
CA GLN D 238 -39.54 -30.11 -42.57
C GLN D 238 -38.07 -29.71 -42.74
N ILE D 239 -37.13 -30.52 -42.25
CA ILE D 239 -35.73 -30.23 -42.57
C ILE D 239 -35.56 -30.05 -44.07
N LEU D 240 -36.07 -31.02 -44.83
CA LEU D 240 -35.87 -30.92 -46.28
C LEU D 240 -36.51 -29.66 -46.84
N GLU D 241 -37.75 -29.35 -46.42
CA GLU D 241 -38.42 -28.15 -46.95
C GLU D 241 -37.69 -26.88 -46.59
N GLU D 242 -37.26 -26.76 -45.33
CA GLU D 242 -36.58 -25.55 -44.89
C GLU D 242 -35.26 -25.38 -45.61
N PHE D 243 -34.51 -26.47 -45.76
CA PHE D 243 -33.24 -26.30 -46.44
C PHE D 243 -33.44 -25.93 -47.91
N ARG D 244 -34.39 -26.60 -48.58
CA ARG D 244 -34.69 -26.18 -49.94
C ARG D 244 -35.06 -24.69 -50.00
N SER D 245 -35.82 -24.21 -48.99
CA SER D 245 -36.24 -22.82 -49.01
C SER D 245 -35.11 -21.86 -48.81
N ASP D 246 -34.01 -22.31 -48.22
CA ASP D 246 -32.85 -21.43 -48.11
C ASP D 246 -31.88 -21.62 -49.29
N ASN D 247 -32.36 -22.23 -50.40
CA ASN D 247 -31.58 -22.46 -51.61
C ASN D 247 -30.41 -23.40 -51.35
N VAL D 248 -30.66 -24.42 -50.55
CA VAL D 248 -29.75 -25.55 -50.34
C VAL D 248 -30.32 -26.73 -51.09
N GLN D 249 -29.53 -27.38 -51.97
CA GLN D 249 -30.09 -28.45 -52.80
C GLN D 249 -29.78 -29.86 -52.30
N TYR D 250 -29.01 -30.02 -51.22
CA TYR D 250 -28.57 -31.36 -50.85
C TYR D 250 -28.17 -31.30 -49.39
N VAL D 251 -28.49 -32.34 -48.63
CA VAL D 251 -28.05 -32.39 -47.24
C VAL D 251 -27.50 -33.79 -46.92
N GLU D 252 -26.49 -33.86 -46.05
CA GLU D 252 -26.15 -35.12 -45.38
C GLU D 252 -26.38 -34.88 -43.90
N VAL D 253 -27.07 -35.81 -43.26
CA VAL D 253 -27.67 -35.61 -41.92
C VAL D 253 -27.17 -36.71 -40.96
N ARG D 254 -26.63 -36.31 -39.78
CA ARG D 254 -26.39 -37.27 -38.71
C ARG D 254 -27.72 -37.62 -38.06
N SER D 255 -27.93 -38.91 -37.78
CA SER D 255 -29.13 -39.35 -37.07
C SER D 255 -28.79 -40.56 -36.22
N SER D 256 -29.46 -40.65 -35.06
CA SER D 256 -29.35 -41.89 -34.30
C SER D 256 -30.15 -43.04 -34.91
N LEU D 257 -31.17 -42.74 -35.73
CA LEU D 257 -32.04 -43.71 -36.40
C LEU D 257 -32.90 -44.51 -35.44
N SER D 258 -32.70 -44.35 -34.12
CA SER D 258 -33.15 -45.36 -33.16
C SER D 258 -34.23 -44.83 -32.23
N GLY D 259 -35.09 -45.76 -31.80
CA GLY D 259 -36.03 -45.48 -30.75
C GLY D 259 -37.27 -44.73 -31.17
N TYR D 260 -37.58 -44.68 -32.47
CA TYR D 260 -38.82 -44.02 -32.90
C TYR D 260 -40.01 -44.84 -32.38
N TYR D 261 -40.97 -44.19 -31.72
CA TYR D 261 -42.00 -44.96 -31.02
C TYR D 261 -43.40 -44.52 -31.43
N ASP D 262 -44.30 -45.50 -31.47
CA ASP D 262 -45.68 -45.33 -31.91
C ASP D 262 -46.57 -45.01 -30.71
N LEU D 263 -47.79 -44.55 -30.99
CA LEU D 263 -48.70 -44.24 -29.90
C LEU D 263 -48.94 -45.44 -28.98
N ASP D 264 -48.87 -46.67 -29.50
CA ASP D 264 -49.14 -47.82 -28.64
C ASP D 264 -47.90 -48.30 -27.89
N GLY D 265 -46.79 -47.56 -27.96
CA GLY D 265 -45.59 -47.94 -27.25
C GLY D 265 -44.57 -48.69 -28.07
N THR D 266 -44.92 -49.15 -29.27
CA THR D 266 -43.98 -49.90 -30.09
C THR D 266 -42.76 -49.07 -30.40
N VAL D 267 -41.57 -49.65 -30.15
CA VAL D 267 -40.30 -48.98 -30.44
C VAL D 267 -39.68 -49.64 -31.67
N HIS D 268 -39.36 -48.84 -32.69
CA HIS D 268 -38.78 -49.33 -33.95
C HIS D 268 -37.26 -49.41 -33.89
N ASP D 269 -36.68 -50.30 -34.71
CA ASP D 269 -35.22 -50.47 -34.73
C ASP D 269 -34.57 -49.46 -35.68
N PRO D 270 -33.24 -49.34 -35.68
CA PRO D 270 -32.62 -48.31 -36.53
C PRO D 270 -32.89 -48.50 -38.02
N GLU D 271 -32.99 -49.75 -38.49
CA GLU D 271 -33.21 -49.97 -39.91
C GLU D 271 -34.55 -49.37 -40.33
N TYR D 272 -35.57 -49.53 -39.48
CA TYR D 272 -36.83 -48.86 -39.76
C TYR D 272 -36.65 -47.34 -39.86
N GLY D 273 -35.95 -46.71 -38.89
CA GLY D 273 -35.74 -45.27 -39.00
C GLY D 273 -35.07 -44.88 -40.32
N LEU D 274 -34.08 -45.66 -40.75
CA LEU D 274 -33.42 -45.38 -42.03
C LEU D 274 -34.41 -45.52 -43.19
N GLN D 275 -35.22 -46.58 -43.18
CA GLN D 275 -36.18 -46.80 -44.28
C GLN D 275 -37.21 -45.67 -44.33
N LEU D 276 -37.64 -45.20 -43.15
CA LEU D 276 -38.55 -44.07 -43.04
C LEU D 276 -37.96 -42.82 -43.70
N TYR D 277 -36.71 -42.48 -43.34
CA TYR D 277 -36.05 -41.34 -43.96
C TYR D 277 -35.84 -41.54 -45.46
N LYS D 278 -35.53 -42.76 -45.87
CA LYS D 278 -35.35 -43.02 -47.30
C LYS D 278 -36.63 -42.72 -48.08
N ALA D 279 -37.78 -43.08 -47.50
CA ALA D 279 -39.03 -42.84 -48.23
C ALA D 279 -39.38 -41.36 -48.25
N VAL D 280 -39.22 -40.65 -47.10
CA VAL D 280 -39.45 -39.19 -47.09
C VAL D 280 -38.59 -38.52 -48.15
N THR D 281 -37.31 -38.93 -48.20
CA THR D 281 -36.35 -38.32 -49.13
C THR D 281 -36.75 -38.59 -50.59
N GLU D 282 -37.05 -39.85 -50.93
CA GLU D 282 -37.50 -40.16 -52.27
C GLU D 282 -38.73 -39.36 -52.68
N GLU D 283 -39.76 -39.28 -51.82
CA GLU D 283 -40.93 -38.50 -52.21
CA GLU D 283 -40.94 -38.48 -52.17
C GLU D 283 -40.55 -37.04 -52.45
N PHE D 284 -39.65 -36.50 -51.61
CA PHE D 284 -39.25 -35.11 -51.74
C PHE D 284 -38.51 -34.83 -53.04
N VAL D 285 -37.55 -35.69 -53.39
CA VAL D 285 -36.80 -35.53 -54.64
CA VAL D 285 -36.82 -35.45 -54.64
C VAL D 285 -37.73 -35.68 -55.85
N ARG D 286 -38.69 -36.59 -55.76
CA ARG D 286 -39.62 -36.74 -56.90
C ARG D 286 -40.54 -35.55 -57.03
N THR D 287 -40.89 -34.91 -55.90
CA THR D 287 -41.68 -33.68 -55.93
C THR D 287 -40.87 -32.50 -56.48
N TYR D 288 -39.58 -32.43 -56.15
CA TYR D 288 -38.74 -31.27 -56.43
C TYR D 288 -37.50 -31.66 -57.20
N PRO D 289 -37.58 -31.72 -58.52
CA PRO D 289 -36.39 -32.01 -59.33
C PRO D 289 -35.30 -30.99 -59.17
N ASP D 290 -35.59 -29.80 -58.62
CA ASP D 290 -34.54 -28.81 -58.39
C ASP D 290 -33.75 -29.10 -57.10
N PHE D 291 -34.01 -30.24 -56.46
CA PHE D 291 -33.34 -30.62 -55.20
C PHE D 291 -32.63 -31.96 -55.43
N SER D 292 -31.35 -32.04 -55.05
CA SER D 292 -30.54 -33.23 -55.35
C SER D 292 -30.82 -34.40 -54.40
N GLY D 293 -31.16 -34.12 -53.15
CA GLY D 293 -31.53 -35.17 -52.23
C GLY D 293 -30.82 -35.14 -50.88
N ALA D 294 -30.74 -36.32 -50.28
CA ALA D 294 -30.16 -36.41 -48.94
C ALA D 294 -29.58 -37.80 -48.75
N LYS D 295 -28.60 -37.89 -47.83
CA LYS D 295 -28.04 -39.17 -47.41
C LYS D 295 -27.81 -39.07 -45.90
N ILE D 296 -27.65 -40.21 -45.22
CA ILE D 296 -27.71 -40.27 -43.76
C ILE D 296 -26.41 -40.85 -43.21
N ILE D 297 -25.94 -40.26 -42.10
CA ILE D 297 -24.82 -40.77 -41.29
C ILE D 297 -25.39 -41.22 -39.93
N LYS D 298 -25.12 -42.49 -39.53
CA LYS D 298 -25.53 -42.93 -38.19
C LYS D 298 -24.67 -42.29 -37.11
N SER D 299 -25.28 -41.67 -36.10
CA SER D 299 -24.53 -41.06 -35.00
C SER D 299 -24.85 -41.77 -33.69
N THR D 300 -23.85 -41.82 -32.80
CA THR D 300 -24.01 -42.36 -31.45
C THR D 300 -23.29 -41.43 -30.47
N ALA D 301 -23.90 -41.18 -29.31
CA ALA D 301 -23.28 -40.28 -28.34
C ALA D 301 -22.08 -40.95 -27.68
N ARG D 302 -20.98 -40.20 -27.55
CA ARG D 302 -19.72 -40.75 -27.02
C ARG D 302 -19.69 -40.82 -25.49
N VAL D 303 -20.87 -40.97 -24.85
CA VAL D 303 -20.95 -41.20 -23.41
C VAL D 303 -21.23 -42.67 -23.09
N LYS D 304 -21.47 -43.51 -24.12
CA LYS D 304 -21.90 -44.89 -23.97
C LYS D 304 -20.72 -45.85 -23.80
N PRO D 305 -20.91 -46.99 -23.14
CA PRO D 305 -19.81 -47.96 -23.04
C PRO D 305 -19.37 -48.45 -24.42
N ASN D 306 -18.11 -48.88 -24.49
CA ASN D 306 -17.60 -49.40 -25.75
C ASN D 306 -18.47 -50.56 -26.30
N THR D 307 -19.11 -51.36 -25.43
CA THR D 307 -19.95 -52.44 -25.94
C THR D 307 -21.13 -51.90 -26.78
N ASP D 308 -21.73 -50.78 -26.38
CA ASP D 308 -22.76 -50.14 -27.20
C ASP D 308 -22.19 -49.66 -28.54
N ILE D 309 -21.03 -48.98 -28.52
CA ILE D 309 -20.46 -48.50 -29.78
C ILE D 309 -20.12 -49.68 -30.68
N PHE D 310 -19.66 -50.80 -30.10
CA PHE D 310 -19.40 -51.98 -30.94
C PHE D 310 -20.66 -52.43 -31.64
N ASN D 311 -21.78 -52.47 -30.91
CA ASN D 311 -23.03 -52.88 -31.55
C ASN D 311 -23.42 -51.91 -32.66
N ASP D 312 -23.24 -50.60 -32.43
CA ASP D 312 -23.60 -49.63 -33.47
C ASP D 312 -22.64 -49.67 -34.67
N VAL D 313 -21.38 -50.00 -34.45
CA VAL D 313 -20.44 -50.19 -35.55
C VAL D 313 -20.87 -51.37 -36.42
N LYS D 314 -21.24 -52.50 -35.80
CA LYS D 314 -21.74 -53.64 -36.55
C LYS D 314 -23.06 -53.30 -37.27
N LEU D 315 -23.94 -52.55 -36.62
CA LEU D 315 -25.16 -52.07 -37.28
C LEU D 315 -24.81 -51.27 -38.53
N SER D 316 -23.85 -50.35 -38.38
CA SER D 316 -23.44 -49.48 -39.47
C SER D 316 -22.83 -50.27 -40.63
N MET D 317 -22.00 -51.27 -40.32
CA MET D 317 -21.52 -52.16 -41.38
C MET D 317 -22.68 -52.74 -42.17
N ASP D 318 -23.71 -53.23 -41.46
CA ASP D 318 -24.80 -53.91 -42.14
C ASP D 318 -25.62 -52.94 -43.01
N LEU D 319 -25.91 -51.74 -42.48
CA LEU D 319 -26.69 -50.76 -43.22
C LEU D 319 -25.90 -50.18 -44.39
N TYR D 320 -24.57 -50.06 -44.21
CA TYR D 320 -23.72 -49.64 -45.32
C TYR D 320 -23.76 -50.62 -46.46
N LYS D 321 -23.72 -51.93 -46.13
CA LYS D 321 -23.81 -52.97 -47.16
C LYS D 321 -25.17 -52.98 -47.84
N ARG D 322 -26.26 -52.84 -47.08
CA ARG D 322 -27.57 -53.07 -47.69
C ARG D 322 -28.28 -51.79 -48.16
N TYR D 323 -27.79 -50.59 -47.79
CA TYR D 323 -28.35 -49.33 -48.27
C TYR D 323 -27.24 -48.46 -48.89
N PRO D 324 -26.53 -48.98 -49.89
CA PRO D 324 -25.42 -48.20 -50.44
C PRO D 324 -25.97 -46.95 -51.10
N GLY D 325 -25.23 -45.88 -51.02
CA GLY D 325 -25.79 -44.67 -51.58
C GLY D 325 -26.96 -44.03 -50.84
N PHE D 326 -27.45 -44.59 -49.72
CA PHE D 326 -28.26 -43.77 -48.84
C PHE D 326 -27.68 -43.74 -47.42
N PHE D 327 -27.14 -44.85 -46.92
CA PHE D 327 -26.45 -44.90 -45.63
C PHE D 327 -24.96 -44.68 -45.88
N LEU D 328 -24.37 -43.67 -45.23
CA LEU D 328 -23.01 -43.28 -45.54
C LEU D 328 -21.96 -43.85 -44.59
N GLY D 329 -22.28 -44.11 -43.35
CA GLY D 329 -21.24 -44.40 -42.39
C GLY D 329 -21.64 -43.96 -41.00
N PHE D 330 -20.61 -43.76 -40.16
CA PHE D 330 -20.78 -43.67 -38.71
C PHE D 330 -20.04 -42.46 -38.13
N ASP D 331 -20.58 -41.89 -37.05
CA ASP D 331 -20.02 -40.74 -36.37
C ASP D 331 -20.32 -40.85 -34.89
N LEU D 332 -19.40 -40.33 -34.08
CA LEU D 332 -19.60 -40.22 -32.64
C LEU D 332 -19.83 -38.75 -32.31
N VAL D 333 -20.89 -38.47 -31.56
CA VAL D 333 -21.32 -37.10 -31.25
C VAL D 333 -21.41 -36.90 -29.73
N ALA D 334 -21.93 -35.75 -29.30
CA ALA D 334 -22.04 -35.26 -27.92
C ALA D 334 -20.75 -34.58 -27.48
N GLN D 335 -20.75 -33.97 -26.29
CA GLN D 335 -19.64 -33.08 -25.95
C GLN D 335 -18.32 -33.84 -26.00
N GLU D 336 -17.34 -33.25 -26.69
CA GLU D 336 -16.08 -33.97 -26.93
C GLU D 336 -15.11 -33.91 -25.74
N ASP D 337 -14.97 -32.75 -25.07
CA ASP D 337 -13.93 -32.63 -24.04
C ASP D 337 -14.08 -33.62 -22.89
N PRO D 338 -15.25 -33.79 -22.27
CA PRO D 338 -15.31 -34.57 -21.02
C PRO D 338 -15.64 -36.05 -21.21
N ASN D 339 -15.87 -36.51 -22.43
CA ASN D 339 -16.47 -37.83 -22.69
C ASN D 339 -15.42 -38.71 -23.38
N THR D 340 -15.84 -39.77 -24.03
CA THR D 340 -14.88 -40.77 -24.49
C THR D 340 -14.20 -40.37 -25.81
N SER D 341 -12.88 -40.56 -25.88
CA SER D 341 -12.10 -40.27 -27.08
C SER D 341 -12.29 -41.35 -28.13
N LEU D 342 -11.87 -41.07 -29.37
CA LEU D 342 -11.90 -42.12 -30.39
C LEU D 342 -11.07 -43.31 -29.97
N LEU D 343 -9.93 -43.02 -29.31
CA LEU D 343 -9.02 -44.08 -28.91
C LEU D 343 -9.68 -44.97 -27.86
N GLY D 344 -10.51 -44.37 -27.00
CA GLY D 344 -11.34 -45.11 -26.07
C GLY D 344 -12.25 -46.14 -26.72
N TYR D 345 -12.57 -45.99 -28.00
CA TYR D 345 -13.39 -46.96 -28.72
C TYR D 345 -12.60 -47.69 -29.81
N ILE D 346 -11.27 -47.64 -29.74
CA ILE D 346 -10.51 -47.96 -30.95
C ILE D 346 -10.74 -49.41 -31.41
N ASP D 347 -10.95 -50.37 -30.50
CA ASP D 347 -11.15 -51.75 -30.94
C ASP D 347 -12.42 -51.88 -31.76
N SER D 348 -13.46 -51.15 -31.37
CA SER D 348 -14.68 -51.13 -32.14
C SER D 348 -14.46 -50.46 -33.49
N LEU D 349 -13.74 -49.33 -33.49
CA LEU D 349 -13.60 -48.55 -34.74
C LEU D 349 -12.69 -49.25 -35.74
N LEU D 350 -11.71 -50.01 -35.26
CA LEU D 350 -10.87 -50.80 -36.16
C LEU D 350 -11.52 -52.13 -36.60
N TYR D 351 -12.59 -52.56 -35.95
CA TYR D 351 -13.18 -53.86 -36.26
C TYR D 351 -13.56 -54.07 -37.73
N PRO D 352 -14.14 -53.10 -38.45
CA PRO D 352 -14.47 -53.40 -39.87
C PRO D 352 -13.23 -53.69 -40.72
N SER D 353 -12.17 -52.90 -40.54
CA SER D 353 -10.95 -53.12 -41.31
C SER D 353 -10.27 -54.43 -41.00
N ARG D 354 -10.55 -55.03 -39.84
CA ARG D 354 -9.91 -56.27 -39.44
C ARG D 354 -10.72 -57.50 -39.82
N GLN D 355 -11.86 -57.33 -40.47
CA GLN D 355 -12.61 -58.49 -40.94
C GLN D 355 -11.91 -59.12 -42.14
N ASN D 356 -12.24 -60.38 -42.39
CA ASN D 356 -11.71 -61.14 -43.53
C ASN D 356 -12.87 -61.59 -44.41
N PRO D 357 -13.09 -60.97 -45.59
CA PRO D 357 -12.32 -59.85 -46.16
C PRO D 357 -12.62 -58.53 -45.44
N PRO D 358 -11.72 -57.55 -45.55
CA PRO D 358 -11.92 -56.27 -44.88
C PRO D 358 -13.21 -55.58 -45.33
N VAL D 359 -13.78 -54.81 -44.42
CA VAL D 359 -14.98 -54.02 -44.67
C VAL D 359 -14.65 -52.57 -44.34
N SER D 360 -14.86 -51.65 -45.29
CA SER D 360 -14.37 -50.28 -45.17
C SER D 360 -15.53 -49.36 -44.77
N LEU D 361 -15.81 -49.32 -43.48
CA LEU D 361 -16.93 -48.53 -42.98
C LEU D 361 -16.54 -47.05 -42.96
N PRO D 362 -17.22 -46.19 -43.70
CA PRO D 362 -16.81 -44.78 -43.70
C PRO D 362 -17.14 -44.10 -42.39
N TYR D 363 -16.29 -43.15 -42.04
CA TYR D 363 -16.41 -42.42 -40.77
C TYR D 363 -16.43 -40.92 -41.07
N TYR D 364 -17.27 -40.20 -40.33
CA TYR D 364 -17.40 -38.73 -40.48
C TYR D 364 -17.17 -38.06 -39.13
N PHE D 365 -16.08 -38.40 -38.44
CA PHE D 365 -16.00 -38.05 -37.01
C PHE D 365 -16.02 -36.54 -36.74
N HIS D 366 -16.92 -36.14 -35.86
CA HIS D 366 -16.69 -34.91 -35.08
C HIS D 366 -15.32 -35.04 -34.44
N ALA D 367 -14.42 -34.06 -34.64
CA ALA D 367 -13.09 -34.24 -34.05
C ALA D 367 -12.42 -32.89 -33.81
N GLY D 368 -11.76 -32.76 -32.65
CA GLY D 368 -11.03 -31.51 -32.43
C GLY D 368 -11.91 -30.32 -32.15
N GLU D 369 -13.16 -30.55 -31.75
CA GLU D 369 -14.06 -29.47 -31.37
C GLU D 369 -13.69 -28.97 -29.96
N THR D 370 -12.53 -28.29 -29.88
CA THR D 370 -11.93 -28.01 -28.56
C THR D 370 -10.91 -26.86 -28.64
N ASN D 371 -10.72 -26.20 -27.50
CA ASN D 371 -9.61 -25.26 -27.28
C ASN D 371 -8.40 -25.93 -26.65
N TRP D 372 -8.52 -27.20 -26.26
CA TRP D 372 -7.36 -27.92 -25.74
C TRP D 372 -6.30 -28.20 -26.81
N GLN D 373 -5.06 -28.32 -26.34
CA GLN D 373 -3.92 -28.63 -27.21
C GLN D 373 -3.08 -29.70 -26.53
N GLY D 374 -2.62 -30.68 -27.31
CA GLY D 374 -1.78 -31.73 -26.76
C GLY D 374 -2.47 -32.66 -25.78
N THR D 375 -3.80 -32.71 -25.82
CA THR D 375 -4.55 -33.58 -24.93
C THR D 375 -5.22 -34.71 -25.70
N GLU D 376 -5.86 -35.60 -24.93
CA GLU D 376 -6.66 -36.67 -25.53
C GLU D 376 -7.75 -36.14 -26.46
N VAL D 377 -8.23 -34.91 -26.26
CA VAL D 377 -9.33 -34.42 -27.07
C VAL D 377 -8.84 -34.00 -28.45
N ASP D 378 -7.87 -33.07 -28.50
CA ASP D 378 -7.49 -32.62 -29.84
C ASP D 378 -6.71 -33.72 -30.58
N TYR D 379 -6.09 -34.66 -29.87
CA TYR D 379 -5.48 -35.79 -30.57
C TYR D 379 -6.51 -36.73 -31.20
N ASN D 380 -7.81 -36.52 -30.94
CA ASN D 380 -8.83 -37.25 -31.70
C ASN D 380 -8.62 -37.00 -33.18
N LEU D 381 -8.06 -35.83 -33.54
CA LEU D 381 -7.79 -35.54 -34.95
C LEU D 381 -6.83 -36.58 -35.55
N VAL D 382 -5.79 -36.97 -34.79
CA VAL D 382 -4.87 -38.00 -35.26
C VAL D 382 -5.62 -39.30 -35.54
N ASP D 383 -6.44 -39.73 -34.57
CA ASP D 383 -7.12 -41.01 -34.80
C ASP D 383 -8.10 -40.88 -35.94
N ALA D 384 -8.71 -39.69 -36.11
CA ALA D 384 -9.71 -39.57 -37.17
C ALA D 384 -9.06 -39.80 -38.51
N LEU D 385 -7.83 -39.31 -38.69
CA LEU D 385 -7.16 -39.55 -39.96
C LEU D 385 -6.63 -40.98 -40.07
N LEU D 386 -6.12 -41.57 -38.97
CA LEU D 386 -5.66 -42.96 -39.06
C LEU D 386 -6.81 -43.91 -39.40
N LEU D 387 -8.02 -43.55 -39.01
CA LEU D 387 -9.21 -44.36 -39.32
C LEU D 387 -9.85 -43.97 -40.65
N ASN D 388 -9.18 -43.12 -41.45
CA ASN D 388 -9.60 -42.84 -42.84
C ASN D 388 -10.92 -42.07 -42.90
N ALA D 389 -11.15 -41.13 -41.96
CA ALA D 389 -12.37 -40.33 -42.00
C ALA D 389 -12.55 -39.67 -43.37
N THR D 390 -13.79 -39.68 -43.86
CA THR D 390 -14.14 -39.07 -45.13
C THR D 390 -14.20 -37.54 -45.02
N ARG D 391 -14.78 -37.03 -43.93
CA ARG D 391 -14.77 -35.63 -43.54
C ARG D 391 -14.57 -35.62 -42.02
N ILE D 392 -14.13 -34.47 -41.52
CA ILE D 392 -13.97 -34.23 -40.08
C ILE D 392 -14.99 -33.16 -39.69
N GLY D 393 -15.65 -33.34 -38.55
CA GLY D 393 -16.55 -32.32 -38.04
C GLY D 393 -15.81 -31.34 -37.14
N HIS D 394 -15.97 -30.02 -37.44
CA HIS D 394 -15.38 -28.90 -36.68
C HIS D 394 -13.90 -28.73 -36.93
N GLY D 395 -13.09 -29.64 -36.41
CA GLY D 395 -11.64 -29.49 -36.59
C GLY D 395 -11.13 -28.18 -36.06
N PHE D 396 -11.76 -27.64 -35.00
CA PHE D 396 -11.33 -26.36 -34.46
C PHE D 396 -9.86 -26.35 -34.04
N ALA D 397 -9.37 -27.47 -33.47
CA ALA D 397 -7.97 -27.58 -33.06
C ALA D 397 -6.99 -27.84 -34.21
N LEU D 398 -7.47 -27.96 -35.46
CA LEU D 398 -6.60 -28.49 -36.51
C LEU D 398 -5.42 -27.56 -36.78
N ILE D 399 -5.62 -26.22 -36.70
CA ILE D 399 -4.53 -25.31 -36.99
C ILE D 399 -3.37 -25.51 -36.02
N LYS D 400 -3.63 -26.14 -34.88
CA LYS D 400 -2.51 -26.42 -33.97
C LYS D 400 -1.77 -27.71 -34.33
N HIS D 401 -2.16 -28.38 -35.41
CA HIS D 401 -1.59 -29.70 -35.73
C HIS D 401 -1.08 -29.74 -37.16
N PRO D 402 0.13 -29.23 -37.41
CA PRO D 402 0.62 -29.14 -38.79
C PRO D 402 0.71 -30.50 -39.52
N ARG D 403 1.07 -31.60 -38.83
CA ARG D 403 1.16 -32.87 -39.56
C ARG D 403 -0.22 -33.42 -39.92
N VAL D 404 -1.21 -33.18 -39.06
CA VAL D 404 -2.57 -33.56 -39.43
C VAL D 404 -3.05 -32.73 -40.61
N ILE D 405 -2.73 -31.43 -40.64
CA ILE D 405 -3.13 -30.58 -41.77
C ILE D 405 -2.63 -31.18 -43.07
N GLU D 406 -1.35 -31.58 -43.10
CA GLU D 406 -0.80 -32.17 -44.31
C GLU D 406 -1.65 -33.33 -44.78
N LEU D 407 -1.99 -34.24 -43.86
CA LEU D 407 -2.80 -35.41 -44.28
C LEU D 407 -4.18 -34.99 -44.76
N VAL D 408 -4.79 -34.01 -44.10
CA VAL D 408 -6.11 -33.54 -44.50
C VAL D 408 -6.06 -33.01 -45.93
N LYS D 409 -5.05 -32.20 -46.24
CA LYS D 409 -4.91 -31.65 -47.58
C LYS D 409 -4.62 -32.77 -48.60
N SER D 410 -3.66 -33.64 -48.27
CA SER D 410 -3.23 -34.68 -49.21
CA SER D 410 -3.24 -34.65 -49.25
C SER D 410 -4.38 -35.63 -49.56
N ARG D 411 -5.20 -35.98 -48.57
CA ARG D 411 -6.28 -36.92 -48.82
C ARG D 411 -7.62 -36.29 -49.19
N GLY D 412 -7.74 -34.96 -49.17
CA GLY D 412 -9.00 -34.35 -49.54
C GLY D 412 -10.07 -34.62 -48.52
N VAL D 413 -9.73 -34.54 -47.24
CA VAL D 413 -10.70 -34.78 -46.17
C VAL D 413 -11.27 -33.42 -45.79
N ALA D 414 -12.48 -33.10 -46.24
CA ALA D 414 -13.03 -31.77 -45.96
C ALA D 414 -13.30 -31.60 -44.47
N VAL D 415 -12.98 -30.41 -43.97
CA VAL D 415 -13.33 -30.00 -42.61
C VAL D 415 -14.69 -29.28 -42.65
N GLU D 416 -15.64 -29.81 -41.89
CA GLU D 416 -16.98 -29.23 -41.79
C GLU D 416 -16.93 -28.09 -40.78
N VAL D 417 -16.99 -26.86 -41.24
CA VAL D 417 -16.82 -25.69 -40.37
C VAL D 417 -18.19 -25.16 -40.04
N ASN D 418 -18.51 -25.02 -38.74
CA ASN D 418 -19.82 -24.66 -38.24
C ASN D 418 -19.62 -23.42 -37.35
N PRO D 419 -19.56 -22.23 -37.97
CA PRO D 419 -19.06 -21.05 -37.20
C PRO D 419 -20.01 -20.60 -36.10
N VAL D 420 -21.33 -20.51 -36.36
CA VAL D 420 -22.23 -20.05 -35.30
C VAL D 420 -22.22 -21.04 -34.13
N SER D 421 -22.27 -22.34 -34.45
CA SER D 421 -22.16 -23.35 -33.41
C SER D 421 -20.88 -23.17 -32.58
N ASN D 422 -19.73 -22.97 -33.23
CA ASN D 422 -18.50 -22.91 -32.44
C ASN D 422 -18.48 -21.67 -31.54
N GLN D 423 -19.11 -20.56 -31.97
CA GLN D 423 -19.18 -19.38 -31.11
C GLN D 423 -20.15 -19.63 -29.94
N LEU D 424 -21.37 -20.06 -30.26
CA LEU D 424 -22.39 -20.16 -29.21
C LEU D 424 -22.06 -21.27 -28.22
N LEU D 425 -21.43 -22.36 -28.68
CA LEU D 425 -21.08 -23.47 -27.80
C LEU D 425 -19.68 -23.34 -27.21
N GLY D 426 -19.15 -22.12 -27.13
CA GLY D 426 -18.04 -21.82 -26.23
C GLY D 426 -16.61 -22.04 -26.70
N LEU D 427 -16.35 -22.14 -28.01
CA LEU D 427 -14.97 -22.24 -28.51
C LEU D 427 -14.33 -20.90 -28.83
N VAL D 428 -15.11 -19.84 -29.03
CA VAL D 428 -14.55 -18.59 -29.50
C VAL D 428 -15.57 -17.48 -29.28
N LYS D 429 -15.10 -16.23 -29.08
CA LYS D 429 -16.02 -15.11 -28.88
C LYS D 429 -16.12 -14.22 -30.12
N ASP D 430 -15.00 -13.64 -30.54
CA ASP D 430 -14.93 -12.80 -31.73
C ASP D 430 -14.68 -13.75 -32.89
N LEU D 431 -15.63 -13.85 -33.81
CA LEU D 431 -15.46 -14.89 -34.85
C LEU D 431 -14.26 -14.64 -35.78
N ARG D 432 -13.65 -13.43 -35.76
CA ARG D 432 -12.40 -13.30 -36.53
C ARG D 432 -11.25 -14.12 -35.95
N ASN D 433 -11.39 -14.59 -34.70
CA ASN D 433 -10.47 -15.53 -34.07
C ASN D 433 -10.84 -16.97 -34.36
N HIS D 434 -11.86 -17.20 -35.19
CA HIS D 434 -12.21 -18.57 -35.50
C HIS D 434 -11.02 -19.31 -36.14
N ALA D 435 -10.71 -20.51 -35.62
CA ALA D 435 -9.52 -21.26 -36.02
C ALA D 435 -9.58 -21.78 -37.46
N ALA D 436 -10.73 -21.68 -38.12
CA ALA D 436 -10.75 -22.05 -39.54
C ALA D 436 -10.26 -20.95 -40.48
N ALA D 437 -10.15 -19.65 -40.04
CA ALA D 437 -9.63 -18.64 -40.96
C ALA D 437 -8.23 -18.98 -41.47
N PRO D 438 -7.29 -19.40 -40.63
CA PRO D 438 -5.98 -19.81 -41.16
C PRO D 438 -6.03 -21.11 -42.00
N LEU D 439 -7.02 -21.97 -41.75
CA LEU D 439 -7.21 -23.13 -42.65
C LEU D 439 -7.60 -22.68 -44.06
N LEU D 440 -8.57 -21.76 -44.13
CA LEU D 440 -9.05 -21.25 -45.41
C LEU D 440 -7.93 -20.52 -46.16
N ALA D 441 -7.08 -19.78 -45.43
CA ALA D 441 -5.98 -19.07 -46.07
C ALA D 441 -4.98 -20.01 -46.70
N GLN D 442 -4.89 -21.23 -46.19
CA GLN D 442 -4.04 -22.27 -46.78
C GLN D 442 -4.74 -23.19 -47.77
N ASN D 443 -6.01 -22.95 -48.09
CA ASN D 443 -6.82 -23.80 -48.95
C ASN D 443 -6.93 -25.24 -48.41
N VAL D 444 -6.98 -25.40 -47.09
CA VAL D 444 -7.45 -26.69 -46.53
C VAL D 444 -8.87 -26.90 -47.02
N PRO D 445 -9.28 -28.11 -47.45
CA PRO D 445 -10.65 -28.27 -47.99
C PRO D 445 -11.67 -28.05 -46.89
N VAL D 446 -12.58 -27.09 -47.12
CA VAL D 446 -13.57 -26.70 -46.11
C VAL D 446 -14.95 -26.67 -46.74
N VAL D 447 -15.96 -27.10 -45.98
CA VAL D 447 -17.35 -26.81 -46.31
C VAL D 447 -17.95 -26.11 -45.10
N ILE D 448 -18.82 -25.12 -45.35
CA ILE D 448 -19.52 -24.40 -44.26
C ILE D 448 -20.81 -25.16 -44.00
N SER D 449 -21.21 -25.27 -42.72
CA SER D 449 -22.50 -25.88 -42.42
C SER D 449 -23.04 -25.22 -41.15
N SER D 450 -24.28 -25.59 -40.75
CA SER D 450 -24.93 -24.87 -39.64
C SER D 450 -25.11 -25.68 -38.37
N ASP D 451 -25.00 -27.03 -38.45
CA ASP D 451 -24.90 -27.92 -37.31
C ASP D 451 -26.26 -28.13 -36.63
N ASP D 452 -26.73 -27.16 -35.85
CA ASP D 452 -27.99 -27.28 -35.10
C ASP D 452 -28.81 -26.01 -35.27
N PRO D 453 -29.08 -25.58 -36.51
CA PRO D 453 -29.66 -24.23 -36.70
C PRO D 453 -30.99 -24.08 -36.00
N GLY D 454 -31.75 -25.17 -35.86
CA GLY D 454 -33.04 -25.03 -35.19
C GLY D 454 -32.90 -24.66 -33.74
N VAL D 455 -31.79 -25.04 -33.11
CA VAL D 455 -31.65 -24.86 -31.67
C VAL D 455 -31.54 -23.39 -31.31
N TRP D 456 -30.87 -22.60 -32.14
CA TRP D 456 -30.63 -21.18 -31.86
C TRP D 456 -31.17 -20.27 -32.97
N GLU D 457 -32.23 -20.72 -33.66
CA GLU D 457 -33.03 -19.92 -34.58
C GLU D 457 -32.20 -19.43 -35.78
N ALA D 458 -31.27 -20.26 -36.25
CA ALA D 458 -30.54 -19.87 -37.44
C ALA D 458 -31.27 -20.42 -38.67
N LEU D 459 -31.02 -19.80 -39.80
CA LEU D 459 -31.43 -20.34 -41.09
C LEU D 459 -30.63 -21.59 -41.43
N PRO D 460 -31.10 -22.38 -42.42
CA PRO D 460 -30.33 -23.60 -42.77
C PRO D 460 -28.87 -23.34 -43.11
N MET D 461 -28.57 -22.30 -43.90
CA MET D 461 -27.18 -22.03 -44.28
C MET D 461 -26.82 -20.55 -44.32
N SER D 462 -27.76 -19.64 -44.55
CA SER D 462 -27.38 -18.25 -44.88
C SER D 462 -26.66 -17.57 -43.73
N HIS D 463 -27.07 -17.81 -42.48
CA HIS D 463 -26.39 -17.12 -41.38
C HIS D 463 -24.96 -17.60 -41.25
N ASP D 464 -24.75 -18.91 -41.31
CA ASP D 464 -23.39 -19.42 -41.21
C ASP D 464 -22.53 -18.99 -42.38
N MET D 465 -23.09 -19.01 -43.61
CA MET D 465 -22.33 -18.56 -44.77
C MET D 465 -21.98 -17.08 -44.63
N TYR D 466 -22.91 -16.29 -44.10
CA TYR D 466 -22.61 -14.86 -43.87
C TYR D 466 -21.47 -14.67 -42.87
N VAL D 467 -21.54 -15.35 -41.71
CA VAL D 467 -20.45 -15.12 -40.76
C VAL D 467 -19.14 -15.69 -41.28
N ALA D 468 -19.16 -16.81 -42.01
CA ALA D 468 -17.90 -17.29 -42.61
C ALA D 468 -17.32 -16.25 -43.56
N PHE D 469 -18.16 -15.70 -44.45
CA PHE D 469 -17.69 -14.75 -45.45
C PHE D 469 -17.19 -13.45 -44.80
N MET D 470 -17.83 -13.01 -43.71
CA MET D 470 -17.48 -11.72 -43.13
C MET D 470 -16.41 -11.81 -42.06
N ASP D 471 -16.19 -13.01 -41.46
CA ASP D 471 -15.26 -13.12 -40.32
C ASP D 471 -14.10 -14.05 -40.59
N LEU D 472 -14.26 -15.03 -41.49
CA LEU D 472 -13.25 -16.07 -41.65
C LEU D 472 -12.37 -15.89 -42.89
N VAL D 473 -12.66 -14.87 -43.70
CA VAL D 473 -11.75 -14.45 -44.79
C VAL D 473 -11.70 -12.93 -44.75
N GLY D 474 -10.83 -12.37 -45.57
CA GLY D 474 -10.49 -10.96 -45.44
C GLY D 474 -11.41 -9.96 -46.19
N GLU D 475 -11.10 -8.68 -45.97
CA GLU D 475 -11.85 -7.59 -46.57
C GLU D 475 -11.82 -7.65 -48.09
N ASP D 476 -10.73 -8.13 -48.67
CA ASP D 476 -10.58 -8.16 -50.10
C ASP D 476 -10.94 -9.51 -50.70
N ALA D 477 -11.64 -10.35 -49.97
CA ALA D 477 -12.10 -11.65 -50.44
C ALA D 477 -13.59 -11.55 -50.75
N GLY D 478 -13.95 -11.86 -52.00
CA GLY D 478 -15.28 -11.57 -52.48
C GLY D 478 -16.00 -12.81 -52.99
N LEU D 479 -16.70 -12.62 -54.11
CA LEU D 479 -17.61 -13.64 -54.63
C LEU D 479 -16.87 -14.93 -54.94
N ASP D 480 -15.58 -14.86 -55.26
CA ASP D 480 -14.85 -16.09 -55.51
C ASP D 480 -14.79 -17.01 -54.27
N VAL D 481 -14.62 -16.44 -53.06
CA VAL D 481 -14.66 -17.28 -51.87
C VAL D 481 -16.02 -17.95 -51.73
N LEU D 482 -17.10 -17.18 -51.88
CA LEU D 482 -18.45 -17.75 -51.78
C LEU D 482 -18.64 -18.88 -52.77
N LYS D 483 -18.31 -18.62 -54.03
CA LYS D 483 -18.50 -19.63 -55.05
C LYS D 483 -17.72 -20.92 -54.74
N GLN D 484 -16.44 -20.78 -54.32
CA GLN D 484 -15.66 -21.96 -53.99
C GLN D 484 -16.24 -22.73 -52.81
N LEU D 485 -16.71 -22.03 -51.74
CA LEU D 485 -17.27 -22.78 -50.61
C LEU D 485 -18.55 -23.52 -51.04
N VAL D 486 -19.37 -22.86 -51.86
CA VAL D 486 -20.57 -23.52 -52.41
C VAL D 486 -20.21 -24.77 -53.21
N TRP D 487 -19.30 -24.62 -54.19
CA TRP D 487 -18.90 -25.77 -54.99
C TRP D 487 -18.27 -26.86 -54.12
N ASN D 488 -17.50 -26.46 -53.09
CA ASN D 488 -16.88 -27.46 -52.20
C ASN D 488 -17.94 -28.33 -51.56
N SER D 489 -19.09 -27.74 -51.20
CA SER D 489 -20.07 -28.53 -50.46
C SER D 489 -20.67 -29.66 -51.31
N ILE D 490 -20.65 -29.54 -52.64
CA ILE D 490 -21.04 -30.66 -53.53
C ILE D 490 -19.83 -31.54 -53.83
N GLN D 491 -18.69 -30.92 -54.13
CA GLN D 491 -17.49 -31.68 -54.45
C GLN D 491 -17.07 -32.62 -53.33
N TYR D 492 -17.17 -32.18 -52.05
CA TYR D 492 -16.80 -33.04 -50.94
C TYR D 492 -18.00 -33.71 -50.26
N SER D 493 -19.18 -33.67 -50.89
CA SER D 493 -20.27 -34.55 -50.48
C SER D 493 -19.89 -35.99 -50.75
N SER D 494 -20.74 -36.92 -50.32
CA SER D 494 -20.50 -38.35 -50.63
C SER D 494 -21.33 -38.85 -51.81
N MET D 495 -21.76 -37.95 -52.70
CA MET D 495 -22.42 -38.41 -53.93
C MET D 495 -21.49 -39.28 -54.79
N ASN D 496 -22.06 -40.30 -55.47
CA ASN D 496 -21.24 -41.07 -56.40
C ASN D 496 -20.98 -40.21 -57.65
N ALA D 497 -20.26 -40.78 -58.64
CA ALA D 497 -19.79 -39.95 -59.75
C ALA D 497 -20.95 -39.40 -60.57
N THR D 498 -21.93 -40.24 -60.86
CA THR D 498 -23.12 -39.88 -61.63
C THR D 498 -23.94 -38.80 -60.94
N GLU D 499 -24.21 -39.02 -59.63
CA GLU D 499 -24.94 -38.05 -58.85
C GLU D 499 -24.23 -36.72 -58.81
N LYS D 500 -22.90 -36.75 -58.65
CA LYS D 500 -22.16 -35.52 -58.46
C LYS D 500 -22.13 -34.71 -59.73
N LYS D 501 -21.90 -35.38 -60.86
CA LYS D 501 -21.94 -34.68 -62.14
C LYS D 501 -23.28 -33.99 -62.34
N THR D 502 -24.38 -34.72 -62.09
CA THR D 502 -25.71 -34.11 -62.22
C THR D 502 -25.91 -32.95 -61.25
N ALA D 503 -25.52 -33.14 -59.98
CA ALA D 503 -25.69 -32.06 -59.01
C ALA D 503 -24.89 -30.83 -59.37
N LEU D 504 -23.69 -31.01 -59.92
CA LEU D 504 -22.91 -29.83 -60.24
C LEU D 504 -23.49 -29.10 -61.44
N LYS D 505 -24.05 -29.82 -62.41
CA LYS D 505 -24.76 -29.14 -63.50
C LYS D 505 -25.94 -28.36 -62.94
N LEU D 506 -26.67 -28.95 -62.00
CA LEU D 506 -27.81 -28.27 -61.42
C LEU D 506 -27.36 -27.00 -60.64
N LEU D 507 -26.27 -27.13 -59.89
CA LEU D 507 -25.73 -25.99 -59.15
C LEU D 507 -25.30 -24.87 -60.10
N GLN D 508 -24.61 -25.23 -61.19
CA GLN D 508 -24.22 -24.23 -62.19
C GLN D 508 -25.43 -23.46 -62.70
N ALA D 509 -26.52 -24.18 -62.98
CA ALA D 509 -27.71 -23.50 -63.48
C ALA D 509 -28.28 -22.54 -62.42
N LYS D 510 -28.36 -23.01 -61.16
CA LYS D 510 -28.81 -22.15 -60.07
C LYS D 510 -27.90 -20.94 -59.92
N TRP D 511 -26.60 -21.16 -60.08
CA TRP D 511 -25.65 -20.07 -59.92
C TRP D 511 -25.87 -19.02 -61.01
N ASN D 512 -26.03 -19.46 -62.26
CA ASN D 512 -26.23 -18.51 -63.33
C ASN D 512 -27.50 -17.68 -63.10
N ASN D 513 -28.59 -18.34 -62.68
CA ASN D 513 -29.83 -17.60 -62.42
C ASN D 513 -29.63 -16.58 -61.30
N PHE D 514 -28.92 -16.98 -60.25
CA PHE D 514 -28.62 -16.09 -59.12
C PHE D 514 -27.80 -14.88 -59.56
N ILE D 515 -26.77 -15.07 -60.37
CA ILE D 515 -26.00 -13.91 -60.84
C ILE D 515 -26.90 -12.97 -61.65
N ASN D 516 -27.68 -13.52 -62.60
CA ASN D 516 -28.51 -12.64 -63.43
C ASN D 516 -29.54 -11.89 -62.59
N ASP D 517 -30.20 -12.61 -61.67
CA ASP D 517 -31.21 -11.99 -60.83
C ASP D 517 -30.57 -10.93 -59.95
N SER D 518 -29.37 -11.21 -59.46
CA SER D 518 -28.70 -10.30 -58.54
C SER D 518 -28.34 -9.01 -59.25
N LEU D 519 -27.88 -9.09 -60.50
CA LEU D 519 -27.56 -7.86 -61.21
C LEU D 519 -28.79 -7.01 -61.36
N ILE D 520 -29.93 -7.63 -61.64
CA ILE D 520 -31.15 -6.83 -61.76
C ILE D 520 -31.53 -6.23 -60.41
N LYS D 521 -31.51 -7.06 -59.36
CA LYS D 521 -32.04 -6.69 -58.04
C LYS D 521 -31.25 -5.54 -57.44
N TRP D 522 -29.93 -5.56 -57.59
CA TRP D 522 -29.08 -4.52 -57.02
C TRP D 522 -28.71 -3.42 -58.02
N LYS D 523 -29.38 -3.40 -59.17
CA LYS D 523 -29.24 -2.31 -60.15
C LYS D 523 -27.80 -2.19 -60.60
N LEU D 524 -27.21 -3.34 -60.88
CA LEU D 524 -25.81 -3.40 -61.27
C LEU D 524 -25.62 -3.55 -62.77
N THR D 525 -26.70 -3.80 -63.51
CA THR D 525 -26.54 -3.93 -64.97
C THR D 525 -26.05 -2.60 -65.51
N ASN D 526 -25.06 -2.66 -66.40
CA ASN D 526 -24.30 -1.50 -66.86
C ASN D 526 -23.27 -1.08 -65.82
C1 NAG E . -10.75 7.54 -10.24
C2 NAG E . -11.87 6.54 -10.52
C3 NAG E . -13.25 7.17 -10.42
C4 NAG E . -13.38 7.99 -9.13
C5 NAG E . -12.27 9.04 -9.12
C6 NAG E . -12.35 9.99 -7.93
C7 NAG E . -11.20 4.65 -11.91
C8 NAG E . -11.11 4.04 -13.29
N2 NAG E . -11.72 5.89 -11.82
O3 NAG E . -14.14 6.08 -10.46
O4 NAG E . -14.61 8.67 -9.11
O5 NAG E . -11.05 8.34 -9.09
O6 NAG E . -12.48 9.23 -6.76
O7 NAG E . -10.79 4.02 -10.94
C1 NAG E . -15.62 7.95 -8.39
C2 NAG E . -16.66 8.95 -7.87
C3 NAG E . -17.69 8.22 -7.03
C4 NAG E . -18.36 7.12 -7.85
C5 NAG E . -17.32 6.25 -8.61
C6 NAG E . -17.91 5.43 -9.73
C7 NAG E . -15.93 11.23 -7.70
C8 NAG E . -15.25 12.27 -6.84
N2 NAG E . -16.04 10.01 -7.13
O3 NAG E . -18.60 9.20 -6.59
O4 NAG E . -19.12 6.35 -6.94
O5 NAG E . -16.30 7.05 -9.22
O6 NAG E . -17.79 6.16 -10.95
O7 NAG E . -16.35 11.48 -8.82
C1 NAG F . -6.08 -6.60 14.46
C2 NAG F . -6.79 -5.42 15.11
C3 NAG F . -8.13 -5.84 15.70
C4 NAG F . -8.99 -6.51 14.63
C5 NAG F . -8.21 -7.76 14.25
C6 NAG F . -8.95 -8.67 13.29
C7 NAG F . -5.28 -3.72 15.99
C8 NAG F . -4.55 -3.24 17.24
N2 NAG F . -5.99 -4.85 16.17
O3 NAG F . -8.71 -4.67 16.19
O4 NAG F . -10.25 -6.88 15.16
O5 NAG F . -7.02 -7.31 13.64
O6 NAG F . -9.23 -7.88 12.17
O7 NAG F . -5.23 -3.11 14.92
C1 NAG F . -11.33 -6.16 14.53
C2 NAG F . -12.61 -6.95 14.87
C3 NAG F . -13.90 -6.19 14.49
C4 NAG F . -13.83 -4.72 14.86
C5 NAG F . -12.50 -4.16 14.33
C6 NAG F . -12.29 -2.67 14.43
C7 NAG F . -12.37 -9.33 14.44
C8 NAG F . -12.35 -10.32 13.30
N2 NAG F . -12.55 -8.08 14.03
O3 NAG F . -14.97 -6.87 15.11
O4 NAG F . -14.99 -4.12 14.28
O5 NAG F . -11.45 -4.83 15.01
O6 NAG F . -11.10 -2.33 13.73
O7 NAG F . -12.25 -9.59 15.63
C1 NAG G . -22.68 26.25 32.58
C2 NAG G . -22.22 24.95 31.93
C3 NAG G . -22.93 24.77 30.59
C4 NAG G . -24.44 24.80 30.81
C5 NAG G . -24.78 26.16 31.42
C6 NAG G . -26.27 26.37 31.65
C7 NAG G . -19.85 24.49 32.37
C8 NAG G . -18.45 24.68 31.89
N2 NAG G . -20.82 25.07 31.64
O3 NAG G . -22.44 23.60 30.00
O4 NAG G . -25.12 24.64 29.57
O5 NAG G . -24.11 26.27 32.68
O6 NAG G . -26.76 25.24 32.32
O7 NAG G . -20.11 23.83 33.35
C1 NAG G . -25.84 23.37 29.53
C2 NAG G . -26.92 23.47 28.44
C3 NAG G . -27.66 22.14 28.27
C4 NAG G . -26.64 21.04 27.99
C5 NAG G . -25.66 21.06 29.19
C6 NAG G . -24.64 19.94 29.17
C7 NAG G . -27.91 25.66 28.19
C8 NAG G . -28.95 26.60 28.74
N2 NAG G . -27.87 24.48 28.82
O3 NAG G . -28.59 22.30 27.24
O4 NAG G . -27.34 19.83 27.85
O5 NAG G . -24.99 22.31 29.24
O6 NAG G . -24.66 19.27 30.41
O7 NAG G . -27.18 25.92 27.26
C1 NAG H . -38.74 -21.33 -18.75
C2 NAG H . -37.72 -20.22 -18.40
C3 NAG H . -37.79 -19.97 -16.88
C4 NAG H . -39.22 -19.68 -16.43
C5 NAG H . -40.07 -20.91 -16.82
C6 NAG H . -41.52 -20.85 -16.32
C7 NAG H . -35.80 -20.13 -19.92
C8 NAG H . -34.38 -20.58 -20.16
N2 NAG H . -36.37 -20.59 -18.75
O3 NAG H . -36.94 -18.89 -16.64
O4 NAG H . -39.26 -19.49 -15.03
O5 NAG H . -40.01 -21.03 -18.22
O6 NAG H . -42.16 -19.72 -16.83
O7 NAG H . -36.36 -19.37 -20.68
C1 NAG H . -39.59 -18.11 -14.73
C2 NAG H . -40.15 -18.01 -13.29
C3 NAG H . -40.39 -16.57 -12.86
C4 NAG H . -39.19 -15.68 -13.18
C5 NAG H . -38.80 -15.91 -14.65
C6 NAG H . -37.68 -15.03 -15.15
C7 NAG H . -41.42 -19.92 -12.48
C8 NAG H . -42.75 -20.61 -12.45
N2 NAG H . -41.37 -18.76 -13.17
O3 NAG H . -40.69 -16.61 -11.50
O4 NAG H . -39.53 -14.33 -12.90
O5 NAG H . -38.45 -17.29 -14.82
O6 NAG H . -38.18 -14.13 -16.13
O7 NAG H . -40.43 -20.37 -11.92
C1 EDO I . -11.56 -19.66 -20.61
O1 EDO I . -12.44 -19.89 -21.70
C2 EDO I . -10.85 -20.95 -20.17
O2 EDO I . -11.79 -21.92 -19.69
C1 NAG J . 13.05 7.47 -4.56
C2 NAG J . 13.32 7.46 -3.03
C3 NAG J . 14.62 8.14 -2.67
C4 NAG J . 15.73 7.65 -3.59
C5 NAG J . 15.29 7.73 -5.06
C6 NAG J . 16.35 7.39 -6.09
C7 NAG J . 11.46 7.23 -1.50
C8 NAG J . 10.26 7.85 -0.82
N2 NAG J . 12.18 8.04 -2.32
O3 NAG J . 14.88 7.86 -1.31
O4 NAG J . 16.74 8.56 -3.24
O5 NAG J . 14.12 6.91 -5.30
O6 NAG J . 16.33 5.99 -6.33
O7 NAG J . 11.75 6.04 -1.32
C1 NAG K . -12.41 -33.70 -9.90
C2 NAG K . -11.03 -34.37 -9.95
C3 NAG K . -10.85 -35.40 -8.82
C4 NAG K . -11.22 -34.82 -7.48
C5 NAG K . -12.65 -34.26 -7.55
C6 NAG K . -13.13 -33.61 -6.28
C7 NAG K . -9.65 -34.79 -11.86
C8 NAG K . -9.44 -35.52 -13.17
N2 NAG K . -10.79 -35.06 -11.19
O3 NAG K . -9.53 -35.91 -8.85
O4 NAG K . -11.17 -35.87 -6.54
O5 NAG K . -12.68 -33.29 -8.59
O6 NAG K . -12.62 -32.29 -6.12
O7 NAG K . -8.88 -33.96 -11.40
C1 NAG L . 17.03 -5.98 -47.25
C2 NAG L . 17.36 -4.81 -48.19
C3 NAG L . 18.07 -5.37 -49.45
C4 NAG L . 19.21 -6.34 -49.10
C5 NAG L . 18.66 -7.44 -48.19
C6 NAG L . 19.64 -8.53 -47.78
C7 NAG L . 15.70 -2.92 -47.93
C8 NAG L . 14.33 -2.46 -48.38
N2 NAG L . 16.13 -4.09 -48.47
O3 NAG L . 18.56 -4.29 -50.20
O4 NAG L . 19.76 -6.87 -50.31
O5 NAG L . 18.15 -6.81 -47.02
O6 NAG L . 20.64 -7.95 -46.95
O7 NAG L . 16.34 -2.22 -47.13
C1 EDO M . -0.19 1.38 -3.75
O1 EDO M . -0.95 1.65 -2.59
C2 EDO M . 0.85 2.45 -3.95
O2 EDO M . 1.63 2.60 -2.76
C1 EDO N . 24.59 -4.06 -23.49
O1 EDO N . 24.16 -2.96 -24.29
C2 EDO N . 25.18 -3.55 -22.19
O2 EDO N . 24.21 -2.69 -21.58
C1 BTB O . -4.60 -6.77 -8.69
O1 BTB O . -4.11 -6.03 -7.60
C2 BTB O . -5.89 -7.53 -8.34
C3 BTB O . -5.45 -8.80 -7.53
O3 BTB O . -4.80 -9.80 -8.33
C4 BTB O . -6.52 -8.08 -9.64
O4 BTB O . -7.42 -9.12 -9.39
N BTB O . -6.82 -6.67 -7.56
C5 BTB O . -8.09 -7.29 -7.10
C6 BTB O . -8.29 -7.47 -5.59
O6 BTB O . -7.27 -8.28 -5.01
C7 BTB O . -7.01 -5.31 -8.06
C8 BTB O . -7.86 -4.40 -7.19
O8 BTB O . -7.28 -4.24 -5.91
C1 EDO P . 7.41 -4.87 -13.97
O1 EDO P . 6.84 -5.91 -13.17
C2 EDO P . 6.37 -3.81 -14.07
O2 EDO P . 6.35 -3.16 -12.82
C1 EDO Q . 1.12 9.84 -43.43
O1 EDO Q . 0.54 9.27 -44.60
C2 EDO Q . 0.45 11.17 -43.14
O2 EDO Q . 1.16 12.28 -43.67
C1 EDO R . 20.29 6.14 -11.07
O1 EDO R . 20.45 4.74 -11.18
C2 EDO R . 18.81 6.33 -11.01
O2 EDO R . 18.24 5.79 -9.84
C1 EDO S . 15.90 16.15 -38.43
O1 EDO S . 15.88 15.75 -39.77
C2 EDO S . 16.06 14.93 -37.53
O2 EDO S . 16.56 15.28 -36.26
C1 EDO T . 21.68 -29.45 -15.45
O1 EDO T . 21.39 -28.40 -16.37
C2 EDO T . 22.86 -29.08 -14.59
O2 EDO T . 22.40 -28.55 -13.37
C1 EDO U . -12.39 -6.18 -24.14
O1 EDO U . -12.18 -6.40 -25.53
C2 EDO U . -11.15 -5.56 -23.53
O2 EDO U . -10.08 -6.48 -23.58
C1 EDO V . -3.83 8.38 -38.95
O1 EDO V . -3.28 9.46 -39.64
C2 EDO V . -3.40 8.54 -37.52
O2 EDO V . -4.47 9.00 -36.69
C1 EDO W . 13.31 -21.00 -32.75
O1 EDO W . 12.29 -21.60 -31.95
C2 EDO W . 14.57 -21.85 -32.84
O2 EDO W . 14.27 -23.08 -33.47
C1 EDO X . 7.81 -17.82 -5.79
O1 EDO X . 7.33 -18.30 -4.54
C2 EDO X . 9.30 -18.10 -5.96
O2 EDO X . 9.47 -19.12 -6.93
C1 EDO Y . 29.94 1.48 -10.11
O1 EDO Y . 31.02 1.00 -10.84
C2 EDO Y . 29.74 0.57 -8.92
O2 EDO Y . 28.60 1.02 -8.24
C1 EDO Z . -11.83 13.29 -5.98
O1 EDO Z . -12.57 13.73 -7.10
C2 EDO Z . -10.38 13.06 -6.33
O2 EDO Z . -9.55 14.00 -5.68
C1 EDO AA . -10.33 11.84 -2.91
O1 EDO AA . -9.02 12.34 -3.08
C2 EDO AA . -10.51 10.66 -3.84
O2 EDO AA . -11.82 10.64 -4.37
C1 EDO BA . 18.92 -24.68 -25.67
O1 EDO BA . 20.18 -25.32 -25.71
C2 EDO BA . 18.77 -23.91 -26.94
O2 EDO BA . 18.31 -24.78 -27.94
C1 EDO CA . -1.72 16.98 -18.00
O1 EDO CA . -1.79 15.62 -17.58
C2 EDO CA . -0.38 17.22 -18.65
O2 EDO CA . 0.60 16.60 -17.86
C1 EDO DA . -5.07 18.05 -18.20
O1 EDO DA . -4.61 19.37 -18.32
C2 EDO DA . -6.57 18.04 -17.90
O2 EDO DA . -7.27 18.47 -19.04
C1 EDO EA . -11.54 7.62 -21.20
O1 EDO EA . -12.63 8.12 -20.46
C2 EDO EA . -10.86 6.50 -20.45
O2 EDO EA . -11.52 5.22 -20.33
C1 GOL FA . 24.60 13.40 -20.98
O1 GOL FA . 24.45 14.55 -21.79
C2 GOL FA . 23.46 13.35 -19.98
O2 GOL FA . 22.28 12.82 -20.55
C3 GOL FA . 23.83 12.53 -18.75
O3 GOL FA . 23.03 13.09 -17.73
C1 EDO GA . -2.45 12.00 7.81
O1 EDO GA . -3.50 11.30 8.42
C2 EDO GA . -3.04 12.79 6.64
O2 EDO GA . -4.05 13.67 7.13
C1 EDO HA . 5.23 14.20 -45.78
O1 EDO HA . 4.38 15.32 -46.02
C2 EDO HA . 6.63 14.38 -46.32
O2 EDO HA . 7.58 14.87 -45.41
C1 EDO IA . -5.38 0.74 1.82
O1 EDO IA . -6.45 1.64 2.11
C2 EDO IA . -5.81 -0.38 0.90
O2 EDO IA . -6.98 -1.03 1.38
C1 EDO JA . 12.48 23.87 -2.36
O1 EDO JA . 11.62 24.45 -3.33
C2 EDO JA . 11.94 22.52 -1.92
O2 EDO JA . 12.39 21.57 -2.86
C1 GOL KA . -3.49 -25.57 -23.98
O1 GOL KA . -4.68 -25.96 -24.58
C2 GOL KA . -2.93 -26.86 -23.47
O2 GOL KA . -4.01 -27.77 -23.33
C3 GOL KA . -2.23 -26.53 -22.19
O3 GOL KA . -0.82 -26.51 -22.30
ZN ZN LA . 4.40 -2.77 -27.55
C14 A1CDW MA . 1.93 0.52 -27.59
C15 A1CDW MA . 1.93 -0.57 -26.72
C17 A1CDW MA . 2.74 1.07 -25.61
C18 A1CDW MA . 1.41 -1.97 -26.97
C2 A1CDW MA . 2.17 5.24 -26.72
C20 A1CDW MA . 0.21 -1.92 -27.90
C22 A1CDW MA . 0.90 -0.22 -29.56
C3 A1CDW MA . 1.49 3.88 -26.58
C4 A1CDW MA . 2.50 2.98 -27.28
C6 A1CDW MA . 3.64 4.90 -26.51
C7 A1CDW MA . 4.13 4.95 -25.08
N13 A1CDW MA . 2.46 1.57 -26.86
N16 A1CDW MA . 2.44 -0.21 -25.49
N21 A1CDW MA . 0.60 -1.49 -29.25
N23 A1CDW MA . 1.53 0.69 -28.90
O1 A1CDW MA . 1.96 5.77 -28.04
O10 A1CDW MA . 5.36 8.23 -23.63
O11 A1CDW MA . 6.58 6.48 -24.97
O12 A1CDW MA . 5.03 8.10 -26.10
O19 A1CDW MA . 2.41 -2.88 -27.54
O5 A1CDW MA . 3.77 3.50 -26.91
O8 A1CDW MA . 4.07 6.32 -24.61
P9 A1CDW MA . 5.33 7.32 -24.85
C1 EDO NA . 26.63 -15.11 39.14
O1 EDO NA . 26.23 -16.29 38.49
C2 EDO NA . 28.09 -15.16 39.45
O2 EDO NA . 28.62 -14.62 38.27
C1 NAG OA . 12.80 -10.14 -0.80
C2 NAG OA . 12.46 -10.68 -2.19
C3 NAG OA . 13.62 -11.33 -2.96
C4 NAG OA . 14.91 -10.59 -2.72
C5 NAG OA . 15.08 -10.49 -1.21
C6 NAG OA . 16.49 -10.09 -0.85
C7 NAG OA . 10.29 -11.46 -2.06
C8 NAG OA . 9.30 -12.52 -1.56
N2 NAG OA . 11.56 -11.70 -1.78
O3 NAG OA . 13.26 -11.31 -4.32
O4 NAG OA . 15.87 -11.43 -3.30
O5 NAG OA . 14.09 -9.60 -0.70
O6 NAG OA . 16.60 -8.69 -0.71
O7 NAG OA . 10.07 -10.43 -2.69
C1 NAG PA . -0.89 34.53 13.12
C2 NAG PA . 0.47 34.94 12.54
C3 NAG PA . 0.29 35.99 11.43
C4 NAG PA . -0.76 35.55 10.40
C5 NAG PA . -2.03 35.11 11.11
C6 NAG PA . -3.07 34.56 10.15
C7 NAG PA . 2.54 34.96 13.69
C8 NAG PA . 3.38 35.62 14.74
N2 NAG PA . 1.34 35.50 13.52
O3 NAG PA . 1.51 36.24 10.79
O4 NAG PA . -1.00 36.68 9.59
O5 NAG PA . -1.70 34.10 12.06
O6 NAG PA . -2.89 33.15 10.04
O7 NAG PA . 2.91 34.01 13.04
C1 NAG QA . 36.66 1.06 35.21
C2 NAG QA . 37.20 -0.26 35.78
C3 NAG QA . 38.53 -0.06 36.52
C4 NAG QA . 39.48 0.72 35.62
C5 NAG QA . 38.82 2.09 35.35
C6 NAG QA . 39.67 3.13 34.62
C7 NAG QA . 35.44 -1.91 36.31
C8 NAG QA . 34.44 -2.33 37.38
N2 NAG QA . 36.19 -0.85 36.64
O3 NAG QA . 39.08 -1.31 36.88
O4 NAG QA . 40.71 0.79 36.28
O5 NAG QA . 37.67 1.83 34.58
O6 NAG QA . 40.15 2.58 33.41
O7 NAG QA . 35.50 -2.46 35.23
C1 EDO RA . 12.76 1.61 9.95
O1 EDO RA . 11.96 1.21 8.86
C2 EDO RA . 13.83 2.51 9.41
O2 EDO RA . 13.14 3.71 8.96
C1 EDO SA . 32.89 -1.37 10.70
O1 EDO SA . 32.74 -2.40 11.66
C2 EDO SA . 32.79 -1.95 9.30
O2 EDO SA . 31.52 -2.57 9.13
C1 EDO TA . 31.57 23.89 2.36
O1 EDO TA . 30.53 23.40 1.55
C2 EDO TA . 30.94 24.49 3.59
O2 EDO TA . 30.79 23.52 4.63
C1 EDO UA . 30.23 20.02 30.36
O1 EDO UA . 31.18 18.99 30.11
C2 EDO UA . 30.78 21.38 29.94
O2 EDO UA . 31.34 21.33 28.63
C1 EDO VA . 26.28 18.97 41.11
O1 EDO VA . 27.28 19.24 40.13
C2 EDO VA . 25.87 20.17 41.93
O2 EDO VA . 24.46 20.35 41.82
C1 BTB WA . 0.03 8.73 9.04
O1 BTB WA . 1.12 9.53 9.53
C2 BTB WA . -0.30 7.54 9.98
C3 BTB WA . -0.23 8.11 11.41
O3 BTB WA . -0.90 9.33 11.57
C4 BTB WA . 0.85 6.50 9.96
O4 BTB WA . 0.86 5.71 8.77
N BTB WA . -1.63 6.92 9.80
C5 BTB WA . -2.81 7.80 9.91
C6 BTB WA . -3.62 7.99 8.63
O6 BTB WA . -2.88 8.71 7.65
C7 BTB WA . -1.83 5.61 10.43
C8 BTB WA . -3.09 4.85 9.97
O8 BTB WA . -2.98 4.40 8.59
C1 EDO XA . 2.06 20.00 23.11
O1 EDO XA . 1.80 20.52 24.42
C2 EDO XA . 2.67 21.02 22.17
O2 EDO XA . 1.92 22.22 22.06
C1 EDO YA . 21.41 -23.69 19.53
O1 EDO YA . 21.59 -22.38 19.99
C2 EDO YA . 22.74 -24.16 19.01
O2 EDO YA . 22.64 -23.82 17.66
C1 EDO ZA . 20.73 -9.44 1.61
O1 EDO ZA . 19.35 -9.56 1.38
C2 EDO ZA . 21.33 -10.78 1.83
O2 EDO ZA . 22.71 -10.54 1.97
C1 EDO AB . 34.93 -0.67 29.99
O1 EDO AB . 34.98 -1.10 28.64
C2 EDO AB . 35.61 -1.64 30.93
O2 EDO AB . 36.13 -1.01 32.10
C1 EDO BB . 32.01 19.23 15.66
O1 EDO BB . 32.88 19.61 16.71
C2 EDO BB . 32.18 20.12 14.45
O2 EDO BB . 33.37 19.81 13.73
C1 EDO CB . 1.60 5.90 26.16
O1 EDO CB . 2.65 6.73 25.65
C2 EDO CB . 0.70 6.62 27.11
O2 EDO CB . 1.45 6.86 28.29
C1 EDO DB . 14.64 -14.00 22.31
O1 EDO DB . 15.26 -12.75 22.05
C2 EDO DB . 13.70 -14.37 21.19
O2 EDO DB . 12.93 -13.22 20.82
C1 EDO EB . 25.64 -22.40 13.61
O1 EDO EB . 24.69 -22.62 14.65
C2 EDO EB . 25.85 -23.53 12.65
O2 EDO EB . 25.43 -23.15 11.35
C1 EDO FB . 1.55 -1.81 3.71
O1 EDO FB . 0.25 -1.99 3.18
C2 EDO FB . 2.36 -3.06 3.50
O2 EDO FB . 2.73 -3.23 2.13
C1 EDO GB . 34.66 17.51 0.06
O1 EDO GB . 34.70 18.61 0.95
C2 EDO GB . 33.23 17.28 -0.39
O2 EDO GB . 33.17 16.23 -1.33
C1 EDO HB . 27.50 25.88 -4.89
O1 EDO HB . 28.31 24.72 -4.91
C2 EDO HB . 26.63 25.96 -3.64
O2 EDO HB . 27.33 26.66 -2.63
C1 EDO IB . 8.76 -2.63 1.18
O1 EDO IB . 7.90 -2.60 0.07
C2 EDO IB . 9.06 -1.23 1.66
O2 EDO IB . 10.35 -1.19 2.27
C1 EDO JB . 22.43 -16.82 39.89
O1 EDO JB . 23.55 -17.63 39.55
C2 EDO JB . 21.46 -17.34 40.89
O2 EDO JB . 20.82 -16.26 41.54
C1 EDO KB . 33.22 6.13 28.13
O1 EDO KB . 34.10 6.27 29.22
C2 EDO KB . 33.95 6.27 26.82
O2 EDO KB . 34.55 5.04 26.48
C1 EDO LB . 31.01 -18.77 21.35
O1 EDO LB . 31.00 -18.96 22.74
C2 EDO LB . 29.61 -18.83 20.87
O2 EDO LB . 29.13 -20.16 21.08
C1 GOL MB . 30.96 17.76 22.54
O1 GOL MB . 31.17 18.95 23.27
C2 GOL MB . 30.40 16.74 23.49
O2 GOL MB . 30.21 17.25 24.80
C3 GOL MB . 29.05 16.40 23.02
O3 GOL MB . 28.48 17.65 22.78
C1 EDO NB . 5.26 3.12 7.05
O1 EDO NB . 4.11 3.70 6.50
C2 EDO NB . 6.40 3.20 6.09
O2 EDO NB . 7.54 2.76 6.75
C1 EDO OB . 10.83 -24.22 10.60
O1 EDO OB . 10.55 -24.59 9.28
C2 EDO OB . 10.51 -25.36 11.55
O2 EDO OB . 10.67 -24.85 12.86
C1 EDO PB . 15.52 32.88 2.54
O1 EDO PB . 14.17 32.55 2.65
C2 EDO PB . 15.60 34.29 2.02
O2 EDO PB . 16.90 34.50 1.50
C1 EDO QB . 1.32 25.22 22.89
O1 EDO QB . 0.11 25.74 22.46
C2 EDO QB . 0.79 24.23 23.87
O2 EDO QB . 1.74 23.78 24.77
C1 EDO RB . -8.44 -4.12 11.70
O1 EDO RB . -8.22 -3.00 12.53
C2 EDO RB . -9.90 -4.50 11.65
O2 EDO RB . -10.03 -5.73 11.00
C1 EDO SB . 35.26 11.43 1.09
O1 EDO SB . 34.45 11.21 -0.05
C2 EDO SB . 36.06 10.19 1.43
O2 EDO SB . 36.87 10.51 2.54
C1 EDO TB . 34.71 15.14 16.38
O1 EDO TB . 35.86 14.73 17.05
C2 EDO TB . 33.66 15.46 17.40
O2 EDO TB . 33.42 16.83 17.58
C1 EDO UB . 41.61 -1.19 12.46
O1 EDO UB . 40.23 -1.25 12.16
C2 EDO UB . 42.01 -2.46 13.19
O2 EDO UB . 43.38 -2.75 13.03
ZN ZN VB . 16.52 0.55 23.06
C14 A1CDW WB . 13.78 -2.31 24.29
C15 A1CDW WB . 13.65 -1.20 23.46
C17 A1CDW WB . 13.53 -2.93 22.18
C18 A1CDW WB . 13.53 0.23 23.86
C2 A1CDW WB . 12.94 -7.01 23.57
C20 A1CDW WB . 12.77 0.36 25.17
C22 A1CDW WB . 13.87 -1.43 26.46
C3 A1CDW WB . 12.44 -5.57 23.69
C4 A1CDW WB . 13.75 -4.84 23.87
C6 A1CDW WB . 14.21 -6.83 22.75
C7 A1CDW WB . 14.02 -6.94 21.26
N13 A1CDW WB . 13.71 -3.41 23.46
N16 A1CDW WB . 13.48 -1.61 22.14
N21 A1CDW WB . 13.55 -0.13 26.30
N23 A1CDW WB . 13.94 -2.43 25.66
O1 A1CDW WB . 13.23 -7.53 24.87
O10 A1CDW WB . 14.66 -10.18 21.89
O11 A1CDW WB . 13.98 -10.29 19.50
O12 A1CDW WB . 15.89 -8.79 20.19
O19 A1CDW WB . 14.79 0.98 23.90
O5 A1CDW WB . 14.68 -5.50 23.03
O8 A1CDW WB . 13.51 -8.23 20.93
P9 A1CDW WB . 14.57 -9.42 20.59
C1 EDO XB . -5.02 24.72 19.63
O1 EDO XB . -4.16 23.83 18.96
C2 EDO XB . -4.59 24.85 21.08
O2 EDO XB . -5.24 25.91 21.77
C1 GOL YB . 43.62 2.18 36.58
O1 GOL YB . 43.47 0.78 36.47
C2 GOL YB . 42.51 2.79 37.41
O2 GOL YB . 42.58 2.34 38.76
C3 GOL YB . 42.46 4.30 37.24
O3 GOL YB . 41.30 4.80 37.87
C1 NAG ZB . -21.02 36.82 54.39
C2 NAG ZB . -22.26 37.07 55.27
C3 NAG ZB . -22.03 38.25 56.22
C4 NAG ZB . -20.64 38.21 56.87
C5 NAG ZB . -19.56 38.02 55.81
C6 NAG ZB . -18.16 37.91 56.38
C7 NAG ZB . -24.22 36.19 54.06
C8 NAG ZB . -25.39 36.59 53.16
N2 NAG ZB . -23.45 37.24 54.43
O3 NAG ZB . -23.07 38.19 57.18
O4 NAG ZB . -20.45 39.45 57.54
O5 NAG ZB . -19.81 36.79 55.14
O6 NAG ZB . -18.14 36.82 57.29
O7 NAG ZB . -23.99 35.00 54.42
C1 NAG AC . 0.18 -6.08 44.03
C2 NAG AC . 0.91 -5.79 45.36
C3 NAG AC . 0.57 -6.95 46.34
C4 NAG AC . -0.94 -7.14 46.50
C5 NAG AC . -1.59 -7.27 45.10
C6 NAG AC . -3.11 -7.30 45.15
C7 NAG AC . 3.03 -4.66 45.64
C8 NAG AC . 4.52 -4.71 45.42
N2 NAG AC . 2.34 -5.72 45.20
O3 NAG AC . 1.22 -6.75 47.57
O4 NAG AC . -1.11 -8.32 47.24
O5 NAG AC . -1.21 -6.17 44.28
O6 NAG AC . -3.56 -8.55 44.68
O7 NAG AC . 2.42 -3.73 46.17
C1 EDO BC . 0.97 9.19 35.30
O1 EDO BC . 1.76 8.89 34.17
C2 EDO BC . 1.41 8.40 36.52
O2 EDO BC . 1.40 7.00 36.24
C1 EDO CC . -8.30 27.58 49.60
O1 EDO CC . -8.52 26.17 49.80
C2 EDO CC . -9.13 27.97 48.40
O2 EDO CC . -10.51 27.76 48.68
C1 EDO DC . 2.79 40.91 58.98
O1 EDO DC . 2.82 41.85 57.91
C2 EDO DC . 1.66 41.27 59.92
O2 EDO DC . 0.40 41.02 59.31
C1 EDO EC . 26.46 25.69 34.85
O1 EDO EC . 26.65 25.85 36.24
C2 EDO EC . 27.29 24.56 34.29
O2 EDO EC . 26.42 23.57 33.76
C1 EDO FC . 17.73 38.30 45.85
O1 EDO FC . 18.71 39.23 45.39
C2 EDO FC . 17.99 37.78 47.24
O2 EDO FC . 16.76 37.71 47.94
C1 EDO GC . 16.69 40.01 56.23
O1 EDO GC . 15.98 41.16 55.81
C2 EDO GC . 15.75 39.07 56.96
O2 EDO GC . 16.41 37.86 57.24
C1 EDO HC . -20.18 47.59 54.87
O1 EDO HC . -20.12 46.22 54.89
C2 EDO HC . -19.63 48.14 53.59
O2 EDO HC . -18.27 48.43 53.87
C1 EDO IC . 16.49 19.49 63.01
O1 EDO IC . 15.73 20.01 61.93
C2 EDO IC . 15.93 18.10 63.32
O2 EDO IC . 14.94 18.25 64.31
C1 EDO JC . 12.97 39.01 51.03
O1 EDO JC . 14.35 38.67 50.88
C2 EDO JC . 12.73 40.51 51.17
O2 EDO JC . 13.89 41.30 50.93
C1 EDO KC . 14.65 22.95 60.39
O1 EDO KC . 15.38 23.09 61.61
C2 EDO KC . 15.33 23.67 59.26
O2 EDO KC . 16.58 23.05 59.06
C1 EDO LC . 18.39 47.24 40.53
O1 EDO LC . 19.78 47.01 40.39
C2 EDO LC . 17.79 47.35 39.15
O2 EDO LC . 16.43 46.97 39.18
C1 EDO MC . 3.24 4.63 36.62
O1 EDO MC . 2.66 4.02 35.44
C2 EDO MC . 4.69 4.25 36.89
O2 EDO MC . 5.82 4.91 36.27
C1 EDO NC . -11.56 36.73 61.60
O1 EDO NC . -12.89 36.40 61.58
C2 EDO NC . -11.63 38.21 61.46
O2 EDO NC . -10.53 38.73 62.01
C1 EDO OC . -13.82 46.33 38.56
O1 EDO OC . -14.60 45.31 37.96
C2 EDO OC . -14.10 47.73 38.06
O2 EDO OC . -13.96 48.69 39.13
C1 EDO PC . -22.15 24.78 46.32
O1 EDO PC . -23.43 24.19 46.31
C2 EDO PC . -22.20 26.13 46.97
O2 EDO PC . -21.99 26.00 48.38
C1 EDO QC . 7.03 25.63 39.47
O1 EDO QC . 5.83 26.45 39.52
C2 EDO QC . 7.85 25.40 38.19
O2 EDO QC . 9.30 25.16 38.42
C1 EDO RC . -4.45 20.66 28.94
O1 EDO RC . -3.11 20.94 28.58
C2 EDO RC . -4.87 21.29 30.26
O2 EDO RC . -3.92 21.11 31.27
C1 EDO SC . -5.53 21.31 59.74
O1 EDO SC . -4.67 21.54 58.65
C2 EDO SC . -6.53 20.26 59.34
O2 EDO SC . -6.17 19.09 60.07
C1 GOL TC . 12.33 24.33 21.39
O1 GOL TC . 12.70 25.06 20.21
C2 GOL TC . 11.04 24.84 21.95
O2 GOL TC . 11.09 24.89 23.37
C3 GOL TC . 11.02 26.18 21.29
O3 GOL TC . 11.43 27.13 22.22
C1 GOL UC . 9.26 9.24 44.40
O1 GOL UC . 8.40 10.07 45.14
C2 GOL UC . 8.80 8.75 43.05
O2 GOL UC . 9.86 7.93 42.59
C3 GOL UC . 8.69 10.00 42.22
O3 GOL UC . 9.30 9.76 40.98
C1 EDO VC . 0.81 10.26 31.76
O1 EDO VC . 0.44 8.95 32.03
C2 EDO VC . -0.33 11.14 32.16
O2 EDO VC . 0.25 12.25 32.81
C1 EDO WC . 30.57 10.60 45.31
O1 EDO WC . 31.70 9.78 45.05
C2 EDO WC . 30.10 11.26 44.03
O2 EDO WC . 30.30 10.36 42.96
C1 EDO XC . 0.54 41.87 25.24
O1 EDO XC . 1.49 41.84 24.20
C2 EDO XC . -0.85 42.21 24.76
O2 EDO XC . -1.57 41.00 24.69
C1 EDO YC . -17.71 50.57 38.37
O1 EDO YC . -16.52 49.90 38.71
C2 EDO YC . -18.85 49.72 38.85
O2 EDO YC . -18.64 48.39 38.40
C1 EDO ZC . 22.13 5.65 50.88
O1 EDO ZC . 23.45 5.81 51.34
C2 EDO ZC . 21.94 4.21 50.46
O2 EDO ZC . 21.98 3.41 51.62
C1 EDO AD . 9.84 55.62 31.31
O1 EDO AD . 8.96 56.49 30.61
C2 EDO AD . 9.07 54.34 31.54
O2 EDO AD . 8.31 54.01 30.39
C1 EDO BD . -32.81 52.45 38.68
O1 EDO BD . -34.04 52.03 39.22
C2 EDO BD . -32.27 53.58 39.53
O2 EDO BD . -31.30 54.36 38.87
C1 EDO CD . 17.52 39.45 64.46
O1 EDO CD . 16.38 39.99 65.10
C2 EDO CD . 17.50 37.94 64.59
O2 EDO CD . 18.22 37.35 63.51
C1 EDO DD . 34.52 -7.57 52.68
O1 EDO DD . 35.49 -8.29 53.40
C2 EDO DD . 35.11 -6.28 52.20
O2 EDO DD . 35.77 -6.48 50.97
C1 EDO ED . -13.89 29.40 27.97
O1 EDO ED . -13.60 28.01 27.91
C2 EDO ED . -13.79 30.18 26.68
O2 EDO ED . -14.75 29.70 25.76
C1 EDO FD . -2.82 1.57 33.70
O1 EDO FD . -1.51 1.12 33.43
C2 EDO FD . -3.05 1.43 35.18
O2 EDO FD . -3.61 2.62 35.63
C1 EDO GD . -9.89 43.77 36.28
O1 EDO GD . -9.86 42.52 36.95
C2 EDO GD . -10.33 44.82 37.26
O2 EDO GD . -11.72 44.98 37.10
C1 PEG HD . -30.91 29.91 36.33
O1 PEG HD . -31.92 30.90 36.16
C2 PEG HD . -31.19 28.61 35.61
O2 PEG HD . -30.16 27.70 35.89
C3 PEG HD . -30.04 26.60 35.00
C4 PEG HD . -29.10 26.86 33.83
O4 PEG HD . -29.16 28.21 33.36
C1 EDO ID . 17.64 26.44 50.43
O1 EDO ID . 18.44 25.89 49.40
C2 EDO ID . 16.88 25.44 51.25
O2 EDO ID . 16.30 24.41 50.45
ZN ZN JD . 0.54 33.06 40.08
C14 A1CDW KD . -1.91 34.22 36.98
C15 A1CDW KD . -1.97 33.05 37.76
C17 A1CDW KD . -3.58 34.30 38.40
C18 A1CDW KD . -1.10 31.84 37.67
C2 A1CDW KD . -5.22 37.59 36.19
C20 A1CDW KD . -0.78 31.61 36.20
C22 A1CDW KD . -0.10 33.90 35.50
C3 A1CDW KD . -4.69 36.18 36.07
C4 A1CDW KD . -3.40 36.28 36.86
C6 A1CDW KD . -4.85 37.96 37.63
C7 A1CDW KD . -5.90 37.64 38.67
N13 A1CDW KD . -2.96 35.00 37.41
N16 A1CDW KD . -3.03 33.13 38.64
N21 A1CDW KD . 0.17 32.60 35.70
N23 A1CDW KD . -1.06 34.64 35.98
O1 A1CDW KD . -4.52 38.45 35.27
O10 A1CDW KD . -6.03 40.14 40.13
O11 A1CDW KD . -8.50 40.09 39.62
O12 A1CDW KD . -6.86 40.95 37.92
O19 A1CDW KD . 0.17 31.90 38.37
O5 A1CDW KD . -3.68 37.16 37.94
O8 A1CDW KD . -7.02 38.51 38.44
P9 A1CDW KD . -7.09 40.00 39.07
C1 NAG LD . -48.64 -30.74 -39.10
C2 NAG LD . -49.97 -30.12 -39.56
C3 NAG LD . -50.83 -31.14 -40.34
C4 NAG LD . -50.01 -31.72 -41.45
C5 NAG LD . -48.74 -32.34 -40.81
C6 NAG LD . -47.80 -33.07 -41.75
C7 NAG LD . -51.05 -28.30 -38.37
C8 NAG LD . -51.67 -27.80 -37.08
N2 NAG LD . -50.60 -29.57 -38.37
O3 NAG LD . -52.00 -30.50 -40.80
O4 NAG LD . -50.88 -32.66 -42.05
O5 NAG LD . -47.98 -31.29 -40.20
O6 NAG LD . -47.31 -32.15 -42.69
O7 NAG LD . -50.98 -27.57 -39.35
C1 NAG MD . -17.71 7.33 -39.69
C2 NAG MD . -17.70 7.07 -41.21
C3 NAG MD . -18.26 8.27 -42.00
C4 NAG MD . -19.57 8.76 -41.40
C5 NAG MD . -19.47 8.90 -39.88
C6 NAG MD . -20.77 9.23 -39.18
C7 NAG MD . -16.27 5.49 -42.34
C8 NAG MD . -14.89 5.23 -42.85
N2 NAG MD . -16.42 6.68 -41.74
O3 NAG MD . -18.40 7.92 -43.38
O4 NAG MD . -19.81 10.03 -41.96
O5 NAG MD . -19.02 7.69 -39.32
O6 NAG MD . -21.73 8.22 -39.43
O7 NAG MD . -17.23 4.73 -42.43
C1 NAG ND . -7.23 -46.64 -44.89
C2 NAG ND . -7.21 -48.15 -44.52
C3 NAG ND . -6.09 -48.91 -45.26
C4 NAG ND . -6.00 -48.52 -46.73
C5 NAG ND . -5.92 -46.99 -46.84
C6 NAG ND . -5.69 -46.47 -48.24
C7 NAG ND . -8.19 -48.45 -42.33
C8 NAG ND . -7.90 -48.53 -40.85
N2 NAG ND . -7.10 -48.29 -43.10
O3 NAG ND . -6.42 -50.26 -45.11
O4 NAG ND . -4.89 -49.14 -47.34
O5 NAG ND . -7.14 -46.48 -46.29
O6 NAG ND . -6.88 -46.61 -48.98
O7 NAG ND . -9.34 -48.54 -42.76
C1 EDO OD . -29.40 -38.54 -53.09
O1 EDO OD . -29.22 -39.46 -52.03
C2 EDO OD . -30.86 -38.59 -53.52
O2 EDO OD . -31.68 -38.35 -52.38
C1 EDO PD . -12.72 -45.11 -45.51
O1 EDO PD . -13.89 -44.76 -46.23
C2 EDO PD . -12.53 -46.60 -45.33
O2 EDO PD . -11.18 -46.92 -44.99
C1 EDO QD . -15.90 -22.70 -59.77
O1 EDO QD . -16.24 -23.39 -60.94
C2 EDO QD . -15.65 -23.62 -58.60
O2 EDO QD . -14.27 -23.59 -58.26
C1 EDO RD . -33.79 -24.65 -38.71
O1 EDO RD . -35.10 -24.12 -38.50
C2 EDO RD . -33.36 -24.40 -40.14
O2 EDO RD . -33.46 -23.00 -40.39
C1 EDO SD . -16.10 -8.27 -31.64
O1 EDO SD . -14.87 -8.23 -30.94
C2 EDO SD . -15.96 -7.64 -33.01
O2 EDO SD . -15.70 -6.23 -32.88
C1 EDO TD . -22.86 -15.67 -64.94
O1 EDO TD . -22.33 -16.89 -64.44
C2 EDO TD . -23.70 -15.86 -66.16
O2 EDO TD . -24.97 -15.32 -65.89
C1 EDO UD . -3.52 -4.83 -51.04
O1 EDO UD . -3.13 -3.63 -50.41
C2 EDO UD . -3.83 -4.68 -52.52
O2 EDO UD . -2.82 -5.29 -53.31
C1 EDO VD . -44.46 -35.88 -45.31
O1 EDO VD . -43.49 -36.90 -45.37
C2 EDO VD . -44.37 -35.28 -43.94
O2 EDO VD . -44.77 -33.91 -43.95
C1 EDO WD . -20.08 -18.99 -23.21
O1 EDO WD . -18.78 -19.44 -23.48
C2 EDO WD . -21.07 -19.45 -24.26
O2 EDO WD . -20.51 -19.50 -25.57
C1 EDO XD . -17.62 -19.40 -64.54
O1 EDO XD . -17.87 -19.77 -65.87
C2 EDO XD . -16.77 -18.16 -64.45
O2 EDO XD . -16.30 -18.04 -63.14
C1 EDO YD . -18.09 -2.36 -64.96
O1 EDO YD . -17.42 -1.97 -63.77
C2 EDO YD . -19.18 -1.37 -65.31
O2 EDO YD . -20.42 -1.76 -64.73
C1 GOL ZD . -13.42 -9.44 -42.82
O1 GOL ZD . -13.68 -10.00 -44.10
C2 GOL ZD . -12.00 -9.46 -42.27
O2 GOL ZD . -11.39 -8.17 -42.29
C3 GOL ZD . -12.15 -9.76 -40.81
O3 GOL ZD . -10.85 -9.99 -40.35
C1 EDO AE . -46.35 -45.04 -24.73
O1 EDO AE . -45.15 -44.46 -25.15
C2 EDO AE . -47.42 -44.14 -25.27
O2 EDO AE . -46.95 -43.55 -26.47
C1 EDO BE . -15.21 2.30 -47.81
O1 EDO BE . -14.55 2.53 -49.04
C2 EDO BE . -14.83 3.39 -46.82
O2 EDO BE . -16.00 4.08 -46.46
C1 EDO CE . -58.27 -18.53 -24.58
O1 EDO CE . -58.30 -17.16 -24.25
C2 EDO CE . -57.22 -19.24 -23.76
O2 EDO CE . -57.62 -19.35 -22.40
C1 EDO DE . -13.77 -3.98 -33.38
O1 EDO DE . -14.04 -2.63 -33.18
C2 EDO DE . -13.40 -4.39 -31.99
O2 EDO DE . -12.88 -5.69 -31.94
C1 EDO EE . -21.34 1.65 -50.28
O1 EDO EE . -21.87 1.35 -49.00
C2 EDO EE . -20.89 0.38 -50.96
O2 EDO EE . -21.97 -0.25 -51.61
C1 GOL FE . -9.69 -27.00 -51.45
O1 GOL FE . -9.83 -28.36 -51.13
C2 GOL FE . -11.01 -26.50 -51.94
O2 GOL FE . -11.16 -25.18 -51.42
C3 GOL FE . -10.97 -26.61 -53.46
O3 GOL FE . -9.74 -26.08 -53.93
C1 EDO GE . -43.93 -20.47 -31.80
O1 EDO GE . -44.24 -19.17 -31.36
C2 EDO GE . -44.90 -20.95 -32.88
O2 EDO GE . -46.10 -20.21 -32.87
ZN ZN HE . -22.40 -31.54 -35.04
C14 A1CDW IE . -23.43 -32.43 -31.20
C15 A1CDW IE . -23.62 -31.25 -31.92
C17 A1CDW IE . -25.55 -32.13 -31.72
C18 A1CDW IE . -22.61 -30.18 -32.23
C2 A1CDW IE . -26.68 -35.27 -29.01
C20 A1CDW IE . -21.59 -30.05 -31.11
C22 A1CDW IE . -21.20 -32.49 -30.59
C3 A1CDW IE . -25.93 -33.94 -29.13
C4 A1CDW IE . -25.06 -34.22 -30.36
C6 A1CDW IE . -26.95 -35.62 -30.48
C7 A1CDW IE . -28.26 -35.10 -31.03
N13 A1CDW IE . -24.69 -32.99 -31.09
N16 A1CDW IE . -24.96 -31.08 -32.23
N21 A1CDW IE . -20.77 -31.25 -30.94
N23 A1CDW IE . -22.34 -33.07 -30.64
O1 A1CDW IE . -25.81 -36.25 -28.45
O10 A1CDW IE . -31.54 -36.86 -30.70
O11 A1CDW IE . -29.58 -38.04 -29.65
O12 A1CDW IE . -29.51 -37.40 -32.08
O19 A1CDW IE . -21.82 -30.43 -33.44
O5 A1CDW IE . -25.87 -35.01 -31.23
O8 A1CDW IE . -29.39 -35.64 -30.30
P9 A1CDW IE . -30.04 -37.08 -30.70
#